data_2CPM
#
_entry.id   2CPM
#
_entity_poly.entity_id   1
_entity_poly.type   'polypeptide(L)'
_entity_poly.pdbx_seq_one_letter_code
;GSSGSSGQKVEFRKRMEKEVSDFIQDSGQIKKKFQPMNKIERSILHDVVEVAGLTSFSFGEDDDCRYVMIFKKEFAPSDE
ELDSYRRGSGPSSG
;
_entity_poly.pdbx_strand_id   A
#
# COMPACT_ATOMS: atom_id res chain seq x y z
N GLY A 1 0.71 0.77 -32.38
CA GLY A 1 -0.50 1.54 -32.17
C GLY A 1 -1.73 0.86 -32.74
N SER A 2 -2.38 0.03 -31.93
CA SER A 2 -3.57 -0.69 -32.35
C SER A 2 -4.73 -0.47 -31.38
N SER A 3 -5.92 -0.88 -31.80
CA SER A 3 -7.11 -0.72 -30.96
C SER A 3 -7.44 -2.01 -30.23
N GLY A 4 -7.28 -1.98 -28.90
CA GLY A 4 -7.56 -3.15 -28.10
C GLY A 4 -6.56 -3.35 -26.98
N SER A 5 -6.95 -2.98 -25.77
CA SER A 5 -6.07 -3.10 -24.61
C SER A 5 -6.87 -3.45 -23.36
N SER A 6 -6.36 -4.39 -22.57
CA SER A 6 -7.03 -4.81 -21.34
C SER A 6 -6.01 -5.24 -20.29
N GLY A 7 -6.49 -5.42 -19.06
CA GLY A 7 -5.60 -5.83 -17.99
C GLY A 7 -4.22 -5.23 -18.11
N GLN A 8 -4.14 -3.91 -17.95
CA GLN A 8 -2.87 -3.21 -18.05
C GLN A 8 -2.54 -2.50 -16.74
N LYS A 9 -1.37 -1.88 -16.68
CA LYS A 9 -0.93 -1.17 -15.49
C LYS A 9 -1.35 0.30 -15.55
N VAL A 10 -1.18 0.91 -16.72
CA VAL A 10 -1.55 2.30 -16.91
C VAL A 10 -2.85 2.64 -16.18
N GLU A 11 -3.94 2.04 -16.62
CA GLU A 11 -5.25 2.27 -16.01
C GLU A 11 -5.17 2.14 -14.49
N PHE A 12 -4.51 1.07 -14.04
CA PHE A 12 -4.37 0.82 -12.61
C PHE A 12 -3.73 2.02 -11.90
N ARG A 13 -2.62 2.48 -12.45
CA ARG A 13 -1.90 3.63 -11.88
C ARG A 13 -2.85 4.80 -11.66
N LYS A 14 -3.51 5.24 -12.72
CA LYS A 14 -4.45 6.35 -12.64
C LYS A 14 -5.39 6.18 -11.45
N ARG A 15 -6.02 5.01 -11.38
CA ARG A 15 -6.95 4.72 -10.29
C ARG A 15 -6.30 4.95 -8.94
N MET A 16 -5.04 4.50 -8.82
CA MET A 16 -4.30 4.65 -7.56
C MET A 16 -4.09 6.13 -7.22
N GLU A 17 -3.75 6.92 -8.24
CA GLU A 17 -3.50 8.34 -8.05
C GLU A 17 -4.72 9.02 -7.43
N LYS A 18 -5.90 8.70 -7.96
CA LYS A 18 -7.15 9.28 -7.45
C LYS A 18 -7.41 8.82 -6.01
N GLU A 19 -7.24 7.51 -5.78
CA GLU A 19 -7.47 6.94 -4.45
C GLU A 19 -6.53 7.57 -3.42
N VAL A 20 -5.22 7.44 -3.67
CA VAL A 20 -4.22 7.99 -2.77
C VAL A 20 -4.56 9.42 -2.39
N SER A 21 -4.60 10.30 -3.38
CA SER A 21 -4.91 11.71 -3.15
C SER A 21 -6.14 11.86 -2.24
N ASP A 22 -7.23 11.22 -2.64
CA ASP A 22 -8.47 11.28 -1.88
C ASP A 22 -8.21 10.98 -0.41
N PHE A 23 -7.38 9.97 -0.15
CA PHE A 23 -7.05 9.58 1.22
C PHE A 23 -6.25 10.68 1.91
N ILE A 24 -5.32 11.29 1.18
CA ILE A 24 -4.49 12.34 1.73
C ILE A 24 -5.34 13.49 2.27
N GLN A 25 -6.20 14.02 1.41
CA GLN A 25 -7.07 15.13 1.80
C GLN A 25 -7.94 14.74 3.00
N ASP A 26 -8.47 13.53 2.98
CA ASP A 26 -9.31 13.03 4.07
C ASP A 26 -8.53 12.98 5.37
N SER A 27 -8.95 13.81 6.33
CA SER A 27 -8.29 13.86 7.63
C SER A 27 -8.65 12.65 8.48
N GLY A 28 -9.94 12.36 8.56
CA GLY A 28 -10.40 11.21 9.34
C GLY A 28 -9.58 9.97 9.06
N GLN A 29 -9.26 9.73 7.79
CA GLN A 29 -8.49 8.57 7.41
C GLN A 29 -7.01 8.77 7.71
N ILE A 30 -6.47 7.92 8.60
CA ILE A 30 -5.06 8.01 8.97
C ILE A 30 -4.23 6.98 8.22
N LYS A 31 -4.89 5.94 7.72
CA LYS A 31 -4.22 4.88 6.97
C LYS A 31 -5.18 4.18 6.04
N LYS A 32 -4.63 3.36 5.14
CA LYS A 32 -5.45 2.61 4.19
C LYS A 32 -4.83 1.24 3.91
N LYS A 33 -5.67 0.21 3.93
CA LYS A 33 -5.21 -1.15 3.66
C LYS A 33 -5.65 -1.61 2.28
N PHE A 34 -4.71 -1.65 1.35
CA PHE A 34 -5.00 -2.09 -0.01
C PHE A 34 -4.96 -3.61 -0.13
N GLN A 35 -5.66 -4.14 -1.12
CA GLN A 35 -5.71 -5.58 -1.34
C GLN A 35 -4.83 -5.98 -2.51
N PRO A 36 -4.11 -7.10 -2.35
CA PRO A 36 -3.21 -7.62 -3.39
C PRO A 36 -3.97 -8.17 -4.59
N MET A 37 -4.25 -7.31 -5.55
CA MET A 37 -4.99 -7.71 -6.75
C MET A 37 -4.03 -8.31 -7.78
N ASN A 38 -2.87 -7.68 -7.94
CA ASN A 38 -1.88 -8.15 -8.90
C ASN A 38 -0.52 -8.32 -8.23
N LYS A 39 0.46 -8.80 -8.99
CA LYS A 39 1.81 -9.00 -8.48
C LYS A 39 2.66 -7.75 -8.64
N ILE A 40 2.47 -7.05 -9.76
CA ILE A 40 3.21 -5.83 -10.03
C ILE A 40 2.48 -4.61 -9.46
N GLU A 41 1.15 -4.64 -9.52
CA GLU A 41 0.36 -3.53 -9.01
C GLU A 41 0.91 -3.01 -7.69
N ARG A 42 1.55 -3.89 -6.94
CA ARG A 42 2.14 -3.52 -5.65
C ARG A 42 3.19 -2.43 -5.83
N SER A 43 4.21 -2.73 -6.64
CA SER A 43 5.29 -1.77 -6.89
C SER A 43 4.73 -0.48 -7.50
N ILE A 44 3.81 -0.62 -8.43
CA ILE A 44 3.19 0.54 -9.08
C ILE A 44 2.61 1.50 -8.05
N LEU A 45 1.72 0.98 -7.21
CA LEU A 45 1.09 1.80 -6.18
C LEU A 45 2.13 2.46 -5.28
N HIS A 46 3.10 1.67 -4.83
CA HIS A 46 4.16 2.18 -3.97
C HIS A 46 4.75 3.46 -4.54
N ASP A 47 5.05 3.45 -5.82
CA ASP A 47 5.62 4.61 -6.50
C ASP A 47 4.67 5.80 -6.42
N VAL A 48 3.42 5.58 -6.83
CA VAL A 48 2.42 6.63 -6.80
C VAL A 48 2.32 7.28 -5.43
N VAL A 49 2.50 6.47 -4.39
CA VAL A 49 2.44 6.96 -3.01
C VAL A 49 3.64 7.86 -2.69
N GLU A 50 4.82 7.27 -2.67
CA GLU A 50 6.05 8.01 -2.37
C GLU A 50 6.03 9.36 -3.07
N VAL A 51 5.41 9.42 -4.24
CA VAL A 51 5.33 10.67 -5.01
C VAL A 51 4.26 11.59 -4.44
N ALA A 52 3.15 11.01 -4.01
CA ALA A 52 2.06 11.78 -3.42
C ALA A 52 2.49 12.47 -2.13
N GLY A 53 3.37 11.80 -1.39
CA GLY A 53 3.85 12.36 -0.14
C GLY A 53 3.37 11.57 1.07
N LEU A 54 3.21 10.26 0.89
CA LEU A 54 2.75 9.40 1.97
C LEU A 54 3.70 8.22 2.17
N THR A 55 3.51 7.48 3.27
CA THR A 55 4.36 6.33 3.57
C THR A 55 3.75 5.05 3.02
N SER A 56 4.52 4.32 2.23
CA SER A 56 4.06 3.07 1.65
C SER A 56 4.83 1.88 2.21
N PHE A 57 4.19 0.72 2.23
CA PHE A 57 4.81 -0.49 2.76
C PHE A 57 4.01 -1.73 2.36
N SER A 58 4.64 -2.90 2.47
CA SER A 58 3.98 -4.15 2.12
C SER A 58 4.02 -5.13 3.30
N PHE A 59 2.86 -5.70 3.62
CA PHE A 59 2.76 -6.65 4.72
C PHE A 59 1.85 -7.82 4.35
N GLY A 60 2.35 -9.04 4.50
CA GLY A 60 1.56 -10.21 4.18
C GLY A 60 1.72 -11.31 5.21
N GLU A 61 0.67 -12.10 5.39
CA GLU A 61 0.70 -13.19 6.36
C GLU A 61 1.52 -14.36 5.83
N ASP A 62 1.27 -14.74 4.58
CA ASP A 62 1.99 -15.84 3.96
C ASP A 62 2.84 -15.35 2.79
N ASP A 63 4.00 -15.97 2.61
CA ASP A 63 4.91 -15.59 1.54
C ASP A 63 4.15 -15.40 0.23
N ASP A 64 3.20 -16.28 -0.03
CA ASP A 64 2.39 -16.21 -1.25
C ASP A 64 1.47 -15.00 -1.22
N CYS A 65 0.85 -14.76 -0.06
CA CYS A 65 -0.06 -13.63 0.09
C CYS A 65 0.68 -12.41 0.64
N ARG A 66 0.73 -11.36 -0.17
CA ARG A 66 1.40 -10.12 0.22
C ARG A 66 0.60 -8.90 -0.20
N TYR A 67 0.05 -8.19 0.78
CA TYR A 67 -0.74 -7.00 0.52
C TYR A 67 0.07 -5.73 0.74
N VAL A 68 -0.44 -4.61 0.24
CA VAL A 68 0.24 -3.33 0.40
C VAL A 68 -0.57 -2.38 1.26
N MET A 69 0.13 -1.70 2.18
CA MET A 69 -0.52 -0.75 3.08
C MET A 69 0.11 0.63 2.97
N ILE A 70 -0.60 1.64 3.44
CA ILE A 70 -0.11 3.02 3.40
C ILE A 70 -0.49 3.78 4.66
N PHE A 71 0.40 4.67 5.09
CA PHE A 71 0.15 5.47 6.29
C PHE A 71 0.42 6.94 6.02
N LYS A 72 -0.04 7.80 6.94
CA LYS A 72 0.15 9.24 6.80
C LYS A 72 1.49 9.67 7.37
N LYS A 73 1.83 10.94 7.18
CA LYS A 73 3.09 11.48 7.69
C LYS A 73 3.13 11.44 9.21
N GLU A 74 2.10 12.00 9.84
CA GLU A 74 2.02 12.02 11.30
C GLU A 74 1.64 10.64 11.85
N PHE A 75 0.76 9.95 11.14
CA PHE A 75 0.31 8.63 11.56
C PHE A 75 1.21 7.54 10.96
N ALA A 76 2.39 7.94 10.50
CA ALA A 76 3.34 7.01 9.92
C ALA A 76 3.92 6.08 10.98
N PRO A 77 4.18 4.82 10.58
CA PRO A 77 4.74 3.81 11.48
C PRO A 77 6.20 4.10 11.83
N SER A 78 6.67 3.52 12.92
CA SER A 78 8.04 3.71 13.37
C SER A 78 8.95 2.58 12.87
N ASP A 79 10.25 2.80 12.93
CA ASP A 79 11.22 1.80 12.49
C ASP A 79 11.00 0.48 13.21
N GLU A 80 11.25 0.47 14.52
CA GLU A 80 11.09 -0.73 15.32
C GLU A 80 9.69 -1.33 15.14
N GLU A 81 8.68 -0.47 15.17
CA GLU A 81 7.30 -0.91 15.00
C GLU A 81 7.10 -1.58 13.64
N LEU A 82 7.75 -1.03 12.61
CA LEU A 82 7.64 -1.58 11.26
C LEU A 82 8.12 -3.02 11.23
N ASP A 83 9.29 -3.27 11.81
CA ASP A 83 9.85 -4.60 11.85
C ASP A 83 8.91 -5.59 12.52
N SER A 84 8.37 -5.19 13.67
CA SER A 84 7.44 -6.03 14.43
C SER A 84 6.14 -6.22 13.66
N TYR A 85 5.66 -5.15 13.02
CA TYR A 85 4.42 -5.20 12.27
C TYR A 85 4.46 -6.33 11.25
N ARG A 86 5.54 -6.41 10.48
CA ARG A 86 5.70 -7.45 9.47
C ARG A 86 5.77 -8.83 10.12
N ARG A 87 6.63 -8.95 11.13
CA ARG A 87 6.80 -10.22 11.83
C ARG A 87 5.48 -10.69 12.44
N GLY A 88 4.61 -9.73 12.77
CA GLY A 88 3.33 -10.07 13.36
C GLY A 88 2.93 -9.12 14.46
N SER A 89 1.96 -9.53 15.27
CA SER A 89 1.48 -8.70 16.38
C SER A 89 2.39 -8.85 17.59
N GLY A 90 2.62 -10.10 18.02
CA GLY A 90 3.46 -10.34 19.16
C GLY A 90 3.93 -11.79 19.23
N PRO A 91 5.04 -12.08 18.53
CA PRO A 91 5.61 -13.43 18.50
C PRO A 91 6.23 -13.83 19.83
N SER A 92 6.21 -12.90 20.79
CA SER A 92 6.77 -13.16 22.11
C SER A 92 6.57 -14.62 22.52
N SER A 93 5.34 -15.10 22.34
CA SER A 93 5.01 -16.48 22.70
C SER A 93 5.92 -17.46 21.99
N GLY A 94 6.08 -17.27 20.68
CA GLY A 94 6.93 -18.15 19.90
C GLY A 94 6.41 -18.39 18.51
N GLY A 1 4.31 -16.59 -15.55
CA GLY A 1 3.68 -17.26 -16.67
C GLY A 1 2.47 -16.52 -17.18
N SER A 2 1.30 -16.87 -16.64
CA SER A 2 0.05 -16.23 -17.05
C SER A 2 0.12 -14.72 -16.83
N SER A 3 -0.37 -13.96 -17.81
CA SER A 3 -0.37 -12.51 -17.71
C SER A 3 -1.35 -12.03 -16.64
N GLY A 4 -1.04 -10.89 -16.04
CA GLY A 4 -1.90 -10.35 -15.00
C GLY A 4 -3.31 -10.07 -15.50
N SER A 5 -3.55 -8.83 -15.93
CA SER A 5 -4.87 -8.44 -16.43
C SER A 5 -4.76 -7.84 -17.83
N SER A 6 -5.52 -8.38 -18.76
CA SER A 6 -5.52 -7.89 -20.14
C SER A 6 -5.33 -6.38 -20.17
N GLY A 7 -6.03 -5.68 -19.28
CA GLY A 7 -5.93 -4.24 -19.24
C GLY A 7 -4.50 -3.75 -19.12
N GLN A 8 -4.28 -2.47 -19.40
CA GLN A 8 -2.94 -1.90 -19.32
C GLN A 8 -2.71 -1.22 -17.97
N LYS A 9 -1.46 -1.26 -17.50
CA LYS A 9 -1.12 -0.65 -16.23
C LYS A 9 -1.59 0.80 -16.17
N VAL A 10 -1.37 1.54 -17.25
CA VAL A 10 -1.77 2.93 -17.33
C VAL A 10 -3.08 3.17 -16.56
N GLU A 11 -4.12 2.45 -16.95
CA GLU A 11 -5.43 2.58 -16.30
C GLU A 11 -5.29 2.43 -14.79
N PHE A 12 -4.75 1.29 -14.36
CA PHE A 12 -4.57 1.03 -12.94
C PHE A 12 -3.88 2.20 -12.25
N ARG A 13 -2.72 2.60 -12.78
CA ARG A 13 -1.96 3.70 -12.21
C ARG A 13 -2.88 4.89 -11.91
N LYS A 14 -3.61 5.34 -12.92
CA LYS A 14 -4.53 6.46 -12.76
C LYS A 14 -5.41 6.28 -11.53
N ARG A 15 -6.07 5.12 -11.45
CA ARG A 15 -6.95 4.82 -10.33
C ARG A 15 -6.26 5.10 -9.00
N MET A 16 -5.11 4.45 -8.79
CA MET A 16 -4.35 4.63 -7.57
C MET A 16 -4.15 6.11 -7.25
N GLU A 17 -3.78 6.88 -8.28
CA GLU A 17 -3.56 8.31 -8.11
C GLU A 17 -4.77 8.97 -7.47
N LYS A 18 -5.96 8.62 -7.95
CA LYS A 18 -7.20 9.18 -7.42
C LYS A 18 -7.44 8.74 -5.99
N GLU A 19 -7.28 7.43 -5.75
CA GLU A 19 -7.48 6.89 -4.41
C GLU A 19 -6.50 7.50 -3.42
N VAL A 20 -5.21 7.29 -3.66
CA VAL A 20 -4.17 7.82 -2.78
C VAL A 20 -4.46 9.27 -2.42
N SER A 21 -4.58 10.12 -3.44
CA SER A 21 -4.85 11.54 -3.22
C SER A 21 -6.06 11.73 -2.31
N ASP A 22 -7.19 11.15 -2.70
CA ASP A 22 -8.41 11.27 -1.92
C ASP A 22 -8.15 10.97 -0.45
N PHE A 23 -7.34 9.95 -0.19
CA PHE A 23 -7.01 9.57 1.17
C PHE A 23 -6.17 10.65 1.85
N ILE A 24 -5.29 11.28 1.10
CA ILE A 24 -4.44 12.33 1.63
C ILE A 24 -5.27 13.47 2.22
N GLN A 25 -6.21 13.98 1.41
CA GLN A 25 -7.08 15.06 1.86
C GLN A 25 -7.92 14.63 3.05
N ASP A 26 -8.44 13.42 3.01
CA ASP A 26 -9.27 12.90 4.08
C ASP A 26 -8.47 12.83 5.38
N SER A 27 -8.81 13.72 6.32
CA SER A 27 -8.13 13.76 7.61
C SER A 27 -8.53 12.56 8.48
N GLY A 28 -9.83 12.30 8.53
CA GLY A 28 -10.33 11.18 9.33
C GLY A 28 -9.51 9.92 9.13
N GLN A 29 -9.18 9.62 7.88
CA GLN A 29 -8.41 8.44 7.55
C GLN A 29 -6.93 8.65 7.83
N ILE A 30 -6.36 7.81 8.68
CA ILE A 30 -4.94 7.91 9.03
C ILE A 30 -4.10 6.91 8.24
N LYS A 31 -4.71 5.78 7.90
CA LYS A 31 -4.02 4.75 7.13
C LYS A 31 -4.96 4.10 6.13
N LYS A 32 -4.40 3.36 5.18
CA LYS A 32 -5.18 2.68 4.16
C LYS A 32 -4.48 1.41 3.69
N LYS A 33 -5.26 0.34 3.52
CA LYS A 33 -4.70 -0.94 3.06
C LYS A 33 -5.38 -1.39 1.77
N PHE A 34 -4.58 -1.63 0.74
CA PHE A 34 -5.09 -2.07 -0.54
C PHE A 34 -5.04 -3.59 -0.66
N GLN A 35 -5.90 -4.15 -1.50
CA GLN A 35 -5.95 -5.59 -1.70
C GLN A 35 -5.08 -6.01 -2.89
N PRO A 36 -4.35 -7.11 -2.71
CA PRO A 36 -3.46 -7.64 -3.75
C PRO A 36 -4.23 -8.22 -4.94
N MET A 37 -4.54 -7.37 -5.92
CA MET A 37 -5.27 -7.79 -7.10
C MET A 37 -4.33 -8.42 -8.12
N ASN A 38 -3.16 -7.80 -8.30
CA ASN A 38 -2.17 -8.30 -9.25
C ASN A 38 -0.82 -8.46 -8.59
N LYS A 39 0.15 -8.96 -9.35
CA LYS A 39 1.50 -9.17 -8.84
C LYS A 39 2.36 -7.92 -9.03
N ILE A 40 2.06 -7.16 -10.08
CA ILE A 40 2.80 -5.94 -10.38
C ILE A 40 2.10 -4.72 -9.78
N GLU A 41 0.78 -4.76 -9.72
CA GLU A 41 0.00 -3.67 -9.16
C GLU A 41 0.62 -3.17 -7.86
N ARG A 42 1.26 -4.07 -7.13
CA ARG A 42 1.89 -3.73 -5.87
C ARG A 42 3.00 -2.68 -6.07
N SER A 43 3.86 -2.93 -7.05
CA SER A 43 4.95 -2.02 -7.35
C SER A 43 4.42 -0.69 -7.87
N ILE A 44 3.53 -0.74 -8.85
CA ILE A 44 2.95 0.45 -9.43
C ILE A 44 2.40 1.38 -8.34
N LEU A 45 1.58 0.81 -7.46
CA LEU A 45 0.99 1.57 -6.37
C LEU A 45 2.06 2.22 -5.49
N HIS A 46 3.11 1.45 -5.20
CA HIS A 46 4.20 1.94 -4.38
C HIS A 46 4.74 3.25 -4.92
N ASP A 47 5.05 3.28 -6.21
CA ASP A 47 5.58 4.48 -6.85
C ASP A 47 4.58 5.64 -6.73
N VAL A 48 3.31 5.34 -6.95
CA VAL A 48 2.27 6.36 -6.87
C VAL A 48 2.19 6.96 -5.47
N VAL A 49 2.44 6.12 -4.46
CA VAL A 49 2.40 6.57 -3.08
C VAL A 49 3.61 7.44 -2.75
N GLU A 50 4.80 6.88 -2.91
CA GLU A 50 6.03 7.60 -2.64
C GLU A 50 6.02 8.98 -3.30
N VAL A 51 5.39 9.06 -4.47
CA VAL A 51 5.30 10.32 -5.19
C VAL A 51 4.26 11.24 -4.58
N ALA A 52 3.12 10.68 -4.20
CA ALA A 52 2.05 11.45 -3.59
C ALA A 52 2.52 12.14 -2.32
N GLY A 53 3.44 11.49 -1.61
CA GLY A 53 3.96 12.06 -0.37
C GLY A 53 3.44 11.35 0.86
N LEU A 54 3.23 10.04 0.74
CA LEU A 54 2.73 9.24 1.86
C LEU A 54 3.66 8.06 2.14
N THR A 55 3.45 7.40 3.27
CA THR A 55 4.26 6.26 3.67
C THR A 55 3.71 4.97 3.07
N SER A 56 4.60 4.14 2.54
CA SER A 56 4.21 2.87 1.94
C SER A 56 5.01 1.72 2.54
N PHE A 57 4.33 0.60 2.77
CA PHE A 57 4.98 -0.59 3.33
C PHE A 57 4.28 -1.86 2.89
N SER A 58 5.03 -2.78 2.30
CA SER A 58 4.48 -4.05 1.84
C SER A 58 4.35 -5.04 2.98
N PHE A 59 3.12 -5.49 3.23
CA PHE A 59 2.86 -6.45 4.30
C PHE A 59 2.01 -7.62 3.79
N GLY A 60 2.53 -8.83 3.99
CA GLY A 60 1.82 -10.02 3.54
C GLY A 60 1.86 -11.14 4.56
N GLU A 61 0.75 -11.84 4.70
CA GLU A 61 0.66 -12.94 5.66
C GLU A 61 1.31 -14.21 5.09
N ASP A 62 1.20 -14.38 3.77
CA ASP A 62 1.77 -15.55 3.11
C ASP A 62 2.51 -15.13 1.85
N ASP A 63 3.64 -15.80 1.59
CA ASP A 63 4.45 -15.50 0.42
C ASP A 63 3.59 -15.40 -0.84
N ASP A 64 2.59 -16.27 -0.93
CA ASP A 64 1.69 -16.28 -2.08
C ASP A 64 0.84 -15.01 -2.10
N CYS A 65 0.34 -14.61 -0.94
CA CYS A 65 -0.48 -13.41 -0.83
C CYS A 65 0.32 -12.25 -0.26
N ARG A 66 0.54 -11.23 -1.08
CA ARG A 66 1.29 -10.06 -0.66
C ARG A 66 0.49 -8.77 -0.91
N TYR A 67 -0.06 -8.21 0.15
CA TYR A 67 -0.84 -6.98 0.05
C TYR A 67 0.02 -5.75 0.33
N VAL A 68 -0.51 -4.58 -0.01
CA VAL A 68 0.21 -3.33 0.21
C VAL A 68 -0.55 -2.42 1.17
N MET A 69 0.19 -1.69 2.01
CA MET A 69 -0.41 -0.80 2.98
C MET A 69 0.22 0.60 2.89
N ILE A 70 -0.47 1.59 3.45
CA ILE A 70 0.02 2.96 3.43
C ILE A 70 -0.36 3.69 4.72
N PHE A 71 0.55 4.55 5.18
CA PHE A 71 0.30 5.32 6.40
C PHE A 71 0.53 6.81 6.17
N LYS A 72 0.06 7.63 7.10
CA LYS A 72 0.21 9.08 6.99
C LYS A 72 1.51 9.55 7.63
N LYS A 73 1.86 10.80 7.38
CA LYS A 73 3.08 11.37 7.94
C LYS A 73 3.04 11.38 9.47
N GLU A 74 1.98 11.92 10.02
CA GLU A 74 1.81 11.98 11.47
C GLU A 74 1.47 10.61 12.04
N PHE A 75 0.62 9.88 11.32
CA PHE A 75 0.21 8.55 11.76
C PHE A 75 1.13 7.47 11.18
N ALA A 76 2.30 7.89 10.74
CA ALA A 76 3.28 6.97 10.17
C ALA A 76 3.88 6.08 11.25
N PRO A 77 4.17 4.81 10.88
CA PRO A 77 4.75 3.84 11.81
C PRO A 77 6.20 4.17 12.16
N SER A 78 6.63 3.73 13.34
CA SER A 78 7.99 3.98 13.80
C SER A 78 8.93 2.84 13.36
N ASP A 79 10.22 3.09 13.46
CA ASP A 79 11.22 2.10 13.08
C ASP A 79 11.02 0.80 13.85
N GLU A 80 11.25 0.86 15.16
CA GLU A 80 11.10 -0.32 16.01
C GLU A 80 9.73 -0.96 15.80
N GLU A 81 8.69 -0.14 15.77
CA GLU A 81 7.33 -0.63 15.57
C GLU A 81 7.20 -1.37 14.25
N LEU A 82 7.81 -0.82 13.20
CA LEU A 82 7.76 -1.44 11.88
C LEU A 82 8.28 -2.87 11.92
N ASP A 83 9.47 -3.04 12.49
CA ASP A 83 10.07 -4.37 12.60
C ASP A 83 9.13 -5.35 13.30
N SER A 84 8.60 -4.93 14.44
CA SER A 84 7.68 -5.76 15.21
C SER A 84 6.38 -5.97 14.45
N TYR A 85 5.98 -4.96 13.69
CA TYR A 85 4.75 -5.03 12.91
C TYR A 85 4.78 -6.21 11.94
N ARG A 86 5.90 -6.37 11.26
CA ARG A 86 6.06 -7.46 10.30
C ARG A 86 6.16 -8.80 11.01
N ARG A 87 6.95 -8.86 12.08
CA ARG A 87 7.13 -10.08 12.85
C ARG A 87 5.79 -10.58 13.39
N GLY A 88 4.88 -9.64 13.64
CA GLY A 88 3.57 -10.01 14.16
C GLY A 88 2.65 -10.54 13.08
N SER A 89 3.08 -11.58 12.38
CA SER A 89 2.28 -12.18 11.32
C SER A 89 2.51 -13.68 11.25
N GLY A 90 1.44 -14.42 10.92
CA GLY A 90 1.54 -15.86 10.82
C GLY A 90 2.51 -16.45 11.84
N PRO A 91 3.63 -16.98 11.35
CA PRO A 91 4.67 -17.58 12.20
C PRO A 91 5.40 -16.55 13.04
N SER A 92 5.75 -16.92 14.27
CA SER A 92 6.46 -16.02 15.17
C SER A 92 7.92 -16.43 15.32
N SER A 93 8.70 -15.59 15.98
CA SER A 93 10.12 -15.86 16.18
C SER A 93 10.57 -15.38 17.55
N GLY A 94 11.59 -16.05 18.10
CA GLY A 94 12.11 -15.67 19.41
C GLY A 94 13.51 -16.19 19.65
N GLY A 1 -8.91 -11.60 -18.04
CA GLY A 1 -7.84 -11.84 -17.10
C GLY A 1 -6.70 -10.84 -17.27
N SER A 2 -5.51 -11.23 -16.85
CA SER A 2 -4.34 -10.37 -16.94
C SER A 2 -3.16 -11.12 -17.55
N SER A 3 -2.15 -10.37 -17.98
CA SER A 3 -0.96 -10.96 -18.59
C SER A 3 0.29 -10.54 -17.83
N GLY A 4 1.35 -11.35 -17.96
CA GLY A 4 2.60 -11.06 -17.28
C GLY A 4 3.45 -10.07 -18.05
N SER A 5 2.83 -9.00 -18.54
CA SER A 5 3.55 -7.98 -19.30
C SER A 5 2.88 -6.62 -19.14
N SER A 6 3.68 -5.56 -19.19
CA SER A 6 3.17 -4.20 -19.05
C SER A 6 2.31 -3.83 -20.24
N GLY A 7 1.05 -3.47 -19.97
CA GLY A 7 0.14 -3.09 -21.03
C GLY A 7 -1.10 -2.39 -20.51
N GLN A 8 -1.72 -2.97 -19.49
CA GLN A 8 -2.92 -2.40 -18.90
C GLN A 8 -2.63 -1.81 -17.52
N LYS A 9 -1.34 -1.68 -17.21
CA LYS A 9 -0.92 -1.12 -15.92
C LYS A 9 -1.31 0.35 -15.81
N VAL A 10 -1.05 1.11 -16.87
CA VAL A 10 -1.38 2.53 -16.88
C VAL A 10 -2.67 2.81 -16.13
N GLU A 11 -3.78 2.33 -16.66
CA GLU A 11 -5.08 2.53 -16.03
C GLU A 11 -4.99 2.33 -14.52
N PHE A 12 -4.57 1.15 -14.10
CA PHE A 12 -4.44 0.84 -12.68
C PHE A 12 -3.76 1.99 -11.94
N ARG A 13 -2.63 2.45 -12.47
CA ARG A 13 -1.89 3.54 -11.86
C ARG A 13 -2.78 4.76 -11.66
N LYS A 14 -3.53 5.12 -12.70
CA LYS A 14 -4.43 6.27 -12.64
C LYS A 14 -5.35 6.19 -11.42
N ARG A 15 -6.07 5.07 -11.32
CA ARG A 15 -6.99 4.87 -10.20
C ARG A 15 -6.27 5.11 -8.86
N MET A 16 -5.08 4.56 -8.73
CA MET A 16 -4.30 4.70 -7.51
C MET A 16 -4.06 6.18 -7.20
N GLU A 17 -3.75 6.95 -8.23
CA GLU A 17 -3.49 8.38 -8.06
C GLU A 17 -4.70 9.08 -7.45
N LYS A 18 -5.88 8.82 -8.01
CA LYS A 18 -7.11 9.43 -7.53
C LYS A 18 -7.42 8.95 -6.11
N GLU A 19 -7.32 7.65 -5.89
CA GLU A 19 -7.59 7.06 -4.58
C GLU A 19 -6.65 7.64 -3.52
N VAL A 20 -5.35 7.48 -3.74
CA VAL A 20 -4.35 7.98 -2.81
C VAL A 20 -4.64 9.44 -2.43
N SER A 21 -4.60 10.31 -3.42
CA SER A 21 -4.85 11.73 -3.20
C SER A 21 -6.07 11.93 -2.29
N ASP A 22 -7.19 11.37 -2.69
CA ASP A 22 -8.42 11.48 -1.92
C ASP A 22 -8.17 11.17 -0.44
N PHE A 23 -7.39 10.13 -0.19
CA PHE A 23 -7.07 9.72 1.17
C PHE A 23 -6.25 10.80 1.88
N ILE A 24 -5.29 11.38 1.16
CA ILE A 24 -4.44 12.43 1.71
C ILE A 24 -5.28 13.56 2.30
N GLN A 25 -6.16 14.12 1.49
CA GLN A 25 -7.03 15.21 1.93
C GLN A 25 -7.88 14.78 3.12
N ASP A 26 -8.42 13.56 3.04
CA ASP A 26 -9.26 13.04 4.12
C ASP A 26 -8.54 13.10 5.46
N SER A 27 -9.05 13.94 6.35
CA SER A 27 -8.45 14.10 7.67
C SER A 27 -8.73 12.89 8.55
N GLY A 28 -10.01 12.59 8.76
CA GLY A 28 -10.39 11.45 9.57
C GLY A 28 -9.57 10.21 9.24
N GLN A 29 -9.26 10.02 7.97
CA GLN A 29 -8.49 8.87 7.53
C GLN A 29 -7.02 9.03 7.89
N ILE A 30 -6.46 8.03 8.56
CA ILE A 30 -5.06 8.06 8.95
C ILE A 30 -4.25 7.00 8.22
N LYS A 31 -4.91 5.90 7.86
CA LYS A 31 -4.25 4.82 7.14
C LYS A 31 -5.23 4.12 6.20
N LYS A 32 -4.69 3.40 5.23
CA LYS A 32 -5.51 2.68 4.26
C LYS A 32 -4.84 1.37 3.84
N LYS A 33 -5.59 0.27 3.93
CA LYS A 33 -5.08 -1.04 3.55
C LYS A 33 -5.65 -1.49 2.22
N PHE A 34 -4.77 -1.73 1.25
CA PHE A 34 -5.18 -2.18 -0.07
C PHE A 34 -5.14 -3.69 -0.17
N GLN A 35 -5.72 -4.22 -1.26
CA GLN A 35 -5.75 -5.66 -1.47
C GLN A 35 -4.87 -6.05 -2.66
N PRO A 36 -4.14 -7.16 -2.50
CA PRO A 36 -3.23 -7.66 -3.55
C PRO A 36 -4.00 -8.22 -4.75
N MET A 37 -4.40 -7.34 -5.65
CA MET A 37 -5.13 -7.74 -6.85
C MET A 37 -4.19 -8.37 -7.87
N ASN A 38 -3.02 -7.77 -8.05
CA ASN A 38 -2.04 -8.26 -9.00
C ASN A 38 -0.68 -8.46 -8.33
N LYS A 39 0.27 -8.98 -9.09
CA LYS A 39 1.61 -9.23 -8.57
C LYS A 39 2.49 -7.98 -8.74
N ILE A 40 2.27 -7.24 -9.82
CA ILE A 40 3.03 -6.03 -10.10
C ILE A 40 2.34 -4.80 -9.52
N GLU A 41 1.01 -4.81 -9.56
CA GLU A 41 0.22 -3.69 -9.04
C GLU A 41 0.82 -3.17 -7.74
N ARG A 42 1.33 -4.08 -6.92
CA ARG A 42 1.93 -3.71 -5.65
C ARG A 42 3.00 -2.63 -5.83
N SER A 43 3.98 -2.93 -6.69
CA SER A 43 5.07 -2.00 -6.96
C SER A 43 4.52 -0.69 -7.54
N ILE A 44 3.64 -0.81 -8.53
CA ILE A 44 3.05 0.35 -9.18
C ILE A 44 2.45 1.30 -8.14
N LEU A 45 1.59 0.78 -7.28
CA LEU A 45 0.95 1.58 -6.25
C LEU A 45 1.99 2.26 -5.37
N HIS A 46 2.97 1.49 -4.91
CA HIS A 46 4.03 2.03 -4.07
C HIS A 46 4.63 3.29 -4.68
N ASP A 47 4.88 3.25 -5.99
CA ASP A 47 5.45 4.40 -6.68
C ASP A 47 4.53 5.61 -6.59
N VAL A 48 3.27 5.42 -6.96
CA VAL A 48 2.28 6.49 -6.92
C VAL A 48 2.21 7.11 -5.54
N VAL A 49 2.36 6.29 -4.50
CA VAL A 49 2.31 6.77 -3.13
C VAL A 49 3.50 7.67 -2.83
N GLU A 50 4.70 7.10 -2.90
CA GLU A 50 5.92 7.85 -2.63
C GLU A 50 5.88 9.22 -3.31
N VAL A 51 5.27 9.26 -4.49
CA VAL A 51 5.18 10.51 -5.24
C VAL A 51 4.17 11.46 -4.59
N ALA A 52 3.06 10.90 -4.11
CA ALA A 52 2.03 11.71 -3.46
C ALA A 52 2.53 12.33 -2.17
N GLY A 53 3.41 11.61 -1.48
CA GLY A 53 3.97 12.11 -0.23
C GLY A 53 3.45 11.37 0.97
N LEU A 54 3.22 10.06 0.81
CA LEU A 54 2.72 9.23 1.89
C LEU A 54 3.62 8.02 2.12
N THR A 55 3.44 7.36 3.26
CA THR A 55 4.23 6.18 3.59
C THR A 55 3.61 4.92 2.99
N SER A 56 4.47 4.03 2.48
CA SER A 56 4.02 2.79 1.88
C SER A 56 4.84 1.61 2.39
N PHE A 57 4.17 0.49 2.65
CA PHE A 57 4.84 -0.71 3.14
C PHE A 57 4.02 -1.95 2.82
N SER A 58 4.67 -2.93 2.18
CA SER A 58 4.00 -4.17 1.82
C SER A 58 4.03 -5.17 2.98
N PHE A 59 2.86 -5.39 3.57
CA PHE A 59 2.75 -6.33 4.70
C PHE A 59 1.86 -7.50 4.34
N GLY A 60 2.40 -8.72 4.51
CA GLY A 60 1.64 -9.91 4.19
C GLY A 60 1.82 -11.00 5.23
N GLU A 61 0.75 -11.75 5.49
CA GLU A 61 0.80 -12.83 6.46
C GLU A 61 1.65 -14.00 5.96
N ASP A 62 1.46 -14.34 4.69
CA ASP A 62 2.22 -15.43 4.08
C ASP A 62 3.08 -14.93 2.94
N ASP A 63 4.01 -15.76 2.49
CA ASP A 63 4.90 -15.40 1.39
C ASP A 63 4.12 -15.16 0.11
N ASP A 64 3.15 -16.04 -0.16
CA ASP A 64 2.32 -15.93 -1.36
C ASP A 64 1.40 -14.72 -1.27
N CYS A 65 0.81 -14.51 -0.09
CA CYS A 65 -0.09 -13.38 0.12
C CYS A 65 0.67 -12.15 0.58
N ARG A 66 0.68 -11.12 -0.26
CA ARG A 66 1.38 -9.88 0.07
C ARG A 66 0.55 -8.66 -0.34
N TYR A 67 -0.05 -8.00 0.65
CA TYR A 67 -0.87 -6.83 0.40
C TYR A 67 -0.07 -5.55 0.58
N VAL A 68 -0.61 -4.44 0.10
CA VAL A 68 0.05 -3.14 0.21
C VAL A 68 -0.72 -2.21 1.13
N MET A 69 0.00 -1.59 2.06
CA MET A 69 -0.63 -0.66 3.00
C MET A 69 0.01 0.72 2.91
N ILE A 70 -0.67 1.72 3.45
CA ILE A 70 -0.18 3.09 3.43
C ILE A 70 -0.53 3.83 4.72
N PHE A 71 0.38 4.70 5.16
CA PHE A 71 0.16 5.47 6.38
C PHE A 71 0.36 6.96 6.12
N LYS A 72 -0.02 7.77 7.10
CA LYS A 72 0.12 9.22 6.98
C LYS A 72 1.44 9.70 7.59
N LYS A 73 1.73 10.98 7.42
CA LYS A 73 2.96 11.55 7.94
C LYS A 73 2.97 11.52 9.47
N GLU A 74 1.87 11.96 10.07
CA GLU A 74 1.75 11.96 11.53
C GLU A 74 1.41 10.58 12.05
N PHE A 75 0.60 9.85 11.30
CA PHE A 75 0.20 8.50 11.70
C PHE A 75 1.12 7.45 11.07
N ALA A 76 2.29 7.89 10.62
CA ALA A 76 3.26 7.00 10.01
C ALA A 76 3.89 6.06 11.05
N PRO A 77 4.17 4.82 10.63
CA PRO A 77 4.76 3.81 11.50
C PRO A 77 6.22 4.13 11.85
N SER A 78 6.69 3.58 12.97
CA SER A 78 8.06 3.82 13.41
C SER A 78 8.97 2.68 12.95
N ASP A 79 10.28 2.93 12.99
CA ASP A 79 11.26 1.93 12.58
C ASP A 79 11.06 0.63 13.34
N GLU A 80 11.33 0.68 14.64
CA GLU A 80 11.18 -0.49 15.50
C GLU A 80 9.81 -1.15 15.30
N GLU A 81 8.77 -0.32 15.30
CA GLU A 81 7.41 -0.81 15.13
C GLU A 81 7.26 -1.56 13.81
N LEU A 82 7.85 -1.01 12.76
CA LEU A 82 7.78 -1.63 11.43
C LEU A 82 8.30 -3.06 11.48
N ASP A 83 9.52 -3.22 11.99
CA ASP A 83 10.13 -4.54 12.09
C ASP A 83 9.19 -5.53 12.80
N SER A 84 8.65 -5.10 13.95
CA SER A 84 7.75 -5.94 14.72
C SER A 84 6.41 -6.09 14.02
N TYR A 85 6.08 -5.11 13.17
CA TYR A 85 4.82 -5.13 12.43
C TYR A 85 4.81 -6.26 11.40
N ARG A 86 5.98 -6.54 10.83
CA ARG A 86 6.11 -7.59 9.83
C ARG A 86 6.27 -8.96 10.49
N ARG A 87 7.04 -9.00 11.58
CA ARG A 87 7.28 -10.24 12.30
C ARG A 87 5.98 -10.77 12.91
N GLY A 88 5.05 -9.87 13.18
CA GLY A 88 3.77 -10.26 13.76
C GLY A 88 3.93 -10.87 15.14
N SER A 89 2.95 -11.67 15.55
CA SER A 89 2.98 -12.32 16.85
C SER A 89 4.41 -12.71 17.23
N GLY A 90 5.10 -13.38 16.31
CA GLY A 90 6.47 -13.80 16.57
C GLY A 90 7.03 -14.64 15.44
N PRO A 91 7.38 -15.91 15.75
CA PRO A 91 7.94 -16.83 14.77
C PRO A 91 6.91 -17.26 13.73
N SER A 92 7.39 -17.90 12.66
CA SER A 92 6.51 -18.37 11.59
C SER A 92 5.42 -19.28 12.14
N SER A 93 4.28 -19.29 11.46
CA SER A 93 3.15 -20.11 11.89
C SER A 93 2.31 -20.55 10.68
N GLY A 94 1.66 -21.70 10.81
CA GLY A 94 0.84 -22.21 9.73
C GLY A 94 -0.63 -21.90 9.93
N GLY A 1 -7.36 -4.46 -28.81
CA GLY A 1 -6.68 -3.43 -29.58
C GLY A 1 -6.94 -2.04 -29.03
N SER A 2 -7.64 -1.21 -29.80
CA SER A 2 -7.95 0.14 -29.39
C SER A 2 -9.22 0.19 -28.56
N SER A 3 -10.33 -0.24 -29.15
CA SER A 3 -11.62 -0.25 -28.47
C SER A 3 -11.49 -0.90 -27.09
N GLY A 4 -11.02 -2.15 -27.08
CA GLY A 4 -10.87 -2.86 -25.83
C GLY A 4 -9.51 -3.54 -25.72
N SER A 5 -8.87 -3.38 -24.56
CA SER A 5 -7.56 -3.98 -24.33
C SER A 5 -7.65 -5.11 -23.32
N SER A 6 -6.72 -6.06 -23.40
CA SER A 6 -6.69 -7.20 -22.49
C SER A 6 -6.34 -6.76 -21.08
N GLY A 7 -5.28 -5.97 -20.96
CA GLY A 7 -4.85 -5.49 -19.65
C GLY A 7 -3.63 -4.59 -19.73
N GLN A 8 -3.68 -3.47 -19.03
CA GLN A 8 -2.57 -2.53 -19.02
C GLN A 8 -2.34 -1.97 -17.62
N LYS A 9 -1.18 -1.33 -17.43
CA LYS A 9 -0.82 -0.76 -16.15
C LYS A 9 -1.31 0.68 -16.03
N VAL A 10 -1.09 1.46 -17.10
CA VAL A 10 -1.50 2.85 -17.12
C VAL A 10 -2.83 3.05 -16.40
N GLU A 11 -3.82 2.24 -16.78
CA GLU A 11 -5.15 2.33 -16.16
C GLU A 11 -5.04 2.29 -14.64
N PHE A 12 -4.38 1.25 -14.12
CA PHE A 12 -4.21 1.09 -12.68
C PHE A 12 -3.55 2.33 -12.08
N ARG A 13 -2.43 2.74 -12.66
CA ARG A 13 -1.70 3.91 -12.18
C ARG A 13 -2.65 5.06 -11.91
N LYS A 14 -3.50 5.38 -12.87
CA LYS A 14 -4.46 6.46 -12.74
C LYS A 14 -5.35 6.26 -11.52
N ARG A 15 -6.00 5.10 -11.46
CA ARG A 15 -6.89 4.78 -10.34
C ARG A 15 -6.19 5.03 -9.01
N MET A 16 -4.95 4.55 -8.90
CA MET A 16 -4.17 4.73 -7.68
C MET A 16 -4.01 6.21 -7.35
N GLU A 17 -3.69 7.00 -8.36
CA GLU A 17 -3.50 8.44 -8.16
C GLU A 17 -4.71 9.06 -7.49
N LYS A 18 -5.90 8.71 -7.96
CA LYS A 18 -7.14 9.24 -7.40
C LYS A 18 -7.36 8.72 -5.99
N GLU A 19 -7.19 7.41 -5.81
CA GLU A 19 -7.37 6.78 -4.51
C GLU A 19 -6.44 7.40 -3.47
N VAL A 20 -5.13 7.32 -3.74
CA VAL A 20 -4.14 7.88 -2.83
C VAL A 20 -4.49 9.31 -2.43
N SER A 21 -4.59 10.19 -3.43
CA SER A 21 -4.91 11.59 -3.19
C SER A 21 -6.14 11.71 -2.27
N ASP A 22 -7.25 11.15 -2.72
CA ASP A 22 -8.49 11.20 -1.94
C ASP A 22 -8.21 10.92 -0.46
N PHE A 23 -7.38 9.93 -0.20
CA PHE A 23 -7.03 9.55 1.17
C PHE A 23 -6.27 10.68 1.86
N ILE A 24 -5.26 11.20 1.18
CA ILE A 24 -4.44 12.29 1.72
C ILE A 24 -5.31 13.40 2.27
N GLN A 25 -6.22 13.90 1.43
CA GLN A 25 -7.12 14.98 1.83
C GLN A 25 -7.99 14.55 3.01
N ASP A 26 -8.44 13.30 2.99
CA ASP A 26 -9.28 12.77 4.05
C ASP A 26 -8.54 12.78 5.38
N SER A 27 -9.06 13.54 6.33
CA SER A 27 -8.45 13.65 7.65
C SER A 27 -8.89 12.50 8.55
N GLY A 28 -10.20 12.25 8.58
CA GLY A 28 -10.72 11.17 9.40
C GLY A 28 -9.92 9.89 9.26
N GLN A 29 -9.51 9.59 8.03
CA GLN A 29 -8.74 8.39 7.76
C GLN A 29 -7.25 8.64 7.95
N ILE A 30 -6.62 7.88 8.84
CA ILE A 30 -5.20 8.03 9.11
C ILE A 30 -4.38 7.05 8.27
N LYS A 31 -4.96 5.89 8.00
CA LYS A 31 -4.28 4.87 7.20
C LYS A 31 -5.25 4.20 6.23
N LYS A 32 -4.72 3.43 5.29
CA LYS A 32 -5.54 2.73 4.32
C LYS A 32 -4.89 1.41 3.89
N LYS A 33 -5.61 0.31 4.08
CA LYS A 33 -5.12 -1.00 3.72
C LYS A 33 -5.58 -1.41 2.32
N PHE A 34 -4.63 -1.57 1.41
CA PHE A 34 -4.95 -1.96 0.04
C PHE A 34 -5.07 -3.47 -0.09
N GLN A 35 -5.57 -3.92 -1.23
CA GLN A 35 -5.74 -5.36 -1.48
C GLN A 35 -4.89 -5.81 -2.67
N PRO A 36 -4.26 -6.98 -2.53
CA PRO A 36 -3.41 -7.54 -3.59
C PRO A 36 -4.21 -8.01 -4.79
N MET A 37 -4.58 -7.06 -5.65
CA MET A 37 -5.35 -7.37 -6.85
C MET A 37 -4.47 -8.00 -7.92
N ASN A 38 -3.27 -7.45 -8.08
CA ASN A 38 -2.33 -7.97 -9.08
C ASN A 38 -0.96 -8.24 -8.44
N LYS A 39 -0.04 -8.75 -9.25
CA LYS A 39 1.30 -9.06 -8.76
C LYS A 39 2.21 -7.85 -8.89
N ILE A 40 2.02 -7.07 -9.95
CA ILE A 40 2.83 -5.88 -10.18
C ILE A 40 2.21 -4.66 -9.51
N GLU A 41 0.89 -4.60 -9.53
CA GLU A 41 0.16 -3.49 -8.91
C GLU A 41 0.85 -3.04 -7.62
N ARG A 42 1.40 -4.00 -6.90
CA ARG A 42 2.09 -3.70 -5.64
C ARG A 42 3.16 -2.64 -5.84
N SER A 43 4.08 -2.91 -6.78
CA SER A 43 5.16 -1.98 -7.06
C SER A 43 4.62 -0.66 -7.62
N ILE A 44 3.73 -0.76 -8.59
CA ILE A 44 3.13 0.42 -9.20
C ILE A 44 2.57 1.37 -8.15
N LEU A 45 1.67 0.85 -7.31
CA LEU A 45 1.07 1.65 -6.25
C LEU A 45 2.13 2.30 -5.37
N HIS A 46 3.16 1.52 -5.03
CA HIS A 46 4.25 2.01 -4.20
C HIS A 46 4.83 3.30 -4.77
N ASP A 47 5.04 3.32 -6.08
CA ASP A 47 5.58 4.50 -6.75
C ASP A 47 4.65 5.69 -6.61
N VAL A 48 3.36 5.47 -6.90
CA VAL A 48 2.36 6.52 -6.81
C VAL A 48 2.28 7.08 -5.39
N VAL A 49 2.36 6.19 -4.41
CA VAL A 49 2.30 6.59 -3.01
C VAL A 49 3.53 7.39 -2.61
N GLU A 50 4.70 6.77 -2.71
CA GLU A 50 5.95 7.42 -2.36
C GLU A 50 6.03 8.82 -2.97
N VAL A 51 5.43 8.97 -4.15
CA VAL A 51 5.42 10.26 -4.85
C VAL A 51 4.41 11.21 -4.22
N ALA A 52 3.25 10.68 -3.84
CA ALA A 52 2.20 11.48 -3.23
C ALA A 52 2.69 12.14 -1.95
N GLY A 53 3.56 11.44 -1.22
CA GLY A 53 4.08 11.97 0.02
C GLY A 53 3.59 11.22 1.24
N LEU A 54 3.39 9.91 1.08
CA LEU A 54 2.91 9.07 2.17
C LEU A 54 3.83 7.87 2.37
N THR A 55 3.60 7.14 3.46
CA THR A 55 4.42 5.96 3.77
C THR A 55 3.70 4.68 3.37
N SER A 56 4.34 3.90 2.50
CA SER A 56 3.75 2.65 2.03
C SER A 56 4.61 1.46 2.46
N PHE A 57 3.98 0.30 2.58
CA PHE A 57 4.67 -0.91 3.00
C PHE A 57 3.91 -2.16 2.54
N SER A 58 4.65 -3.12 1.98
CA SER A 58 4.05 -4.36 1.51
C SER A 58 4.08 -5.43 2.59
N PHE A 59 2.93 -5.71 3.18
CA PHE A 59 2.83 -6.72 4.23
C PHE A 59 2.03 -7.93 3.74
N GLY A 60 2.64 -9.10 3.85
CA GLY A 60 1.97 -10.32 3.41
C GLY A 60 2.17 -11.47 4.39
N GLU A 61 1.08 -12.16 4.73
CA GLU A 61 1.15 -13.27 5.66
C GLU A 61 1.77 -14.49 5.00
N ASP A 62 1.47 -14.68 3.72
CA ASP A 62 2.00 -15.81 2.96
C ASP A 62 2.80 -15.33 1.76
N ASP A 63 3.74 -16.17 1.31
CA ASP A 63 4.57 -15.82 0.16
C ASP A 63 3.72 -15.42 -1.04
N ASP A 64 2.63 -16.16 -1.26
CA ASP A 64 1.73 -15.87 -2.37
C ASP A 64 0.86 -14.67 -2.06
N CYS A 65 0.36 -14.59 -0.83
CA CYS A 65 -0.49 -13.48 -0.41
C CYS A 65 0.34 -12.32 0.11
N ARG A 66 0.39 -11.24 -0.65
CA ARG A 66 1.15 -10.06 -0.26
C ARG A 66 0.38 -8.79 -0.55
N TYR A 67 -0.16 -8.18 0.50
CA TYR A 67 -0.94 -6.95 0.36
C TYR A 67 -0.08 -5.73 0.68
N VAL A 68 -0.58 -4.56 0.31
CA VAL A 68 0.14 -3.31 0.54
C VAL A 68 -0.67 -2.38 1.45
N MET A 69 0.03 -1.65 2.31
CA MET A 69 -0.62 -0.73 3.22
C MET A 69 0.00 0.67 3.12
N ILE A 70 -0.74 1.68 3.57
CA ILE A 70 -0.26 3.05 3.52
C ILE A 70 -0.59 3.80 4.81
N PHE A 71 0.27 4.73 5.20
CA PHE A 71 0.06 5.50 6.41
C PHE A 71 0.28 6.99 6.14
N LYS A 72 -0.15 7.83 7.09
CA LYS A 72 -0.01 9.26 6.96
C LYS A 72 1.34 9.73 7.52
N LYS A 73 1.64 11.01 7.32
CA LYS A 73 2.88 11.59 7.81
C LYS A 73 2.94 11.55 9.33
N GLU A 74 1.90 12.07 9.98
CA GLU A 74 1.83 12.09 11.44
C GLU A 74 1.52 10.70 11.98
N PHE A 75 0.62 9.99 11.32
CA PHE A 75 0.23 8.65 11.74
C PHE A 75 1.12 7.60 11.09
N ALA A 76 2.27 8.04 10.57
CA ALA A 76 3.21 7.13 9.92
C ALA A 76 3.88 6.22 10.93
N PRO A 77 4.15 4.96 10.52
CA PRO A 77 4.79 3.97 11.38
C PRO A 77 6.26 4.30 11.64
N SER A 78 6.81 3.73 12.71
CA SER A 78 8.19 3.96 13.08
C SER A 78 9.08 2.81 12.61
N ASP A 79 10.39 3.05 12.59
CA ASP A 79 11.35 2.03 12.17
C ASP A 79 11.17 0.75 12.98
N GLU A 80 11.48 0.83 14.28
CA GLU A 80 11.36 -0.33 15.16
C GLU A 80 9.96 -0.94 15.07
N GLU A 81 8.95 -0.09 15.11
CA GLU A 81 7.56 -0.54 15.04
C GLU A 81 7.32 -1.33 13.75
N LEU A 82 7.87 -0.82 12.65
CA LEU A 82 7.71 -1.48 11.35
C LEU A 82 8.21 -2.92 11.41
N ASP A 83 9.42 -3.11 11.90
CA ASP A 83 10.01 -4.44 12.01
C ASP A 83 9.11 -5.37 12.83
N SER A 84 8.53 -4.83 13.90
CA SER A 84 7.65 -5.61 14.77
C SER A 84 6.33 -5.90 14.07
N TYR A 85 5.81 -4.90 13.36
CA TYR A 85 4.55 -5.04 12.65
C TYR A 85 4.57 -6.24 11.72
N ARG A 86 5.69 -6.41 11.01
CA ARG A 86 5.84 -7.52 10.08
C ARG A 86 6.09 -8.83 10.83
N ARG A 87 7.02 -8.80 11.77
CA ARG A 87 7.36 -9.98 12.56
C ARG A 87 6.13 -10.49 13.31
N GLY A 88 5.22 -9.58 13.64
CA GLY A 88 4.02 -9.96 14.36
C GLY A 88 3.11 -10.86 13.54
N SER A 89 1.95 -10.34 13.17
CA SER A 89 0.99 -11.11 12.37
C SER A 89 0.56 -12.37 13.12
N GLY A 90 0.34 -12.23 14.42
CA GLY A 90 -0.06 -13.37 15.23
C GLY A 90 0.91 -13.65 16.36
N PRO A 91 0.37 -14.12 17.50
CA PRO A 91 1.18 -14.45 18.68
C PRO A 91 2.05 -15.68 18.47
N SER A 92 1.65 -16.53 17.52
CA SER A 92 2.39 -17.74 17.22
C SER A 92 3.90 -17.47 17.19
N SER A 93 4.31 -16.58 16.29
CA SER A 93 5.72 -16.23 16.16
C SER A 93 6.13 -15.21 17.21
N GLY A 94 7.41 -14.85 17.21
CA GLY A 94 7.91 -13.88 18.17
C GLY A 94 8.29 -14.52 19.49
N GLY A 1 3.03 1.04 -26.21
CA GLY A 1 4.08 0.05 -26.39
C GLY A 1 4.01 -0.64 -27.74
N SER A 2 5.04 -1.42 -28.06
CA SER A 2 5.09 -2.13 -29.33
C SER A 2 3.77 -2.81 -29.63
N SER A 3 3.32 -3.66 -28.71
CA SER A 3 2.06 -4.38 -28.88
C SER A 3 1.16 -4.18 -27.67
N GLY A 4 -0.15 -4.39 -27.87
CA GLY A 4 -1.10 -4.23 -26.79
C GLY A 4 -1.38 -5.53 -26.07
N SER A 5 -1.15 -5.53 -24.76
CA SER A 5 -1.38 -6.73 -23.94
C SER A 5 -2.62 -6.56 -23.08
N SER A 6 -3.17 -7.69 -22.64
CA SER A 6 -4.37 -7.69 -21.81
C SER A 6 -4.05 -7.20 -20.41
N GLY A 7 -4.93 -6.35 -19.87
CA GLY A 7 -4.73 -5.82 -18.54
C GLY A 7 -3.49 -4.95 -18.44
N GLN A 8 -3.60 -3.70 -18.88
CA GLN A 8 -2.48 -2.77 -18.85
C GLN A 8 -2.29 -2.20 -17.45
N LYS A 9 -1.14 -1.59 -17.22
CA LYS A 9 -0.82 -1.01 -15.91
C LYS A 9 -1.28 0.45 -15.85
N VAL A 10 -1.08 1.17 -16.94
CA VAL A 10 -1.48 2.57 -17.01
C VAL A 10 -2.75 2.83 -16.21
N GLU A 11 -3.84 2.19 -16.63
CA GLU A 11 -5.12 2.34 -15.94
C GLU A 11 -4.96 2.21 -14.44
N PHE A 12 -4.40 1.08 -14.01
CA PHE A 12 -4.18 0.82 -12.59
C PHE A 12 -3.57 2.04 -11.90
N ARG A 13 -2.38 2.42 -12.33
CA ARG A 13 -1.69 3.56 -11.75
C ARG A 13 -2.66 4.73 -11.55
N LYS A 14 -3.45 5.02 -12.57
CA LYS A 14 -4.42 6.10 -12.50
C LYS A 14 -5.29 5.98 -11.25
N ARG A 15 -5.99 4.86 -11.13
CA ARG A 15 -6.86 4.62 -9.99
C ARG A 15 -6.15 4.95 -8.69
N MET A 16 -4.96 4.39 -8.51
CA MET A 16 -4.18 4.62 -7.30
C MET A 16 -4.04 6.12 -7.03
N GLU A 17 -3.70 6.88 -8.06
CA GLU A 17 -3.54 8.32 -7.93
C GLU A 17 -4.79 8.95 -7.31
N LYS A 18 -5.95 8.58 -7.83
CA LYS A 18 -7.22 9.10 -7.33
C LYS A 18 -7.49 8.62 -5.91
N GLU A 19 -7.34 7.31 -5.70
CA GLU A 19 -7.57 6.73 -4.39
C GLU A 19 -6.67 7.36 -3.34
N VAL A 20 -5.36 7.21 -3.52
CA VAL A 20 -4.39 7.77 -2.59
C VAL A 20 -4.72 9.22 -2.26
N SER A 21 -4.80 10.06 -3.28
CA SER A 21 -5.11 11.47 -3.09
C SER A 21 -6.28 11.65 -2.12
N ASP A 22 -7.42 11.06 -2.46
CA ASP A 22 -8.60 11.15 -1.61
C ASP A 22 -8.26 10.84 -0.16
N PHE A 23 -7.47 9.79 0.04
CA PHE A 23 -7.07 9.39 1.38
C PHE A 23 -6.23 10.47 2.05
N ILE A 24 -5.34 11.07 1.27
CA ILE A 24 -4.46 12.12 1.78
C ILE A 24 -5.28 13.24 2.44
N GLN A 25 -6.22 13.78 1.68
CA GLN A 25 -7.06 14.86 2.19
C GLN A 25 -7.81 14.43 3.45
N ASP A 26 -8.36 13.21 3.41
CA ASP A 26 -9.11 12.67 4.55
C ASP A 26 -8.22 12.60 5.78
N SER A 27 -8.44 13.52 6.71
CA SER A 27 -7.66 13.57 7.95
C SER A 27 -8.07 12.44 8.89
N GLY A 28 -9.38 12.24 9.04
CA GLY A 28 -9.88 11.20 9.91
C GLY A 28 -9.13 9.89 9.74
N GLN A 29 -8.79 9.56 8.50
CA GLN A 29 -8.08 8.33 8.20
C GLN A 29 -6.57 8.54 8.30
N ILE A 30 -5.89 7.65 9.01
CA ILE A 30 -4.44 7.74 9.18
C ILE A 30 -3.73 6.60 8.45
N LYS A 31 -4.44 5.51 8.25
CA LYS A 31 -3.88 4.35 7.56
C LYS A 31 -4.93 3.67 6.69
N LYS A 32 -4.48 2.96 5.66
CA LYS A 32 -5.37 2.25 4.75
C LYS A 32 -4.74 0.96 4.24
N LYS A 33 -5.52 -0.11 4.23
CA LYS A 33 -5.03 -1.40 3.76
C LYS A 33 -5.63 -1.74 2.39
N PHE A 34 -4.76 -2.14 1.46
CA PHE A 34 -5.20 -2.50 0.12
C PHE A 34 -5.21 -4.02 -0.06
N GLN A 35 -5.82 -4.46 -1.16
CA GLN A 35 -5.91 -5.89 -1.45
C GLN A 35 -5.01 -6.26 -2.63
N PRO A 36 -4.32 -7.40 -2.51
CA PRO A 36 -3.42 -7.89 -3.56
C PRO A 36 -4.16 -8.37 -4.80
N MET A 37 -4.21 -7.52 -5.81
CA MET A 37 -4.90 -7.85 -7.06
C MET A 37 -3.92 -8.40 -8.08
N ASN A 38 -2.75 -7.77 -8.18
CA ASN A 38 -1.72 -8.20 -9.13
C ASN A 38 -0.39 -8.39 -8.44
N LYS A 39 0.61 -8.83 -9.19
CA LYS A 39 1.94 -9.06 -8.64
C LYS A 39 2.80 -7.80 -8.77
N ILE A 40 2.59 -7.05 -9.84
CA ILE A 40 3.34 -5.82 -10.07
C ILE A 40 2.63 -4.62 -9.45
N GLU A 41 1.29 -4.65 -9.49
CA GLU A 41 0.50 -3.56 -8.93
C GLU A 41 1.11 -3.05 -7.63
N ARG A 42 1.75 -3.95 -6.89
CA ARG A 42 2.38 -3.59 -5.62
C ARG A 42 3.43 -2.50 -5.82
N SER A 43 4.37 -2.75 -6.73
CA SER A 43 5.43 -1.80 -7.01
C SER A 43 4.86 -0.49 -7.57
N ILE A 44 3.95 -0.61 -8.53
CA ILE A 44 3.33 0.54 -9.14
C ILE A 44 2.70 1.46 -8.08
N LEU A 45 1.80 0.90 -7.30
CA LEU A 45 1.13 1.66 -6.25
C LEU A 45 2.14 2.37 -5.37
N HIS A 46 3.12 1.62 -4.87
CA HIS A 46 4.16 2.17 -4.01
C HIS A 46 4.67 3.49 -4.56
N ASP A 47 5.13 3.48 -5.81
CA ASP A 47 5.64 4.68 -6.45
C ASP A 47 4.64 5.83 -6.33
N VAL A 48 3.40 5.57 -6.75
CA VAL A 48 2.35 6.58 -6.69
C VAL A 48 2.27 7.21 -5.31
N VAL A 49 2.40 6.39 -4.27
CA VAL A 49 2.35 6.88 -2.90
C VAL A 49 3.46 7.89 -2.63
N GLU A 50 4.70 7.44 -2.77
CA GLU A 50 5.85 8.31 -2.53
C GLU A 50 5.62 9.69 -3.13
N VAL A 51 5.30 9.73 -4.42
CA VAL A 51 5.04 10.99 -5.10
C VAL A 51 3.94 11.78 -4.41
N ALA A 52 2.90 11.08 -3.98
CA ALA A 52 1.77 11.71 -3.30
C ALA A 52 2.22 12.37 -1.99
N GLY A 53 3.24 11.79 -1.37
CA GLY A 53 3.74 12.33 -0.12
C GLY A 53 3.29 11.52 1.08
N LEU A 54 3.10 10.22 0.89
CA LEU A 54 2.67 9.34 1.96
C LEU A 54 3.60 8.15 2.09
N THR A 55 3.45 7.41 3.19
CA THR A 55 4.29 6.25 3.45
C THR A 55 3.66 4.99 2.85
N SER A 56 4.52 4.09 2.35
CA SER A 56 4.04 2.84 1.75
C SER A 56 4.82 1.65 2.30
N PHE A 57 4.10 0.60 2.67
CA PHE A 57 4.73 -0.60 3.20
C PHE A 57 3.89 -1.84 2.89
N SER A 58 4.55 -2.87 2.37
CA SER A 58 3.85 -4.11 2.02
C SER A 58 3.99 -5.15 3.14
N PHE A 59 2.85 -5.55 3.70
CA PHE A 59 2.85 -6.53 4.78
C PHE A 59 1.91 -7.68 4.46
N GLY A 60 2.43 -8.91 4.50
CA GLY A 60 1.62 -10.08 4.22
C GLY A 60 1.88 -11.22 5.18
N GLU A 61 0.82 -11.88 5.61
CA GLU A 61 0.94 -13.01 6.54
C GLU A 61 1.54 -14.22 5.84
N ASP A 62 1.05 -14.52 4.64
CA ASP A 62 1.54 -15.66 3.87
C ASP A 62 2.22 -15.19 2.59
N ASP A 63 3.31 -15.86 2.25
CA ASP A 63 4.07 -15.51 1.04
C ASP A 63 3.13 -15.34 -0.15
N ASP A 64 2.21 -16.28 -0.32
CA ASP A 64 1.25 -16.23 -1.42
C ASP A 64 0.37 -15.00 -1.32
N CYS A 65 -0.07 -14.68 -0.11
CA CYS A 65 -0.92 -13.52 0.12
C CYS A 65 -0.11 -12.35 0.66
N ARG A 66 0.14 -11.37 -0.20
CA ARG A 66 0.91 -10.19 0.18
C ARG A 66 0.18 -8.91 -0.22
N TYR A 67 -0.40 -8.23 0.77
CA TYR A 67 -1.13 -7.00 0.52
C TYR A 67 -0.24 -5.78 0.75
N VAL A 68 -0.69 -4.63 0.27
CA VAL A 68 0.07 -3.39 0.42
C VAL A 68 -0.65 -2.41 1.34
N MET A 69 0.10 -1.81 2.26
CA MET A 69 -0.46 -0.86 3.21
C MET A 69 0.15 0.53 3.01
N ILE A 70 -0.55 1.55 3.48
CA ILE A 70 -0.08 2.93 3.36
C ILE A 70 -0.37 3.72 4.62
N PHE A 71 0.50 4.66 4.94
CA PHE A 71 0.34 5.50 6.12
C PHE A 71 0.59 6.97 5.80
N LYS A 72 0.24 7.85 6.72
CA LYS A 72 0.44 9.28 6.54
C LYS A 72 1.81 9.71 7.05
N LYS A 73 2.15 10.99 6.82
CA LYS A 73 3.42 11.52 7.25
C LYS A 73 3.49 11.58 8.77
N GLU A 74 2.50 12.22 9.39
CA GLU A 74 2.45 12.35 10.84
C GLU A 74 2.06 11.03 11.49
N PHE A 75 1.16 10.30 10.83
CA PHE A 75 0.70 9.02 11.35
C PHE A 75 1.52 7.87 10.76
N ALA A 76 2.69 8.20 10.23
CA ALA A 76 3.57 7.19 9.65
C ALA A 76 4.18 6.30 10.72
N PRO A 77 4.35 5.01 10.40
CA PRO A 77 4.91 4.03 11.32
C PRO A 77 6.40 4.26 11.58
N SER A 78 6.92 3.71 12.67
CA SER A 78 8.32 3.86 13.01
C SER A 78 9.12 2.64 12.58
N ASP A 79 10.44 2.73 12.69
CA ASP A 79 11.32 1.63 12.30
C ASP A 79 10.96 0.36 13.06
N GLU A 80 11.19 0.38 14.38
CA GLU A 80 10.90 -0.78 15.21
C GLU A 80 9.46 -1.22 15.04
N GLU A 81 8.55 -0.26 15.03
CA GLU A 81 7.12 -0.54 14.87
C GLU A 81 6.85 -1.28 13.55
N LEU A 82 7.51 -0.81 12.50
CA LEU A 82 7.35 -1.41 11.18
C LEU A 82 7.67 -2.90 11.21
N ASP A 83 8.85 -3.23 11.70
CA ASP A 83 9.28 -4.62 11.80
C ASP A 83 8.25 -5.45 12.56
N SER A 84 7.73 -4.90 13.65
CA SER A 84 6.75 -5.59 14.47
C SER A 84 5.38 -5.59 13.80
N TYR A 85 5.21 -4.70 12.82
CA TYR A 85 3.96 -4.58 12.10
C TYR A 85 3.86 -5.63 11.00
N ARG A 86 5.01 -6.03 10.48
CA ARG A 86 5.07 -7.03 9.42
C ARG A 86 5.13 -8.43 9.99
N ARG A 87 5.79 -8.57 11.14
CA ARG A 87 5.91 -9.87 11.79
C ARG A 87 4.55 -10.47 12.11
N GLY A 88 3.56 -9.59 12.33
CA GLY A 88 2.22 -10.05 12.63
C GLY A 88 2.11 -10.65 14.02
N SER A 89 0.89 -10.71 14.55
CA SER A 89 0.66 -11.26 15.88
C SER A 89 1.26 -12.65 16.00
N GLY A 90 2.17 -12.82 16.94
CA GLY A 90 2.80 -14.11 17.14
C GLY A 90 3.33 -14.29 18.56
N PRO A 91 4.37 -15.09 18.71
CA PRO A 91 4.99 -15.37 20.02
C PRO A 91 5.72 -14.15 20.57
N SER A 92 5.10 -13.49 21.54
CA SER A 92 5.68 -12.30 22.16
C SER A 92 6.52 -12.69 23.37
N SER A 93 7.83 -12.43 23.27
CA SER A 93 8.75 -12.75 24.36
C SER A 93 8.32 -12.06 25.66
N GLY A 94 8.15 -10.75 25.60
CA GLY A 94 7.74 -10.00 26.77
C GLY A 94 8.02 -8.51 26.63
N GLY A 1 -8.76 -13.80 -27.33
CA GLY A 1 -7.44 -13.33 -27.74
C GLY A 1 -6.61 -12.83 -26.58
N SER A 2 -5.50 -13.51 -26.31
CA SER A 2 -4.62 -13.13 -25.21
C SER A 2 -4.46 -11.62 -25.13
N SER A 3 -4.19 -11.00 -26.29
CA SER A 3 -4.01 -9.56 -26.36
C SER A 3 -5.35 -8.86 -26.61
N GLY A 4 -5.64 -7.85 -25.78
CA GLY A 4 -6.88 -7.10 -25.92
C GLY A 4 -6.91 -5.86 -25.07
N SER A 5 -8.09 -5.27 -24.93
CA SER A 5 -8.26 -4.05 -24.14
C SER A 5 -8.31 -4.38 -22.66
N SER A 6 -8.01 -3.39 -21.82
CA SER A 6 -8.02 -3.56 -20.38
C SER A 6 -6.90 -4.52 -19.94
N GLY A 7 -5.73 -4.35 -20.53
CA GLY A 7 -4.60 -5.20 -20.19
C GLY A 7 -3.31 -4.42 -20.05
N GLN A 8 -3.37 -3.32 -19.29
CA GLN A 8 -2.19 -2.48 -19.08
C GLN A 8 -2.11 -2.03 -17.62
N LYS A 9 -1.01 -1.36 -17.28
CA LYS A 9 -0.81 -0.87 -15.93
C LYS A 9 -1.52 0.46 -15.72
N VAL A 10 -1.46 1.33 -16.72
CA VAL A 10 -2.09 2.63 -16.66
C VAL A 10 -3.38 2.58 -15.84
N GLU A 11 -4.36 1.83 -16.33
CA GLU A 11 -5.64 1.70 -15.64
C GLU A 11 -5.45 1.71 -14.13
N PHE A 12 -4.61 0.81 -13.64
CA PHE A 12 -4.33 0.71 -12.21
C PHE A 12 -3.65 1.98 -11.70
N ARG A 13 -2.61 2.40 -12.41
CA ARG A 13 -1.86 3.59 -12.03
C ARG A 13 -2.81 4.76 -11.73
N LYS A 14 -3.48 5.25 -12.78
CA LYS A 14 -4.41 6.36 -12.64
C LYS A 14 -5.41 6.08 -11.52
N ARG A 15 -5.85 4.83 -11.41
CA ARG A 15 -6.81 4.44 -10.38
C ARG A 15 -6.24 4.71 -8.99
N MET A 16 -5.00 4.30 -8.77
CA MET A 16 -4.35 4.49 -7.48
C MET A 16 -4.21 5.98 -7.17
N GLU A 17 -3.83 6.76 -8.18
CA GLU A 17 -3.66 8.20 -8.00
C GLU A 17 -4.92 8.84 -7.43
N LYS A 18 -6.06 8.49 -8.00
CA LYS A 18 -7.34 9.03 -7.55
C LYS A 18 -7.62 8.63 -6.11
N GLU A 19 -7.44 7.35 -5.81
CA GLU A 19 -7.68 6.84 -4.47
C GLU A 19 -6.74 7.49 -3.47
N VAL A 20 -5.44 7.22 -3.62
CA VAL A 20 -4.43 7.78 -2.73
C VAL A 20 -4.74 9.23 -2.39
N SER A 21 -4.87 10.06 -3.42
CA SER A 21 -5.16 11.48 -3.23
C SER A 21 -6.32 11.66 -2.26
N ASP A 22 -7.47 11.07 -2.60
CA ASP A 22 -8.65 11.18 -1.75
C ASP A 22 -8.31 10.90 -0.29
N PHE A 23 -7.49 9.89 -0.06
CA PHE A 23 -7.08 9.53 1.30
C PHE A 23 -6.26 10.65 1.94
N ILE A 24 -5.39 11.26 1.14
CA ILE A 24 -4.55 12.35 1.62
C ILE A 24 -5.39 13.47 2.22
N GLN A 25 -6.38 13.93 1.46
CA GLN A 25 -7.25 15.01 1.91
C GLN A 25 -7.99 14.60 3.18
N ASP A 26 -8.48 13.36 3.20
CA ASP A 26 -9.21 12.86 4.36
C ASP A 26 -8.34 12.87 5.61
N SER A 27 -8.80 13.58 6.63
CA SER A 27 -8.06 13.69 7.89
C SER A 27 -8.33 12.48 8.78
N GLY A 28 -9.59 12.23 9.07
CA GLY A 28 -9.96 11.11 9.91
C GLY A 28 -9.16 9.86 9.59
N GLN A 29 -8.94 9.62 8.31
CA GLN A 29 -8.18 8.46 7.86
C GLN A 29 -6.69 8.66 8.06
N ILE A 30 -6.08 7.80 8.88
CA ILE A 30 -4.65 7.90 9.15
C ILE A 30 -3.86 6.92 8.29
N LYS A 31 -4.54 5.87 7.83
CA LYS A 31 -3.90 4.86 6.99
C LYS A 31 -4.90 4.28 5.99
N LYS A 32 -4.38 3.50 5.05
CA LYS A 32 -5.22 2.87 4.03
C LYS A 32 -4.74 1.47 3.70
N LYS A 33 -5.63 0.49 3.82
CA LYS A 33 -5.29 -0.90 3.53
C LYS A 33 -5.72 -1.28 2.12
N PHE A 34 -4.76 -1.34 1.21
CA PHE A 34 -5.05 -1.70 -0.18
C PHE A 34 -5.11 -3.22 -0.34
N GLN A 35 -5.99 -3.67 -1.24
CA GLN A 35 -6.16 -5.09 -1.49
C GLN A 35 -5.26 -5.55 -2.63
N PRO A 36 -4.65 -6.73 -2.47
CA PRO A 36 -3.75 -7.30 -3.47
C PRO A 36 -4.49 -7.76 -4.72
N MET A 37 -4.64 -6.86 -5.69
CA MET A 37 -5.33 -7.17 -6.93
C MET A 37 -4.37 -7.79 -7.94
N ASN A 38 -3.16 -7.24 -8.03
CA ASN A 38 -2.16 -7.73 -8.95
C ASN A 38 -0.84 -8.02 -8.23
N LYS A 39 0.14 -8.53 -8.97
CA LYS A 39 1.44 -8.85 -8.41
C LYS A 39 2.39 -7.66 -8.53
N ILE A 40 2.18 -6.84 -9.55
CA ILE A 40 3.01 -5.67 -9.78
C ILE A 40 2.41 -4.43 -9.12
N GLU A 41 1.14 -4.53 -8.75
CA GLU A 41 0.44 -3.42 -8.11
C GLU A 41 1.33 -2.76 -7.04
N ARG A 42 2.27 -3.53 -6.51
CA ARG A 42 3.18 -3.03 -5.49
C ARG A 42 4.07 -1.92 -6.05
N SER A 43 4.97 -2.30 -6.96
CA SER A 43 5.88 -1.35 -7.57
C SER A 43 5.13 -0.13 -8.10
N ILE A 44 4.04 -0.39 -8.82
CA ILE A 44 3.23 0.68 -9.38
C ILE A 44 2.64 1.56 -8.29
N LEU A 45 1.72 1.00 -7.52
CA LEU A 45 1.08 1.72 -6.43
C LEU A 45 2.10 2.48 -5.60
N HIS A 46 3.11 1.76 -5.11
CA HIS A 46 4.17 2.37 -4.30
C HIS A 46 4.65 3.67 -4.93
N ASP A 47 4.98 3.62 -6.21
CA ASP A 47 5.45 4.79 -6.92
C ASP A 47 4.47 5.95 -6.78
N VAL A 48 3.21 5.68 -7.05
CA VAL A 48 2.16 6.70 -6.94
C VAL A 48 2.08 7.26 -5.53
N VAL A 49 2.39 6.42 -4.54
CA VAL A 49 2.35 6.83 -3.14
C VAL A 49 3.47 7.81 -2.84
N GLU A 50 4.70 7.42 -3.16
CA GLU A 50 5.86 8.27 -2.91
C GLU A 50 5.71 9.62 -3.61
N VAL A 51 5.09 9.60 -4.78
CA VAL A 51 4.89 10.82 -5.56
C VAL A 51 3.86 11.72 -4.88
N ALA A 52 2.81 11.12 -4.32
CA ALA A 52 1.76 11.88 -3.65
C ALA A 52 2.29 12.52 -2.37
N GLY A 53 3.24 11.84 -1.72
CA GLY A 53 3.81 12.35 -0.49
C GLY A 53 3.35 11.58 0.72
N LEU A 54 3.19 10.27 0.57
CA LEU A 54 2.75 9.41 1.66
C LEU A 54 3.71 8.24 1.86
N THR A 55 3.54 7.52 2.96
CA THR A 55 4.38 6.38 3.26
C THR A 55 3.75 5.08 2.76
N SER A 56 4.57 4.23 2.15
CA SER A 56 4.09 2.95 1.62
C SER A 56 4.92 1.79 2.17
N PHE A 57 4.25 0.67 2.42
CA PHE A 57 4.92 -0.51 2.96
C PHE A 57 4.21 -1.78 2.53
N SER A 58 4.96 -2.86 2.37
CA SER A 58 4.39 -4.15 1.95
C SER A 58 4.35 -5.12 3.13
N PHE A 59 3.14 -5.42 3.60
CA PHE A 59 2.96 -6.35 4.71
C PHE A 59 2.18 -7.59 4.27
N GLY A 60 2.76 -8.76 4.53
CA GLY A 60 2.10 -10.00 4.16
C GLY A 60 2.22 -11.06 5.23
N GLU A 61 1.10 -11.73 5.51
CA GLU A 61 1.08 -12.77 6.53
C GLU A 61 1.78 -14.03 6.04
N ASP A 62 1.59 -14.35 4.77
CA ASP A 62 2.20 -15.53 4.17
C ASP A 62 2.84 -15.20 2.83
N ASP A 63 3.75 -16.05 2.38
CA ASP A 63 4.43 -15.84 1.11
C ASP A 63 3.42 -15.59 -0.02
N ASP A 64 2.40 -16.43 -0.08
CA ASP A 64 1.38 -16.31 -1.11
C ASP A 64 0.48 -15.11 -0.83
N CYS A 65 0.10 -14.92 0.43
CA CYS A 65 -0.75 -13.81 0.83
C CYS A 65 0.07 -12.56 1.11
N ARG A 66 0.06 -11.62 0.16
CA ARG A 66 0.81 -10.38 0.31
C ARG A 66 -0.01 -9.19 -0.19
N TYR A 67 -0.17 -8.18 0.66
CA TYR A 67 -0.92 -6.99 0.31
C TYR A 67 -0.10 -5.72 0.55
N VAL A 68 -0.56 -4.61 -0.01
CA VAL A 68 0.13 -3.33 0.15
C VAL A 68 -0.62 -2.42 1.11
N MET A 69 0.14 -1.62 1.87
CA MET A 69 -0.45 -0.70 2.83
C MET A 69 0.25 0.65 2.78
N ILE A 70 -0.45 1.70 3.20
CA ILE A 70 0.11 3.05 3.21
C ILE A 70 -0.27 3.79 4.49
N PHE A 71 0.65 4.61 4.98
CA PHE A 71 0.42 5.38 6.19
C PHE A 71 0.65 6.87 5.96
N LYS A 72 0.30 7.68 6.94
CA LYS A 72 0.47 9.13 6.84
C LYS A 72 1.81 9.56 7.42
N LYS A 73 2.16 10.83 7.24
CA LYS A 73 3.40 11.37 7.76
C LYS A 73 3.42 11.33 9.28
N GLU A 74 2.37 11.85 9.89
CA GLU A 74 2.27 11.88 11.35
C GLU A 74 1.87 10.50 11.89
N PHE A 75 0.99 9.82 11.18
CA PHE A 75 0.53 8.50 11.58
C PHE A 75 1.40 7.41 10.96
N ALA A 76 2.58 7.80 10.50
CA ALA A 76 3.52 6.85 9.89
C ALA A 76 4.11 5.91 10.93
N PRO A 77 4.33 4.66 10.52
CA PRO A 77 4.90 3.63 11.41
C PRO A 77 6.37 3.89 11.74
N SER A 78 6.80 3.42 12.91
CA SER A 78 8.18 3.62 13.34
C SER A 78 9.04 2.41 12.96
N ASP A 79 10.35 2.59 13.04
CA ASP A 79 11.28 1.52 12.70
C ASP A 79 10.97 0.26 13.49
N GLU A 80 11.15 0.32 14.81
CA GLU A 80 10.88 -0.82 15.68
C GLU A 80 9.46 -1.35 15.46
N GLU A 81 8.50 -0.43 15.39
CA GLU A 81 7.10 -0.79 15.20
C GLU A 81 6.93 -1.56 13.90
N LEU A 82 7.68 -1.18 12.88
CA LEU A 82 7.61 -1.84 11.58
C LEU A 82 8.04 -3.30 11.68
N ASP A 83 9.20 -3.53 12.29
CA ASP A 83 9.72 -4.88 12.45
C ASP A 83 8.71 -5.77 13.16
N SER A 84 8.08 -5.23 14.19
CA SER A 84 7.09 -5.98 14.96
C SER A 84 5.79 -6.14 14.17
N TYR A 85 5.39 -5.07 13.49
CA TYR A 85 4.17 -5.08 12.68
C TYR A 85 4.15 -6.28 11.73
N ARG A 86 5.30 -6.56 11.14
CA ARG A 86 5.42 -7.67 10.20
C ARG A 86 5.55 -9.00 10.95
N ARG A 87 6.33 -8.98 12.02
CA ARG A 87 6.55 -10.18 12.83
C ARG A 87 5.22 -10.73 13.36
N GLY A 88 4.24 -9.84 13.52
CA GLY A 88 2.95 -10.25 14.02
C GLY A 88 2.62 -9.63 15.37
N SER A 89 1.81 -10.33 16.15
CA SER A 89 1.42 -9.84 17.47
C SER A 89 1.87 -10.80 18.56
N GLY A 90 2.15 -10.26 19.74
CA GLY A 90 2.60 -11.07 20.86
C GLY A 90 4.11 -11.13 20.97
N PRO A 91 4.68 -10.13 21.64
CA PRO A 91 6.13 -10.04 21.85
C PRO A 91 6.65 -11.10 22.80
N SER A 92 7.96 -11.36 22.74
CA SER A 92 8.59 -12.37 23.59
C SER A 92 9.24 -11.71 24.81
N SER A 93 9.64 -12.55 25.76
CA SER A 93 10.28 -12.05 26.98
C SER A 93 11.50 -12.89 27.34
N GLY A 94 12.59 -12.22 27.70
CA GLY A 94 13.81 -12.93 28.07
C GLY A 94 15.06 -12.12 27.77
N GLY A 1 -8.40 -5.91 -27.82
CA GLY A 1 -9.54 -5.26 -28.42
C GLY A 1 -9.30 -4.88 -29.87
N SER A 2 -9.53 -5.84 -30.76
CA SER A 2 -9.33 -5.60 -32.19
C SER A 2 -7.94 -5.04 -32.47
N SER A 3 -6.94 -5.57 -31.77
CA SER A 3 -5.57 -5.11 -31.93
C SER A 3 -5.44 -3.64 -31.55
N GLY A 4 -6.08 -3.26 -30.45
CA GLY A 4 -6.03 -1.88 -30.00
C GLY A 4 -5.30 -1.73 -28.68
N SER A 5 -6.02 -1.30 -27.65
CA SER A 5 -5.43 -1.11 -26.33
C SER A 5 -5.98 -2.12 -25.33
N SER A 6 -5.09 -2.89 -24.73
CA SER A 6 -5.48 -3.91 -23.77
C SER A 6 -5.01 -3.53 -22.36
N GLY A 7 -5.43 -4.32 -21.37
CA GLY A 7 -5.04 -4.06 -20.00
C GLY A 7 -3.62 -3.54 -19.90
N GLN A 8 -3.46 -2.34 -19.37
CA GLN A 8 -2.14 -1.73 -19.22
C GLN A 8 -2.04 -1.01 -17.87
N LYS A 9 -0.91 -1.22 -17.19
CA LYS A 9 -0.67 -0.59 -15.90
C LYS A 9 -1.27 0.81 -15.86
N VAL A 10 -1.10 1.55 -16.95
CA VAL A 10 -1.63 2.92 -17.03
C VAL A 10 -2.94 3.04 -16.27
N GLU A 11 -3.94 2.28 -16.69
CA GLU A 11 -5.25 2.31 -16.05
C GLU A 11 -5.12 2.23 -14.53
N PHE A 12 -4.51 1.15 -14.05
CA PHE A 12 -4.32 0.95 -12.62
C PHE A 12 -3.67 2.17 -11.98
N ARG A 13 -2.50 2.55 -12.49
CA ARG A 13 -1.77 3.70 -11.97
C ARG A 13 -2.72 4.85 -11.69
N LYS A 14 -3.39 5.32 -12.74
CA LYS A 14 -4.34 6.43 -12.62
C LYS A 14 -5.24 6.25 -11.40
N ARG A 15 -5.93 5.11 -11.34
CA ARG A 15 -6.82 4.81 -10.23
C ARG A 15 -6.14 5.07 -8.90
N MET A 16 -5.02 4.39 -8.68
CA MET A 16 -4.26 4.54 -7.43
C MET A 16 -4.06 6.02 -7.11
N GLU A 17 -3.67 6.80 -8.11
CA GLU A 17 -3.44 8.22 -7.93
C GLU A 17 -4.66 8.90 -7.31
N LYS A 18 -5.83 8.55 -7.80
CA LYS A 18 -7.08 9.12 -7.30
C LYS A 18 -7.36 8.64 -5.88
N GLU A 19 -7.26 7.33 -5.67
CA GLU A 19 -7.50 6.75 -4.35
C GLU A 19 -6.58 7.36 -3.31
N VAL A 20 -5.27 7.27 -3.55
CA VAL A 20 -4.28 7.81 -2.63
C VAL A 20 -4.61 9.25 -2.26
N SER A 21 -4.72 10.10 -3.27
CA SER A 21 -5.03 11.51 -3.05
C SER A 21 -6.20 11.67 -2.09
N ASP A 22 -7.34 11.10 -2.47
CA ASP A 22 -8.54 11.17 -1.64
C ASP A 22 -8.22 10.87 -0.18
N PHE A 23 -7.38 9.86 0.04
CA PHE A 23 -6.99 9.47 1.39
C PHE A 23 -6.18 10.58 2.07
N ILE A 24 -5.31 11.21 1.30
CA ILE A 24 -4.48 12.29 1.82
C ILE A 24 -5.33 13.39 2.43
N GLN A 25 -6.35 13.83 1.70
CA GLN A 25 -7.25 14.88 2.17
C GLN A 25 -8.03 14.41 3.39
N ASP A 26 -8.45 13.16 3.38
CA ASP A 26 -9.22 12.60 4.48
C ASP A 26 -8.38 12.56 5.75
N SER A 27 -8.69 13.47 6.67
CA SER A 27 -7.97 13.55 7.94
C SER A 27 -8.31 12.37 8.84
N GLY A 28 -9.60 12.17 9.08
CA GLY A 28 -10.04 11.08 9.93
C GLY A 28 -9.29 9.79 9.65
N GLN A 29 -9.03 9.53 8.36
CA GLN A 29 -8.31 8.32 7.96
C GLN A 29 -6.80 8.52 8.08
N ILE A 30 -6.15 7.61 8.79
CA ILE A 30 -4.70 7.68 8.97
C ILE A 30 -3.99 6.59 8.17
N LYS A 31 -4.71 5.50 7.90
CA LYS A 31 -4.14 4.38 7.15
C LYS A 31 -5.19 3.78 6.21
N LYS A 32 -4.72 3.09 5.18
CA LYS A 32 -5.61 2.46 4.22
C LYS A 32 -5.05 1.12 3.74
N LYS A 33 -5.92 0.13 3.63
CA LYS A 33 -5.50 -1.20 3.19
C LYS A 33 -5.87 -1.42 1.73
N PHE A 34 -4.89 -1.86 0.94
CA PHE A 34 -5.10 -2.10 -0.48
C PHE A 34 -5.06 -3.60 -0.78
N GLN A 35 -6.19 -4.14 -1.24
CA GLN A 35 -6.28 -5.56 -1.56
C GLN A 35 -5.34 -5.91 -2.71
N PRO A 36 -4.66 -7.06 -2.58
CA PRO A 36 -3.73 -7.54 -3.60
C PRO A 36 -4.43 -7.99 -4.88
N MET A 37 -4.73 -7.02 -5.75
CA MET A 37 -5.40 -7.32 -7.01
C MET A 37 -4.43 -7.94 -8.01
N ASN A 38 -3.21 -7.40 -8.07
CA ASN A 38 -2.20 -7.91 -8.99
C ASN A 38 -0.90 -8.20 -8.25
N LYS A 39 0.09 -8.70 -8.98
CA LYS A 39 1.39 -9.03 -8.40
C LYS A 39 2.36 -7.85 -8.54
N ILE A 40 2.09 -6.99 -9.52
CA ILE A 40 2.93 -5.83 -9.76
C ILE A 40 2.37 -4.59 -9.07
N GLU A 41 1.05 -4.53 -8.94
CA GLU A 41 0.40 -3.40 -8.30
C GLU A 41 1.21 -2.90 -7.12
N ARG A 42 1.99 -3.79 -6.51
CA ARG A 42 2.81 -3.43 -5.37
C ARG A 42 3.82 -2.35 -5.75
N SER A 43 4.59 -2.61 -6.81
CA SER A 43 5.59 -1.66 -7.27
C SER A 43 4.94 -0.42 -7.86
N ILE A 44 3.92 -0.63 -8.68
CA ILE A 44 3.19 0.48 -9.31
C ILE A 44 2.59 1.41 -8.26
N LEU A 45 1.70 0.87 -7.44
CA LEU A 45 1.05 1.66 -6.40
C LEU A 45 2.08 2.38 -5.54
N HIS A 46 3.15 1.68 -5.17
CA HIS A 46 4.21 2.26 -4.36
C HIS A 46 4.71 3.56 -4.97
N ASP A 47 5.01 3.52 -6.27
CA ASP A 47 5.50 4.70 -6.97
C ASP A 47 4.50 5.85 -6.87
N VAL A 48 3.23 5.54 -7.08
CA VAL A 48 2.17 6.56 -7.02
C VAL A 48 2.14 7.22 -5.64
N VAL A 49 2.32 6.41 -4.60
CA VAL A 49 2.30 6.92 -3.22
C VAL A 49 3.52 7.80 -2.96
N GLU A 50 4.70 7.21 -3.04
CA GLU A 50 5.94 7.94 -2.81
C GLU A 50 5.90 9.30 -3.49
N VAL A 51 5.28 9.35 -4.67
CA VAL A 51 5.18 10.59 -5.43
C VAL A 51 4.20 11.55 -4.78
N ALA A 52 3.07 11.02 -4.30
CA ALA A 52 2.05 11.83 -3.65
C ALA A 52 2.56 12.40 -2.34
N GLY A 53 3.46 11.67 -1.69
CA GLY A 53 4.00 12.11 -0.42
C GLY A 53 3.44 11.36 0.76
N LEU A 54 3.23 10.06 0.58
CA LEU A 54 2.68 9.22 1.64
C LEU A 54 3.57 8.00 1.87
N THR A 55 3.34 7.31 2.98
CA THR A 55 4.11 6.13 3.32
C THR A 55 3.40 4.85 2.87
N SER A 56 4.18 3.84 2.51
CA SER A 56 3.62 2.57 2.06
C SER A 56 4.54 1.41 2.42
N PHE A 57 3.95 0.23 2.63
CA PHE A 57 4.73 -0.95 2.98
C PHE A 57 3.99 -2.22 2.55
N SER A 58 4.70 -3.34 2.58
CA SER A 58 4.13 -4.63 2.18
C SER A 58 3.86 -5.50 3.40
N PHE A 59 2.59 -5.76 3.68
CA PHE A 59 2.20 -6.58 4.81
C PHE A 59 1.14 -7.60 4.41
N GLY A 60 1.41 -8.87 4.67
CA GLY A 60 0.45 -9.92 4.32
C GLY A 60 0.34 -10.97 5.41
N GLU A 61 -0.81 -11.63 5.47
CA GLU A 61 -1.05 -12.67 6.47
C GLU A 61 -0.44 -14.00 6.03
N ASP A 62 -0.64 -14.33 4.76
CA ASP A 62 -0.12 -15.58 4.20
C ASP A 62 0.87 -15.30 3.08
N ASP A 63 1.95 -16.07 3.04
CA ASP A 63 2.97 -15.90 2.02
C ASP A 63 2.34 -15.75 0.64
N ASP A 64 1.33 -16.56 0.37
CA ASP A 64 0.63 -16.50 -0.92
C ASP A 64 -0.14 -15.20 -1.06
N CYS A 65 -0.80 -14.79 0.01
CA CYS A 65 -1.59 -13.56 0.00
C CYS A 65 -0.80 -12.41 0.64
N ARG A 66 -0.39 -11.46 -0.18
CA ARG A 66 0.37 -10.31 0.29
C ARG A 66 -0.29 -9.00 -0.14
N TYR A 67 -0.88 -8.29 0.81
CA TYR A 67 -1.54 -7.03 0.53
C TYR A 67 -0.61 -5.85 0.81
N VAL A 68 -0.99 -4.67 0.31
CA VAL A 68 -0.19 -3.47 0.49
C VAL A 68 -0.96 -2.42 1.31
N MET A 69 -0.28 -1.82 2.27
CA MET A 69 -0.89 -0.80 3.12
C MET A 69 -0.20 0.54 2.95
N ILE A 70 -0.86 1.60 3.38
CA ILE A 70 -0.31 2.94 3.27
C ILE A 70 -0.58 3.76 4.53
N PHE A 71 0.39 4.58 4.93
CA PHE A 71 0.26 5.41 6.12
C PHE A 71 0.52 6.87 5.79
N LYS A 72 0.11 7.76 6.69
CA LYS A 72 0.31 9.19 6.50
C LYS A 72 1.66 9.64 7.06
N LYS A 73 2.00 10.90 6.81
CA LYS A 73 3.27 11.45 7.29
C LYS A 73 3.31 11.47 8.82
N GLU A 74 2.29 12.05 9.42
CA GLU A 74 2.21 12.14 10.89
C GLU A 74 1.82 10.79 11.49
N PHE A 75 0.90 10.09 10.82
CA PHE A 75 0.44 8.79 11.30
C PHE A 75 1.33 7.67 10.76
N ALA A 76 2.51 8.04 10.29
CA ALA A 76 3.46 7.07 9.76
C ALA A 76 4.04 6.19 10.85
N PRO A 77 4.27 4.91 10.53
CA PRO A 77 4.82 3.94 11.47
C PRO A 77 6.28 4.22 11.81
N SER A 78 6.73 3.67 12.93
CA SER A 78 8.11 3.88 13.38
C SER A 78 9.00 2.73 12.92
N ASP A 79 10.31 2.96 12.91
CA ASP A 79 11.27 1.95 12.48
C ASP A 79 11.07 0.66 13.27
N GLU A 80 11.37 0.71 14.57
CA GLU A 80 11.24 -0.45 15.43
C GLU A 80 9.83 -1.05 15.31
N GLU A 81 8.82 -0.20 15.36
CA GLU A 81 7.44 -0.65 15.26
C GLU A 81 7.21 -1.43 13.96
N LEU A 82 7.77 -0.92 12.88
CA LEU A 82 7.63 -1.57 11.57
C LEU A 82 8.13 -3.01 11.62
N ASP A 83 9.35 -3.19 12.13
CA ASP A 83 9.94 -4.52 12.24
C ASP A 83 9.01 -5.46 13.01
N SER A 84 8.45 -4.96 14.10
CA SER A 84 7.55 -5.75 14.93
C SER A 84 6.24 -6.04 14.20
N TYR A 85 5.71 -5.02 13.53
CA TYR A 85 4.46 -5.16 12.80
C TYR A 85 4.50 -6.36 11.87
N ARG A 86 5.60 -6.49 11.12
CA ARG A 86 5.77 -7.60 10.19
C ARG A 86 5.94 -8.91 10.93
N ARG A 87 6.76 -8.89 11.99
CA ARG A 87 7.02 -10.07 12.78
C ARG A 87 5.73 -10.61 13.40
N GLY A 88 4.79 -9.70 13.66
CA GLY A 88 3.52 -10.09 14.24
C GLY A 88 3.26 -9.39 15.58
N SER A 89 3.03 -10.19 16.62
CA SER A 89 2.75 -9.64 17.94
C SER A 89 3.96 -9.85 18.87
N GLY A 90 3.96 -9.13 19.98
CA GLY A 90 5.06 -9.24 20.93
C GLY A 90 5.04 -10.56 21.68
N PRO A 91 5.67 -10.58 22.86
CA PRO A 91 5.73 -11.78 23.69
C PRO A 91 4.39 -12.15 24.30
N SER A 92 3.36 -11.35 23.97
CA SER A 92 2.02 -11.59 24.50
C SER A 92 1.21 -12.46 23.54
N SER A 93 0.32 -13.28 24.09
CA SER A 93 -0.51 -14.16 23.28
C SER A 93 -1.02 -13.45 22.04
N GLY A 94 -1.57 -12.25 22.24
CA GLY A 94 -2.10 -11.48 21.13
C GLY A 94 -3.24 -10.57 21.54
N GLY A 1 -15.36 2.98 -27.84
CA GLY A 1 -15.98 4.04 -27.06
C GLY A 1 -15.60 3.98 -25.59
N SER A 2 -16.60 3.90 -24.73
CA SER A 2 -16.37 3.84 -23.29
C SER A 2 -15.86 2.46 -22.87
N SER A 3 -16.69 1.45 -23.11
CA SER A 3 -16.34 0.08 -22.75
C SER A 3 -15.14 -0.40 -23.58
N GLY A 4 -14.36 -1.32 -23.01
CA GLY A 4 -13.20 -1.85 -23.71
C GLY A 4 -11.90 -1.32 -23.13
N SER A 5 -11.18 -2.19 -22.43
CA SER A 5 -9.91 -1.81 -21.82
C SER A 5 -8.95 -2.99 -21.80
N SER A 6 -7.65 -2.69 -21.92
CA SER A 6 -6.62 -3.73 -21.92
C SER A 6 -5.87 -3.74 -20.60
N GLY A 7 -5.27 -4.88 -20.27
CA GLY A 7 -4.52 -5.00 -19.04
C GLY A 7 -3.22 -4.23 -19.06
N GLN A 8 -3.33 -2.91 -19.01
CA GLN A 8 -2.14 -2.05 -19.03
C GLN A 8 -1.99 -1.30 -17.72
N LYS A 9 -0.82 -1.40 -17.11
CA LYS A 9 -0.55 -0.73 -15.84
C LYS A 9 -1.18 0.65 -15.81
N VAL A 10 -1.01 1.40 -16.89
CA VAL A 10 -1.57 2.75 -16.99
C VAL A 10 -2.91 2.83 -16.28
N GLU A 11 -3.82 1.92 -16.63
CA GLU A 11 -5.14 1.90 -16.02
C GLU A 11 -5.05 1.84 -14.49
N PHE A 12 -4.35 0.83 -13.99
CA PHE A 12 -4.17 0.67 -12.55
C PHE A 12 -3.57 1.92 -11.93
N ARG A 13 -2.48 2.40 -12.51
CA ARG A 13 -1.81 3.59 -12.00
C ARG A 13 -2.81 4.72 -11.76
N LYS A 14 -3.55 5.08 -12.80
CA LYS A 14 -4.54 6.15 -12.69
C LYS A 14 -5.47 5.91 -11.51
N ARG A 15 -6.08 4.74 -11.47
CA ARG A 15 -7.00 4.39 -10.40
C ARG A 15 -6.37 4.70 -9.03
N MET A 16 -5.13 4.27 -8.85
CA MET A 16 -4.42 4.50 -7.59
C MET A 16 -4.31 5.99 -7.30
N GLU A 17 -3.98 6.77 -8.33
CA GLU A 17 -3.84 8.21 -8.18
C GLU A 17 -5.09 8.82 -7.57
N LYS A 18 -6.25 8.45 -8.09
CA LYS A 18 -7.53 8.96 -7.60
C LYS A 18 -7.74 8.56 -6.14
N GLU A 19 -7.53 7.28 -5.84
CA GLU A 19 -7.69 6.77 -4.49
C GLU A 19 -6.76 7.49 -3.52
N VAL A 20 -5.45 7.36 -3.77
CA VAL A 20 -4.45 7.99 -2.92
C VAL A 20 -4.85 9.41 -2.54
N SER A 21 -5.06 10.25 -3.54
CA SER A 21 -5.46 11.63 -3.32
C SER A 21 -6.61 11.71 -2.32
N ASP A 22 -7.74 11.10 -2.66
CA ASP A 22 -8.91 11.10 -1.80
C ASP A 22 -8.51 10.81 -0.35
N PHE A 23 -7.60 9.87 -0.17
CA PHE A 23 -7.13 9.51 1.17
C PHE A 23 -6.33 10.65 1.80
N ILE A 24 -5.46 11.25 1.00
CA ILE A 24 -4.63 12.35 1.48
C ILE A 24 -5.48 13.46 2.09
N GLN A 25 -6.47 13.92 1.35
CA GLN A 25 -7.36 14.97 1.82
C GLN A 25 -8.10 14.52 3.08
N ASP A 26 -8.58 13.28 3.06
CA ASP A 26 -9.32 12.73 4.19
C ASP A 26 -8.46 12.74 5.45
N SER A 27 -8.76 13.65 6.37
CA SER A 27 -8.01 13.77 7.62
C SER A 27 -8.36 12.62 8.56
N GLY A 28 -9.66 12.34 8.68
CA GLY A 28 -10.10 11.27 9.56
C GLY A 28 -9.33 9.97 9.33
N GLN A 29 -9.07 9.66 8.07
CA GLN A 29 -8.35 8.44 7.72
C GLN A 29 -6.84 8.66 7.83
N ILE A 30 -6.20 7.91 8.72
CA ILE A 30 -4.76 8.02 8.92
C ILE A 30 -4.02 6.95 8.12
N LYS A 31 -4.65 5.80 7.95
CA LYS A 31 -4.05 4.70 7.20
C LYS A 31 -5.06 4.07 6.24
N LYS A 32 -4.57 3.47 5.17
CA LYS A 32 -5.43 2.83 4.18
C LYS A 32 -4.92 1.44 3.84
N LYS A 33 -5.85 0.49 3.70
CA LYS A 33 -5.49 -0.89 3.37
C LYS A 33 -5.98 -1.26 1.97
N PHE A 34 -5.04 -1.43 1.05
CA PHE A 34 -5.38 -1.79 -0.32
C PHE A 34 -5.62 -3.30 -0.45
N GLN A 35 -6.14 -3.72 -1.59
CA GLN A 35 -6.41 -5.12 -1.84
C GLN A 35 -5.48 -5.69 -2.90
N PRO A 36 -4.99 -6.92 -2.67
CA PRO A 36 -4.07 -7.59 -3.59
C PRO A 36 -4.76 -8.00 -4.89
N MET A 37 -4.70 -7.13 -5.89
CA MET A 37 -5.31 -7.40 -7.18
C MET A 37 -4.28 -7.97 -8.16
N ASN A 38 -3.09 -7.38 -8.17
CA ASN A 38 -2.02 -7.83 -9.06
C ASN A 38 -0.73 -8.05 -8.29
N LYS A 39 0.30 -8.51 -8.99
CA LYS A 39 1.60 -8.76 -8.37
C LYS A 39 2.50 -7.54 -8.48
N ILE A 40 2.36 -6.79 -9.57
CA ILE A 40 3.15 -5.60 -9.80
C ILE A 40 2.53 -4.39 -9.12
N GLU A 41 1.22 -4.46 -8.89
CA GLU A 41 0.49 -3.37 -8.25
C GLU A 41 1.34 -2.71 -7.16
N ARG A 42 2.15 -3.52 -6.49
CA ARG A 42 3.01 -3.03 -5.42
C ARG A 42 3.93 -1.93 -5.93
N SER A 43 4.84 -2.29 -6.83
CA SER A 43 5.79 -1.33 -7.40
C SER A 43 5.06 -0.11 -7.94
N ILE A 44 4.05 -0.35 -8.76
CA ILE A 44 3.26 0.74 -9.35
C ILE A 44 2.65 1.62 -8.27
N LEU A 45 1.71 1.05 -7.52
CA LEU A 45 1.05 1.79 -6.44
C LEU A 45 2.06 2.54 -5.59
N HIS A 46 3.07 1.83 -5.11
CA HIS A 46 4.12 2.43 -4.28
C HIS A 46 4.63 3.72 -4.91
N ASP A 47 4.86 3.67 -6.22
CA ASP A 47 5.36 4.84 -6.96
C ASP A 47 4.40 6.02 -6.81
N VAL A 48 3.12 5.76 -7.05
CA VAL A 48 2.10 6.79 -6.96
C VAL A 48 2.04 7.39 -5.55
N VAL A 49 2.30 6.54 -4.55
CA VAL A 49 2.28 6.98 -3.16
C VAL A 49 3.45 7.91 -2.86
N GLU A 50 4.67 7.40 -3.06
CA GLU A 50 5.87 8.18 -2.81
C GLU A 50 5.77 9.55 -3.47
N VAL A 51 5.16 9.60 -4.64
CA VAL A 51 5.00 10.85 -5.38
C VAL A 51 3.99 11.77 -4.68
N ALA A 52 2.90 11.19 -4.20
CA ALA A 52 1.87 11.96 -3.51
C ALA A 52 2.40 12.55 -2.21
N GLY A 53 3.28 11.81 -1.55
CA GLY A 53 3.85 12.28 -0.30
C GLY A 53 3.33 11.51 0.90
N LEU A 54 3.12 10.20 0.73
CA LEU A 54 2.61 9.36 1.80
C LEU A 54 3.51 8.15 2.02
N THR A 55 3.37 7.51 3.17
CA THR A 55 4.17 6.34 3.50
C THR A 55 3.57 5.07 2.90
N SER A 56 4.44 4.14 2.51
CA SER A 56 4.00 2.88 1.92
C SER A 56 4.76 1.71 2.51
N PHE A 57 4.10 0.56 2.59
CA PHE A 57 4.72 -0.64 3.13
C PHE A 57 3.95 -1.89 2.70
N SER A 58 4.55 -3.05 2.92
CA SER A 58 3.93 -4.32 2.55
C SER A 58 3.75 -5.21 3.77
N PHE A 59 2.52 -5.71 3.95
CA PHE A 59 2.21 -6.57 5.08
C PHE A 59 1.23 -7.66 4.68
N GLY A 60 1.62 -8.91 4.91
CA GLY A 60 0.76 -10.03 4.56
C GLY A 60 0.75 -11.11 5.64
N GLU A 61 -0.43 -11.66 5.91
CA GLU A 61 -0.58 -12.69 6.92
C GLU A 61 -0.09 -14.04 6.38
N ASP A 62 -0.49 -14.36 5.16
CA ASP A 62 -0.09 -15.61 4.54
C ASP A 62 0.74 -15.37 3.29
N ASP A 63 1.78 -16.17 3.09
CA ASP A 63 2.65 -16.03 1.93
C ASP A 63 1.84 -15.77 0.67
N ASP A 64 0.81 -16.59 0.46
CA ASP A 64 -0.05 -16.44 -0.72
C ASP A 64 -0.81 -15.12 -0.67
N CYS A 65 -1.33 -14.78 0.51
CA CYS A 65 -2.08 -13.54 0.69
C CYS A 65 -1.15 -12.40 1.09
N ARG A 66 -0.90 -11.48 0.16
CA ARG A 66 -0.05 -10.34 0.43
C ARG A 66 -0.68 -9.04 -0.07
N TYR A 67 -1.11 -8.21 0.87
CA TYR A 67 -1.75 -6.94 0.53
C TYR A 67 -0.82 -5.77 0.84
N VAL A 68 -1.03 -4.66 0.14
CA VAL A 68 -0.21 -3.46 0.35
C VAL A 68 -0.96 -2.43 1.18
N MET A 69 -0.26 -1.85 2.16
CA MET A 69 -0.86 -0.84 3.03
C MET A 69 -0.11 0.48 2.92
N ILE A 70 -0.73 1.55 3.39
CA ILE A 70 -0.13 2.88 3.34
C ILE A 70 -0.41 3.66 4.62
N PHE A 71 0.54 4.50 5.02
CA PHE A 71 0.38 5.31 6.22
C PHE A 71 0.65 6.78 5.92
N LYS A 72 0.24 7.65 6.84
CA LYS A 72 0.44 9.09 6.68
C LYS A 72 1.80 9.51 7.23
N LYS A 73 2.20 10.75 6.93
CA LYS A 73 3.47 11.28 7.40
C LYS A 73 3.55 11.25 8.92
N GLU A 74 2.61 11.93 9.57
CA GLU A 74 2.58 11.97 11.03
C GLU A 74 2.22 10.60 11.61
N PHE A 75 1.27 9.92 10.97
CA PHE A 75 0.83 8.61 11.42
C PHE A 75 1.74 7.51 10.86
N ALA A 76 2.93 7.91 10.41
CA ALA A 76 3.88 6.96 9.85
C ALA A 76 4.45 6.05 10.93
N PRO A 77 4.62 4.77 10.59
CA PRO A 77 5.16 3.77 11.53
C PRO A 77 6.65 3.99 11.81
N SER A 78 7.11 3.45 12.93
CA SER A 78 8.51 3.59 13.32
C SER A 78 9.33 2.38 12.86
N ASP A 79 10.64 2.54 12.87
CA ASP A 79 11.54 1.47 12.45
C ASP A 79 11.29 0.20 13.26
N GLU A 80 11.62 0.26 14.56
CA GLU A 80 11.43 -0.88 15.45
C GLU A 80 10.01 -1.42 15.35
N GLU A 81 9.04 -0.52 15.40
CA GLU A 81 7.63 -0.90 15.32
C GLU A 81 7.35 -1.68 14.05
N LEU A 82 7.87 -1.19 12.93
CA LEU A 82 7.68 -1.84 11.64
C LEU A 82 8.10 -3.30 11.70
N ASP A 83 9.29 -3.55 12.23
CA ASP A 83 9.81 -4.91 12.35
C ASP A 83 8.84 -5.79 13.12
N SER A 84 8.35 -5.28 14.25
CA SER A 84 7.42 -6.04 15.08
C SER A 84 6.08 -6.24 14.37
N TYR A 85 5.62 -5.19 13.70
CA TYR A 85 4.36 -5.24 12.97
C TYR A 85 4.31 -6.47 12.06
N ARG A 86 5.35 -6.62 11.25
CA ARG A 86 5.43 -7.75 10.32
C ARG A 86 5.56 -9.07 11.08
N ARG A 87 6.40 -9.06 12.12
CA ARG A 87 6.62 -10.25 12.93
C ARG A 87 5.32 -10.75 13.54
N GLY A 88 4.39 -9.83 13.79
CA GLY A 88 3.12 -10.19 14.37
C GLY A 88 2.73 -9.29 15.53
N SER A 89 1.90 -8.30 15.26
CA SER A 89 1.46 -7.37 16.30
C SER A 89 0.09 -7.76 16.85
N GLY A 90 -0.27 -7.20 18.00
CA GLY A 90 -1.55 -7.51 18.61
C GLY A 90 -2.38 -6.27 18.85
N PRO A 91 -3.70 -6.46 19.02
CA PRO A 91 -4.63 -5.35 19.27
C PRO A 91 -4.45 -4.75 20.66
N SER A 92 -3.44 -5.23 21.39
CA SER A 92 -3.16 -4.74 22.72
C SER A 92 -4.30 -5.10 23.69
N SER A 93 -4.74 -6.35 23.61
CA SER A 93 -5.82 -6.82 24.48
C SER A 93 -5.41 -8.08 25.23
N GLY A 94 -6.20 -8.46 26.23
CA GLY A 94 -5.90 -9.65 27.00
C GLY A 94 -4.62 -9.51 27.80
N GLY A 1 -22.68 -3.23 -21.22
CA GLY A 1 -22.39 -2.67 -19.90
C GLY A 1 -21.13 -1.83 -19.89
N SER A 2 -20.19 -2.19 -19.02
CA SER A 2 -18.94 -1.47 -18.91
C SER A 2 -18.04 -1.73 -20.12
N SER A 3 -17.10 -0.82 -20.37
CA SER A 3 -16.18 -0.95 -21.49
C SER A 3 -15.16 -2.04 -21.23
N GLY A 4 -14.66 -2.11 -20.00
CA GLY A 4 -13.68 -3.11 -19.64
C GLY A 4 -12.26 -2.57 -19.67
N SER A 5 -11.31 -3.38 -19.23
CA SER A 5 -9.91 -2.99 -19.18
C SER A 5 -9.20 -3.38 -20.48
N SER A 6 -8.24 -2.54 -20.90
CA SER A 6 -7.49 -2.79 -22.12
C SER A 6 -6.38 -3.80 -21.86
N GLY A 7 -5.81 -3.77 -20.66
CA GLY A 7 -4.74 -4.68 -20.31
C GLY A 7 -3.55 -3.98 -19.70
N GLN A 8 -3.18 -2.84 -20.26
CA GLN A 8 -2.05 -2.07 -19.77
C GLN A 8 -2.30 -1.60 -18.33
N LYS A 9 -1.22 -1.52 -17.55
CA LYS A 9 -1.32 -1.09 -16.16
C LYS A 9 -1.75 0.37 -16.07
N VAL A 10 -1.47 1.13 -17.11
CA VAL A 10 -1.84 2.54 -17.15
C VAL A 10 -3.15 2.80 -16.41
N GLU A 11 -4.17 2.03 -16.75
CA GLU A 11 -5.47 2.16 -16.12
C GLU A 11 -5.36 2.07 -14.60
N PHE A 12 -4.81 0.95 -14.12
CA PHE A 12 -4.64 0.74 -12.69
C PHE A 12 -3.97 1.95 -12.04
N ARG A 13 -2.78 2.30 -12.52
CA ARG A 13 -2.05 3.43 -11.98
C ARG A 13 -2.98 4.62 -11.71
N LYS A 14 -3.76 4.98 -12.73
CA LYS A 14 -4.70 6.09 -12.60
C LYS A 14 -5.61 5.91 -11.39
N ARG A 15 -6.21 4.73 -11.29
CA ARG A 15 -7.11 4.43 -10.18
C ARG A 15 -6.45 4.76 -8.84
N MET A 16 -5.25 4.23 -8.63
CA MET A 16 -4.50 4.47 -7.40
C MET A 16 -4.37 5.95 -7.13
N GLU A 17 -3.98 6.71 -8.16
CA GLU A 17 -3.80 8.15 -8.02
C GLU A 17 -5.04 8.79 -7.40
N LYS A 18 -6.21 8.42 -7.90
CA LYS A 18 -7.47 8.95 -7.39
C LYS A 18 -7.70 8.52 -5.95
N GLU A 19 -7.49 7.24 -5.68
CA GLU A 19 -7.68 6.71 -4.33
C GLU A 19 -6.72 7.37 -3.35
N VAL A 20 -5.43 7.14 -3.54
CA VAL A 20 -4.41 7.72 -2.67
C VAL A 20 -4.71 9.18 -2.35
N SER A 21 -4.82 10.00 -3.40
CA SER A 21 -5.11 11.41 -3.24
C SER A 21 -6.27 11.63 -2.28
N ASP A 22 -7.39 10.98 -2.57
CA ASP A 22 -8.58 11.09 -1.73
C ASP A 22 -8.24 10.84 -0.26
N PHE A 23 -7.48 9.77 -0.01
CA PHE A 23 -7.08 9.41 1.34
C PHE A 23 -6.23 10.52 1.97
N ILE A 24 -5.37 11.12 1.16
CA ILE A 24 -4.49 12.19 1.63
C ILE A 24 -5.30 13.33 2.23
N GLN A 25 -6.21 13.89 1.44
CA GLN A 25 -7.04 14.99 1.89
C GLN A 25 -7.83 14.60 3.15
N ASP A 26 -8.30 13.36 3.17
CA ASP A 26 -9.07 12.85 4.31
C ASP A 26 -8.24 12.90 5.59
N SER A 27 -8.63 13.76 6.52
CA SER A 27 -7.92 13.90 7.79
C SER A 27 -8.12 12.66 8.67
N GLY A 28 -9.36 12.44 9.09
CA GLY A 28 -9.66 11.30 9.93
C GLY A 28 -8.89 10.06 9.52
N GLN A 29 -8.72 9.87 8.22
CA GLN A 29 -8.00 8.71 7.71
C GLN A 29 -6.50 8.88 7.92
N ILE A 30 -5.91 7.99 8.72
CA ILE A 30 -4.49 8.04 8.99
C ILE A 30 -3.74 6.97 8.20
N LYS A 31 -4.43 5.87 7.90
CA LYS A 31 -3.83 4.78 7.14
C LYS A 31 -4.86 4.12 6.22
N LYS A 32 -4.37 3.39 5.23
CA LYS A 32 -5.24 2.71 4.28
C LYS A 32 -4.64 1.37 3.84
N LYS A 33 -5.46 0.33 3.86
CA LYS A 33 -5.01 -1.00 3.46
C LYS A 33 -5.51 -1.35 2.07
N PHE A 34 -4.68 -2.05 1.30
CA PHE A 34 -5.04 -2.45 -0.05
C PHE A 34 -5.04 -3.97 -0.19
N GLN A 35 -5.58 -4.46 -1.31
CA GLN A 35 -5.65 -5.89 -1.56
C GLN A 35 -4.78 -6.28 -2.75
N PRO A 36 -4.06 -7.40 -2.62
CA PRO A 36 -3.18 -7.91 -3.67
C PRO A 36 -3.95 -8.42 -4.88
N MET A 37 -4.18 -7.55 -5.85
CA MET A 37 -4.90 -7.91 -7.06
C MET A 37 -3.95 -8.40 -8.15
N ASN A 38 -2.83 -7.69 -8.30
CA ASN A 38 -1.83 -8.06 -9.30
C ASN A 38 -0.45 -8.15 -8.68
N LYS A 39 0.53 -8.56 -9.47
CA LYS A 39 1.90 -8.70 -9.00
C LYS A 39 2.68 -7.40 -9.20
N ILE A 40 2.27 -6.62 -10.21
CA ILE A 40 2.93 -5.35 -10.50
C ILE A 40 2.28 -4.20 -9.73
N GLU A 41 0.99 -4.34 -9.46
CA GLU A 41 0.24 -3.32 -8.73
C GLU A 41 1.11 -2.72 -7.63
N ARG A 42 1.98 -3.54 -7.05
CA ARG A 42 2.85 -3.09 -5.97
C ARG A 42 3.72 -1.92 -6.44
N SER A 43 4.64 -2.19 -7.36
CA SER A 43 5.53 -1.15 -7.88
C SER A 43 4.74 0.09 -8.28
N ILE A 44 3.66 -0.13 -9.02
CA ILE A 44 2.82 0.98 -9.48
C ILE A 44 2.29 1.79 -8.30
N LEU A 45 1.42 1.18 -7.51
CA LEU A 45 0.83 1.84 -6.35
C LEU A 45 1.92 2.53 -5.53
N HIS A 46 3.02 1.82 -5.27
CA HIS A 46 4.13 2.36 -4.50
C HIS A 46 4.62 3.66 -5.11
N ASP A 47 4.75 3.69 -6.43
CA ASP A 47 5.22 4.88 -7.13
C ASP A 47 4.26 6.05 -6.92
N VAL A 48 2.97 5.80 -7.11
CA VAL A 48 1.94 6.82 -6.93
C VAL A 48 1.95 7.38 -5.52
N VAL A 49 2.27 6.51 -4.55
CA VAL A 49 2.32 6.92 -3.16
C VAL A 49 3.52 7.81 -2.88
N GLU A 50 4.72 7.27 -3.10
CA GLU A 50 5.95 8.01 -2.88
C GLU A 50 5.86 9.41 -3.49
N VAL A 51 5.17 9.51 -4.62
CA VAL A 51 5.02 10.78 -5.31
C VAL A 51 4.02 11.68 -4.58
N ALA A 52 2.93 11.08 -4.10
CA ALA A 52 1.91 11.82 -3.38
C ALA A 52 2.46 12.41 -2.09
N GLY A 53 3.39 11.69 -1.47
CA GLY A 53 3.99 12.16 -0.23
C GLY A 53 3.47 11.40 0.98
N LEU A 54 3.24 10.11 0.82
CA LEU A 54 2.74 9.28 1.91
C LEU A 54 3.66 8.08 2.14
N THR A 55 3.49 7.42 3.28
CA THR A 55 4.29 6.26 3.63
C THR A 55 3.74 5.00 2.98
N SER A 56 4.65 4.19 2.43
CA SER A 56 4.25 2.94 1.77
C SER A 56 5.07 1.77 2.29
N PHE A 57 4.40 0.63 2.52
CA PHE A 57 5.07 -0.55 3.02
C PHE A 57 4.44 -1.82 2.42
N SER A 58 5.22 -2.90 2.40
CA SER A 58 4.74 -4.16 1.86
C SER A 58 4.60 -5.21 2.95
N PHE A 59 3.37 -5.52 3.31
CA PHE A 59 3.09 -6.51 4.35
C PHE A 59 2.18 -7.62 3.83
N GLY A 60 2.65 -8.85 3.94
CA GLY A 60 1.86 -9.98 3.47
C GLY A 60 1.91 -11.16 4.43
N GLU A 61 0.89 -12.02 4.36
CA GLU A 61 0.83 -13.19 5.23
C GLU A 61 1.52 -14.39 4.59
N ASP A 62 1.52 -14.43 3.26
CA ASP A 62 2.14 -15.52 2.53
C ASP A 62 3.15 -14.98 1.51
N ASP A 63 4.33 -15.58 1.49
CA ASP A 63 5.39 -15.16 0.57
C ASP A 63 4.82 -14.96 -0.84
N ASP A 64 3.94 -15.86 -1.25
CA ASP A 64 3.33 -15.77 -2.57
C ASP A 64 2.23 -14.71 -2.61
N CYS A 65 1.42 -14.67 -1.55
CA CYS A 65 0.34 -13.72 -1.46
C CYS A 65 0.62 -12.67 -0.39
N ARG A 66 0.84 -11.43 -0.81
CA ARG A 66 1.14 -10.34 0.11
C ARG A 66 0.41 -9.07 -0.30
N TYR A 67 -0.22 -8.42 0.67
CA TYR A 67 -0.96 -7.18 0.41
C TYR A 67 -0.07 -5.96 0.63
N VAL A 68 -0.54 -4.80 0.15
CA VAL A 68 0.21 -3.56 0.30
C VAL A 68 -0.55 -2.57 1.17
N MET A 69 0.16 -1.92 2.08
CA MET A 69 -0.44 -0.94 2.97
C MET A 69 0.25 0.41 2.86
N ILE A 70 -0.40 1.45 3.36
CA ILE A 70 0.15 2.80 3.31
C ILE A 70 -0.17 3.57 4.58
N PHE A 71 0.76 4.43 4.99
CA PHE A 71 0.57 5.24 6.20
C PHE A 71 0.85 6.72 5.91
N LYS A 72 0.42 7.57 6.82
CA LYS A 72 0.62 9.01 6.67
C LYS A 72 1.98 9.44 7.25
N LYS A 73 2.37 10.67 6.95
CA LYS A 73 3.64 11.20 7.44
C LYS A 73 3.65 11.28 8.96
N GLU A 74 2.60 11.83 9.53
CA GLU A 74 2.48 11.96 10.98
C GLU A 74 2.07 10.64 11.62
N PHE A 75 1.16 9.94 10.97
CA PHE A 75 0.67 8.66 11.47
C PHE A 75 1.51 7.50 10.92
N ALA A 76 2.70 7.83 10.43
CA ALA A 76 3.60 6.83 9.87
C ALA A 76 4.18 5.94 10.97
N PRO A 77 4.37 4.66 10.65
CA PRO A 77 4.92 3.68 11.59
C PRO A 77 6.39 3.93 11.90
N SER A 78 6.81 3.56 13.11
CA SER A 78 8.20 3.75 13.52
C SER A 78 9.05 2.53 13.16
N ASP A 79 10.36 2.69 13.23
CA ASP A 79 11.28 1.61 12.91
C ASP A 79 10.98 0.37 13.75
N GLU A 80 11.22 0.48 15.06
CA GLU A 80 10.97 -0.62 15.97
C GLU A 80 9.55 -1.16 15.81
N GLU A 81 8.58 -0.25 15.74
CA GLU A 81 7.19 -0.63 15.58
C GLU A 81 6.98 -1.43 14.30
N LEU A 82 7.66 -1.02 13.24
CA LEU A 82 7.55 -1.71 11.95
C LEU A 82 7.95 -3.17 12.07
N ASP A 83 9.10 -3.41 12.69
CA ASP A 83 9.60 -4.77 12.88
C ASP A 83 8.58 -5.62 13.64
N SER A 84 8.03 -5.05 14.71
CA SER A 84 7.05 -5.76 15.53
C SER A 84 5.74 -5.94 14.77
N TYR A 85 5.37 -4.93 13.98
CA TYR A 85 4.15 -4.97 13.20
C TYR A 85 4.11 -6.21 12.31
N ARG A 86 5.21 -6.43 11.58
CA ARG A 86 5.30 -7.58 10.69
C ARG A 86 5.33 -8.89 11.47
N ARG A 87 6.11 -8.91 12.55
CA ARG A 87 6.24 -10.09 13.38
C ARG A 87 4.88 -10.51 13.95
N GLY A 88 4.00 -9.53 14.11
CA GLY A 88 2.68 -9.81 14.65
C GLY A 88 2.10 -11.10 14.11
N SER A 89 2.27 -11.34 12.81
CA SER A 89 1.75 -12.54 12.18
C SER A 89 2.90 -13.45 11.73
N GLY A 90 2.75 -14.75 12.01
CA GLY A 90 3.78 -15.70 11.63
C GLY A 90 4.66 -16.10 12.80
N PRO A 91 4.83 -17.41 13.01
CA PRO A 91 5.65 -17.95 14.09
C PRO A 91 7.13 -17.70 13.88
N SER A 92 7.70 -16.78 14.66
CA SER A 92 9.11 -16.44 14.56
C SER A 92 9.97 -17.48 15.26
N SER A 93 11.24 -17.52 14.91
CA SER A 93 12.18 -18.47 15.51
C SER A 93 13.48 -17.78 15.89
N GLY A 94 14.28 -18.46 16.72
CA GLY A 94 15.55 -17.90 17.15
C GLY A 94 16.29 -18.82 18.09
N GLY A 1 7.88 -9.51 -30.08
CA GLY A 1 6.46 -9.65 -30.36
C GLY A 1 5.71 -10.29 -29.20
N SER A 2 5.12 -9.46 -28.36
CA SER A 2 4.37 -9.96 -27.20
C SER A 2 2.86 -9.81 -27.43
N SER A 3 2.10 -10.76 -26.91
CA SER A 3 0.64 -10.74 -27.05
C SER A 3 0.04 -9.61 -26.23
N GLY A 4 -1.15 -9.17 -26.63
CA GLY A 4 -1.83 -8.09 -25.92
C GLY A 4 -2.50 -8.58 -24.65
N SER A 5 -1.76 -8.57 -23.56
CA SER A 5 -2.28 -9.02 -22.27
C SER A 5 -3.48 -8.17 -21.86
N SER A 6 -4.41 -8.79 -21.13
CA SER A 6 -5.60 -8.09 -20.67
C SER A 6 -5.37 -7.44 -19.31
N GLY A 7 -5.57 -6.13 -19.25
CA GLY A 7 -5.38 -5.40 -18.01
C GLY A 7 -4.12 -4.56 -18.02
N GLN A 8 -4.13 -3.48 -18.79
CA GLN A 8 -2.99 -2.59 -18.89
C GLN A 8 -2.67 -1.96 -17.53
N LYS A 9 -1.45 -1.44 -17.40
CA LYS A 9 -1.02 -0.82 -16.16
C LYS A 9 -1.55 0.60 -16.05
N VAL A 10 -1.44 1.36 -17.14
CA VAL A 10 -1.93 2.74 -17.16
C VAL A 10 -3.23 2.88 -16.38
N GLU A 11 -4.20 2.03 -16.71
CA GLU A 11 -5.50 2.06 -16.04
C GLU A 11 -5.34 1.98 -14.53
N PHE A 12 -4.64 0.94 -14.07
CA PHE A 12 -4.42 0.74 -12.65
C PHE A 12 -3.79 1.98 -12.02
N ARG A 13 -2.73 2.48 -12.65
CA ARG A 13 -2.03 3.66 -12.16
C ARG A 13 -3.02 4.77 -11.80
N LYS A 14 -3.85 5.14 -12.77
CA LYS A 14 -4.84 6.19 -12.55
C LYS A 14 -5.69 5.90 -11.33
N ARG A 15 -6.22 4.68 -11.25
CA ARG A 15 -7.04 4.28 -10.12
C ARG A 15 -6.35 4.61 -8.79
N MET A 16 -5.09 4.21 -8.68
CA MET A 16 -4.32 4.46 -7.47
C MET A 16 -4.27 5.95 -7.15
N GLU A 17 -4.07 6.77 -8.19
CA GLU A 17 -4.01 8.21 -8.03
C GLU A 17 -5.25 8.74 -7.32
N LYS A 18 -6.42 8.29 -7.78
CA LYS A 18 -7.68 8.71 -7.20
C LYS A 18 -7.80 8.24 -5.75
N GLU A 19 -7.56 6.94 -5.54
CA GLU A 19 -7.64 6.36 -4.20
C GLU A 19 -6.68 7.06 -3.24
N VAL A 20 -5.39 6.95 -3.53
CA VAL A 20 -4.37 7.57 -2.69
C VAL A 20 -4.76 8.99 -2.31
N SER A 21 -4.91 9.85 -3.32
CA SER A 21 -5.28 11.24 -3.08
C SER A 21 -6.43 11.34 -2.09
N ASP A 22 -7.56 10.74 -2.44
CA ASP A 22 -8.74 10.76 -1.58
C ASP A 22 -8.34 10.56 -0.12
N PHE A 23 -7.47 9.58 0.12
CA PHE A 23 -7.02 9.28 1.47
C PHE A 23 -6.26 10.46 2.06
N ILE A 24 -5.40 11.07 1.24
CA ILE A 24 -4.61 12.22 1.69
C ILE A 24 -5.49 13.29 2.29
N GLN A 25 -6.48 13.74 1.52
CA GLN A 25 -7.40 14.78 1.98
C GLN A 25 -8.11 14.35 3.26
N ASP A 26 -8.55 13.10 3.30
CA ASP A 26 -9.25 12.56 4.47
C ASP A 26 -8.36 12.66 5.71
N SER A 27 -8.75 13.52 6.65
CA SER A 27 -7.99 13.72 7.87
C SER A 27 -8.23 12.56 8.84
N GLY A 28 -9.49 12.33 9.17
CA GLY A 28 -9.84 11.25 10.10
C GLY A 28 -9.02 10.00 9.85
N GLN A 29 -8.82 9.67 8.58
CA GLN A 29 -8.05 8.49 8.21
C GLN A 29 -6.55 8.75 8.34
N ILE A 30 -5.86 7.91 9.10
CA ILE A 30 -4.43 8.05 9.31
C ILE A 30 -3.66 6.97 8.54
N LYS A 31 -4.28 5.80 8.39
CA LYS A 31 -3.65 4.69 7.68
C LYS A 31 -4.66 3.98 6.79
N LYS A 32 -4.16 3.36 5.72
CA LYS A 32 -5.02 2.64 4.80
C LYS A 32 -4.33 1.38 4.28
N LYS A 33 -5.08 0.28 4.21
CA LYS A 33 -4.54 -0.99 3.75
C LYS A 33 -5.07 -1.32 2.36
N PHE A 34 -4.25 -1.99 1.55
CA PHE A 34 -4.64 -2.37 0.21
C PHE A 34 -4.62 -3.89 0.04
N GLN A 35 -5.16 -4.37 -1.08
CA GLN A 35 -5.21 -5.79 -1.36
C GLN A 35 -4.34 -6.15 -2.56
N PRO A 36 -3.61 -7.27 -2.45
CA PRO A 36 -2.72 -7.73 -3.52
C PRO A 36 -3.49 -8.23 -4.75
N MET A 37 -3.94 -7.29 -5.56
CA MET A 37 -4.70 -7.63 -6.77
C MET A 37 -3.77 -8.19 -7.85
N ASN A 38 -2.61 -7.55 -8.01
CA ASN A 38 -1.63 -7.99 -9.01
C ASN A 38 -0.26 -8.18 -8.38
N LYS A 39 0.70 -8.61 -9.18
CA LYS A 39 2.06 -8.83 -8.71
C LYS A 39 2.92 -7.58 -8.94
N ILE A 40 2.52 -6.76 -9.89
CA ILE A 40 3.25 -5.54 -10.21
C ILE A 40 2.66 -4.34 -9.48
N GLU A 41 1.35 -4.39 -9.24
CA GLU A 41 0.65 -3.30 -8.56
C GLU A 41 1.51 -2.73 -7.45
N ARG A 42 2.37 -3.56 -6.87
CA ARG A 42 3.25 -3.14 -5.79
C ARG A 42 4.13 -1.98 -6.24
N SER A 43 4.88 -2.19 -7.32
CA SER A 43 5.78 -1.17 -7.84
C SER A 43 4.99 0.03 -8.34
N ILE A 44 3.88 -0.24 -9.03
CA ILE A 44 3.03 0.83 -9.57
C ILE A 44 2.48 1.71 -8.45
N LEU A 45 1.68 1.10 -7.58
CA LEU A 45 1.09 1.84 -6.46
C LEU A 45 2.17 2.57 -5.66
N HIS A 46 3.29 1.90 -5.44
CA HIS A 46 4.40 2.49 -4.69
C HIS A 46 4.82 3.83 -5.31
N ASP A 47 4.96 3.85 -6.63
CA ASP A 47 5.35 5.06 -7.34
C ASP A 47 4.32 6.17 -7.14
N VAL A 48 3.05 5.82 -7.23
CA VAL A 48 1.96 6.78 -7.07
C VAL A 48 1.99 7.40 -5.68
N VAL A 49 2.30 6.57 -4.68
CA VAL A 49 2.37 7.04 -3.30
C VAL A 49 3.56 7.97 -3.08
N GLU A 50 4.76 7.45 -3.33
CA GLU A 50 5.98 8.23 -3.17
C GLU A 50 5.83 9.61 -3.81
N VAL A 51 5.12 9.65 -4.94
CA VAL A 51 4.91 10.90 -5.66
C VAL A 51 3.92 11.80 -4.93
N ALA A 52 2.85 11.19 -4.42
CA ALA A 52 1.83 11.93 -3.68
C ALA A 52 2.39 12.50 -2.38
N GLY A 53 3.34 11.79 -1.80
CA GLY A 53 3.94 12.24 -0.55
C GLY A 53 3.45 11.45 0.64
N LEU A 54 3.30 10.14 0.47
CA LEU A 54 2.83 9.27 1.53
C LEU A 54 3.79 8.09 1.73
N THR A 55 3.70 7.45 2.89
CA THR A 55 4.55 6.31 3.20
C THR A 55 3.87 4.99 2.82
N SER A 56 4.66 4.08 2.26
CA SER A 56 4.13 2.78 1.84
C SER A 56 5.03 1.65 2.34
N PHE A 57 4.47 0.45 2.40
CA PHE A 57 5.21 -0.72 2.87
C PHE A 57 4.56 -2.01 2.38
N SER A 58 5.25 -3.12 2.55
CA SER A 58 4.74 -4.42 2.12
C SER A 58 4.70 -5.41 3.30
N PHE A 59 3.53 -5.99 3.51
CA PHE A 59 3.34 -6.94 4.60
C PHE A 59 2.33 -8.03 4.21
N GLY A 60 2.77 -9.28 4.30
CA GLY A 60 1.90 -10.39 3.95
C GLY A 60 2.01 -11.55 4.92
N GLU A 61 0.95 -12.33 5.04
CA GLU A 61 0.94 -13.47 5.95
C GLU A 61 1.80 -14.61 5.40
N ASP A 62 1.72 -14.83 4.09
CA ASP A 62 2.50 -15.88 3.45
C ASP A 62 3.36 -15.30 2.32
N ASP A 63 4.49 -15.95 2.07
CA ASP A 63 5.41 -15.50 1.01
C ASP A 63 4.64 -15.25 -0.29
N ASP A 64 3.71 -16.13 -0.60
CA ASP A 64 2.92 -16.01 -1.83
C ASP A 64 1.97 -14.82 -1.73
N CYS A 65 1.36 -14.65 -0.57
CA CYS A 65 0.41 -13.55 -0.35
C CYS A 65 1.12 -12.35 0.28
N ARG A 66 1.24 -11.27 -0.49
CA ARG A 66 1.89 -10.07 -0.01
C ARG A 66 1.07 -8.82 -0.36
N TYR A 67 0.51 -8.19 0.66
CA TYR A 67 -0.29 -6.99 0.45
C TYR A 67 0.52 -5.73 0.70
N VAL A 68 0.02 -4.60 0.19
CA VAL A 68 0.71 -3.32 0.35
C VAL A 68 -0.08 -2.38 1.26
N MET A 69 0.63 -1.67 2.13
CA MET A 69 -0.02 -0.73 3.05
C MET A 69 0.60 0.65 2.92
N ILE A 70 -0.12 1.66 3.39
CA ILE A 70 0.36 3.03 3.34
C ILE A 70 -0.01 3.80 4.60
N PHE A 71 0.89 4.68 5.04
CA PHE A 71 0.66 5.48 6.23
C PHE A 71 0.97 6.95 5.98
N LYS A 72 0.47 7.82 6.85
CA LYS A 72 0.70 9.25 6.73
C LYS A 72 2.06 9.63 7.28
N LYS A 73 2.43 10.91 7.12
CA LYS A 73 3.70 11.41 7.59
C LYS A 73 3.74 11.41 9.12
N GLU A 74 2.74 12.05 9.73
CA GLU A 74 2.67 12.13 11.18
C GLU A 74 2.23 10.79 11.78
N PHE A 75 1.30 10.12 11.10
CA PHE A 75 0.80 8.83 11.57
C PHE A 75 1.61 7.68 10.98
N ALA A 76 2.81 8.01 10.49
CA ALA A 76 3.70 7.01 9.91
C ALA A 76 4.25 6.07 10.98
N PRO A 77 4.42 4.80 10.61
CA PRO A 77 4.95 3.78 11.53
C PRO A 77 6.42 3.99 11.84
N SER A 78 6.88 3.43 12.96
CA SER A 78 8.27 3.57 13.38
C SER A 78 9.05 2.30 13.06
N ASP A 79 10.36 2.37 13.23
CA ASP A 79 11.23 1.23 12.96
C ASP A 79 10.78 0.00 13.74
N GLU A 80 10.91 0.06 15.06
CA GLU A 80 10.51 -1.04 15.93
C GLU A 80 9.06 -1.45 15.66
N GLU A 81 8.18 -0.45 15.63
CA GLU A 81 6.76 -0.71 15.40
C GLU A 81 6.55 -1.47 14.09
N LEU A 82 7.30 -1.09 13.07
CA LEU A 82 7.21 -1.74 11.77
C LEU A 82 7.47 -3.24 11.88
N ASP A 83 8.62 -3.59 12.45
CA ASP A 83 8.99 -5.00 12.63
C ASP A 83 7.89 -5.75 13.36
N SER A 84 7.25 -5.09 14.32
CA SER A 84 6.18 -5.71 15.10
C SER A 84 4.89 -5.77 14.28
N TYR A 85 4.67 -4.76 13.45
CA TYR A 85 3.47 -4.69 12.62
C TYR A 85 3.45 -5.83 11.61
N ARG A 86 4.59 -6.07 10.97
CA ARG A 86 4.70 -7.13 9.97
C ARG A 86 4.72 -8.50 10.64
N ARG A 87 5.37 -8.58 11.81
CA ARG A 87 5.48 -9.83 12.55
C ARG A 87 4.12 -10.25 13.10
N GLY A 88 3.26 -9.26 13.37
CA GLY A 88 1.94 -9.54 13.89
C GLY A 88 1.77 -9.05 15.32
N SER A 89 0.64 -8.41 15.59
CA SER A 89 0.35 -7.88 16.92
C SER A 89 -0.09 -8.99 17.86
N GLY A 90 -1.10 -9.75 17.45
CA GLY A 90 -1.59 -10.83 18.28
C GLY A 90 -0.52 -11.88 18.57
N PRO A 91 -0.93 -13.01 19.15
CA PRO A 91 -0.02 -14.10 19.50
C PRO A 91 0.52 -14.81 18.27
N SER A 92 -0.28 -14.86 17.21
CA SER A 92 0.11 -15.52 15.97
C SER A 92 0.91 -14.57 15.09
N SER A 93 1.99 -15.09 14.49
CA SER A 93 2.84 -14.29 13.62
C SER A 93 2.36 -14.35 12.18
N GLY A 94 2.17 -15.56 11.67
CA GLY A 94 1.71 -15.73 10.30
C GLY A 94 1.94 -17.13 9.78
N GLY A 1 -1.53 -10.65 -28.14
CA GLY A 1 -1.18 -9.25 -28.01
C GLY A 1 -1.65 -8.42 -29.18
N SER A 2 -2.50 -7.44 -28.91
CA SER A 2 -3.03 -6.57 -29.96
C SER A 2 -3.42 -5.21 -29.39
N SER A 3 -3.38 -4.19 -30.25
CA SER A 3 -3.72 -2.84 -29.82
C SER A 3 -5.22 -2.60 -29.92
N GLY A 4 -5.72 -1.62 -29.16
CA GLY A 4 -7.13 -1.31 -29.17
C GLY A 4 -7.81 -1.67 -27.86
N SER A 5 -7.77 -2.94 -27.50
CA SER A 5 -8.39 -3.40 -26.26
C SER A 5 -7.62 -2.91 -25.04
N SER A 6 -8.26 -2.91 -23.88
CA SER A 6 -7.63 -2.47 -22.65
C SER A 6 -6.83 -3.59 -22.01
N GLY A 7 -6.13 -3.26 -20.92
CA GLY A 7 -5.34 -4.26 -20.23
C GLY A 7 -3.88 -3.86 -20.11
N GLN A 8 -3.64 -2.78 -19.36
CA GLN A 8 -2.28 -2.28 -19.16
C GLN A 8 -2.11 -1.70 -17.76
N LYS A 9 -0.87 -1.57 -17.33
CA LYS A 9 -0.57 -1.02 -16.01
C LYS A 9 -1.08 0.41 -15.88
N VAL A 10 -0.83 1.22 -16.91
CA VAL A 10 -1.27 2.61 -16.90
C VAL A 10 -2.61 2.76 -16.19
N GLU A 11 -3.65 2.17 -16.78
CA GLU A 11 -4.99 2.24 -16.20
C GLU A 11 -4.93 2.17 -14.68
N PHE A 12 -4.40 1.08 -14.16
CA PHE A 12 -4.29 0.89 -12.72
C PHE A 12 -3.59 2.08 -12.06
N ARG A 13 -2.44 2.45 -12.60
CA ARG A 13 -1.68 3.58 -12.07
C ARG A 13 -2.59 4.77 -11.79
N LYS A 14 -3.38 5.15 -12.79
CA LYS A 14 -4.30 6.27 -12.64
C LYS A 14 -5.25 6.06 -11.47
N ARG A 15 -5.94 4.93 -11.47
CA ARG A 15 -6.87 4.61 -10.39
C ARG A 15 -6.23 4.85 -9.03
N MET A 16 -5.01 4.37 -8.85
CA MET A 16 -4.28 4.54 -7.60
C MET A 16 -4.08 6.02 -7.29
N GLU A 17 -3.70 6.79 -8.30
CA GLU A 17 -3.47 8.22 -8.12
C GLU A 17 -4.67 8.89 -7.45
N LYS A 18 -5.87 8.58 -7.95
CA LYS A 18 -7.09 9.15 -7.41
C LYS A 18 -7.32 8.68 -5.97
N GLU A 19 -7.38 7.37 -5.78
CA GLU A 19 -7.59 6.80 -4.46
C GLU A 19 -6.62 7.42 -3.45
N VAL A 20 -5.35 7.48 -3.81
CA VAL A 20 -4.33 8.04 -2.94
C VAL A 20 -4.70 9.44 -2.50
N SER A 21 -4.79 10.36 -3.45
CA SER A 21 -5.13 11.74 -3.16
C SER A 21 -6.33 11.82 -2.23
N ASP A 22 -7.42 11.18 -2.63
CA ASP A 22 -8.64 11.17 -1.83
C ASP A 22 -8.33 10.88 -0.37
N PHE A 23 -7.50 9.86 -0.14
CA PHE A 23 -7.12 9.47 1.21
C PHE A 23 -6.38 10.61 1.92
N ILE A 24 -5.48 11.26 1.19
CA ILE A 24 -4.71 12.37 1.74
C ILE A 24 -5.62 13.43 2.35
N GLN A 25 -6.56 13.92 1.55
CA GLN A 25 -7.49 14.93 2.01
C GLN A 25 -8.30 14.44 3.21
N ASP A 26 -8.71 13.17 3.15
CA ASP A 26 -9.49 12.58 4.24
C ASP A 26 -8.68 12.52 5.52
N SER A 27 -9.11 13.30 6.51
CA SER A 27 -8.42 13.35 7.80
C SER A 27 -8.84 12.18 8.69
N GLY A 28 -10.15 11.94 8.76
CA GLY A 28 -10.65 10.85 9.58
C GLY A 28 -9.82 9.60 9.45
N GLN A 29 -9.39 9.30 8.23
CA GLN A 29 -8.58 8.11 7.97
C GLN A 29 -7.09 8.44 8.10
N ILE A 30 -6.40 7.71 8.98
CA ILE A 30 -4.98 7.91 9.18
C ILE A 30 -4.15 6.92 8.37
N LYS A 31 -4.77 5.80 8.01
CA LYS A 31 -4.09 4.77 7.23
C LYS A 31 -5.05 4.11 6.25
N LYS A 32 -4.51 3.47 5.23
CA LYS A 32 -5.31 2.79 4.22
C LYS A 32 -4.69 1.46 3.82
N LYS A 33 -5.46 0.38 3.99
CA LYS A 33 -4.97 -0.95 3.64
C LYS A 33 -5.49 -1.37 2.27
N PHE A 34 -4.58 -1.51 1.31
CA PHE A 34 -4.94 -1.92 -0.04
C PHE A 34 -5.02 -3.44 -0.16
N GLN A 35 -5.57 -3.91 -1.26
CA GLN A 35 -5.71 -5.35 -1.49
C GLN A 35 -4.88 -5.79 -2.70
N PRO A 36 -4.22 -6.94 -2.57
CA PRO A 36 -3.38 -7.49 -3.64
C PRO A 36 -4.21 -8.00 -4.83
N MET A 37 -4.60 -7.06 -5.69
CA MET A 37 -5.39 -7.41 -6.87
C MET A 37 -4.51 -8.00 -7.97
N ASN A 38 -3.34 -7.42 -8.16
CA ASN A 38 -2.40 -7.89 -9.18
C ASN A 38 -1.02 -8.12 -8.59
N LYS A 39 -0.12 -8.65 -9.40
CA LYS A 39 1.25 -8.91 -8.95
C LYS A 39 2.13 -7.68 -9.12
N ILE A 40 1.89 -6.93 -10.19
CA ILE A 40 2.65 -5.72 -10.47
C ILE A 40 2.02 -4.50 -9.80
N GLU A 41 0.71 -4.54 -9.64
CA GLU A 41 -0.01 -3.44 -9.01
C GLU A 41 0.73 -2.94 -7.76
N ARG A 42 1.47 -3.84 -7.13
CA ARG A 42 2.22 -3.49 -5.93
C ARG A 42 3.24 -2.39 -6.23
N SER A 43 4.13 -2.66 -7.18
CA SER A 43 5.16 -1.70 -7.56
C SER A 43 4.54 -0.40 -8.06
N ILE A 44 3.52 -0.53 -8.91
CA ILE A 44 2.83 0.64 -9.46
C ILE A 44 2.31 1.54 -8.35
N LEU A 45 1.40 1.01 -7.55
CA LEU A 45 0.81 1.76 -6.44
C LEU A 45 1.91 2.39 -5.58
N HIS A 46 2.93 1.60 -5.27
CA HIS A 46 4.04 2.07 -4.44
C HIS A 46 4.58 3.40 -4.97
N ASP A 47 4.93 3.42 -6.25
CA ASP A 47 5.46 4.63 -6.88
C ASP A 47 4.49 5.80 -6.70
N VAL A 48 3.21 5.55 -6.93
CA VAL A 48 2.19 6.58 -6.80
C VAL A 48 2.16 7.15 -5.38
N VAL A 49 2.45 6.30 -4.40
CA VAL A 49 2.47 6.73 -3.01
C VAL A 49 3.67 7.62 -2.72
N GLU A 50 4.87 7.11 -2.98
CA GLU A 50 6.09 7.86 -2.75
C GLU A 50 6.01 9.24 -3.40
N VAL A 51 5.29 9.32 -4.52
CA VAL A 51 5.12 10.57 -5.24
C VAL A 51 4.08 11.47 -4.57
N ALA A 52 3.00 10.85 -4.10
CA ALA A 52 1.93 11.59 -3.44
C ALA A 52 2.44 12.28 -2.19
N GLY A 53 3.40 11.65 -1.51
CA GLY A 53 3.96 12.22 -0.30
C GLY A 53 3.46 11.51 0.95
N LEU A 54 3.25 10.20 0.83
CA LEU A 54 2.78 9.41 1.96
C LEU A 54 3.72 8.24 2.23
N THR A 55 3.52 7.56 3.36
CA THR A 55 4.34 6.42 3.72
C THR A 55 3.78 5.12 3.17
N SER A 56 4.63 4.34 2.52
CA SER A 56 4.21 3.07 1.94
C SER A 56 4.94 1.90 2.59
N PHE A 57 4.22 0.81 2.80
CA PHE A 57 4.79 -0.38 3.43
C PHE A 57 4.03 -1.63 3.02
N SER A 58 4.75 -2.61 2.48
CA SER A 58 4.14 -3.86 2.04
C SER A 58 4.15 -4.89 3.17
N PHE A 59 2.96 -5.27 3.63
CA PHE A 59 2.83 -6.25 4.69
C PHE A 59 2.05 -7.47 4.23
N GLY A 60 2.65 -8.65 4.38
CA GLY A 60 2.00 -9.88 3.96
C GLY A 60 2.18 -11.00 4.97
N GLU A 61 1.07 -11.65 5.34
CA GLU A 61 1.13 -12.74 6.30
C GLU A 61 1.70 -14.00 5.65
N ASP A 62 1.50 -14.14 4.35
CA ASP A 62 2.00 -15.29 3.62
C ASP A 62 2.84 -14.86 2.42
N ASP A 63 3.39 -15.84 1.70
CA ASP A 63 4.22 -15.55 0.53
C ASP A 63 3.35 -15.41 -0.72
N ASP A 64 2.43 -16.33 -0.90
CA ASP A 64 1.54 -16.31 -2.06
C ASP A 64 0.69 -15.04 -2.07
N CYS A 65 0.19 -14.66 -0.91
CA CYS A 65 -0.64 -13.47 -0.78
C CYS A 65 0.14 -12.34 -0.10
N ARG A 66 0.37 -11.26 -0.84
CA ARG A 66 1.09 -10.11 -0.32
C ARG A 66 0.33 -8.82 -0.59
N TYR A 67 -0.29 -8.27 0.46
CA TYR A 67 -1.04 -7.03 0.33
C TYR A 67 -0.16 -5.82 0.58
N VAL A 68 -0.65 -4.65 0.20
CA VAL A 68 0.10 -3.41 0.39
C VAL A 68 -0.65 -2.44 1.31
N MET A 69 0.09 -1.82 2.23
CA MET A 69 -0.51 -0.88 3.16
C MET A 69 0.18 0.48 3.08
N ILE A 70 -0.50 1.53 3.54
CA ILE A 70 0.05 2.87 3.52
C ILE A 70 -0.33 3.65 4.78
N PHE A 71 0.55 4.53 5.22
CA PHE A 71 0.31 5.33 6.41
C PHE A 71 0.55 6.81 6.13
N LYS A 72 0.02 7.67 7.00
CA LYS A 72 0.18 9.11 6.85
C LYS A 72 1.54 9.56 7.38
N LYS A 73 1.87 10.82 7.13
CA LYS A 73 3.14 11.38 7.59
C LYS A 73 3.24 11.34 9.11
N GLU A 74 2.23 11.88 9.78
CA GLU A 74 2.20 11.90 11.25
C GLU A 74 1.87 10.52 11.79
N PHE A 75 0.94 9.83 11.14
CA PHE A 75 0.53 8.50 11.56
C PHE A 75 1.41 7.43 10.93
N ALA A 76 2.57 7.85 10.43
CA ALA A 76 3.50 6.92 9.79
C ALA A 76 4.15 6.01 10.82
N PRO A 77 4.40 4.75 10.41
CA PRO A 77 5.03 3.75 11.28
C PRO A 77 6.49 4.06 11.57
N SER A 78 7.00 3.55 12.69
CA SER A 78 8.39 3.78 13.07
C SER A 78 9.25 2.56 12.74
N ASP A 79 10.56 2.76 12.78
CA ASP A 79 11.49 1.67 12.47
C ASP A 79 11.21 0.45 13.34
N GLU A 80 11.43 0.58 14.65
CA GLU A 80 11.19 -0.52 15.58
C GLU A 80 9.77 -1.06 15.43
N GLU A 81 8.80 -0.16 15.30
CA GLU A 81 7.41 -0.54 15.15
C GLU A 81 7.21 -1.37 13.89
N LEU A 82 7.94 -1.01 12.83
CA LEU A 82 7.84 -1.71 11.56
C LEU A 82 8.27 -3.18 11.70
N ASP A 83 9.42 -3.39 12.34
CA ASP A 83 9.94 -4.73 12.55
C ASP A 83 8.95 -5.58 13.35
N SER A 84 8.34 -4.96 14.35
CA SER A 84 7.38 -5.66 15.21
C SER A 84 6.08 -5.90 14.46
N TYR A 85 5.64 -4.91 13.69
CA TYR A 85 4.40 -5.01 12.93
C TYR A 85 4.41 -6.26 12.05
N ARG A 86 5.53 -6.49 11.38
CA ARG A 86 5.67 -7.65 10.49
C ARG A 86 5.78 -8.93 11.31
N ARG A 87 6.57 -8.90 12.37
CA ARG A 87 6.76 -10.06 13.23
C ARG A 87 5.43 -10.52 13.82
N GLY A 88 4.52 -9.56 14.01
CA GLY A 88 3.22 -9.88 14.58
C GLY A 88 2.30 -10.55 13.58
N SER A 89 1.12 -10.94 14.03
CA SER A 89 0.14 -11.59 13.17
C SER A 89 -0.35 -10.64 12.08
N GLY A 90 -0.94 -9.53 12.50
CA GLY A 90 -1.44 -8.55 11.55
C GLY A 90 -2.94 -8.66 11.34
N PRO A 91 -3.60 -7.51 11.10
CA PRO A 91 -5.04 -7.46 10.89
C PRO A 91 -5.45 -8.08 9.56
N SER A 92 -6.76 -8.23 9.35
CA SER A 92 -7.28 -8.81 8.12
C SER A 92 -8.66 -8.25 7.80
N SER A 93 -9.05 -8.37 6.53
CA SER A 93 -10.35 -7.87 6.09
C SER A 93 -11.02 -8.86 5.13
N GLY A 94 -12.33 -8.98 5.25
CA GLY A 94 -13.07 -9.90 4.39
C GLY A 94 -14.42 -10.26 4.95
N GLY A 1 -3.72 -13.02 -26.83
CA GLY A 1 -5.14 -12.73 -26.94
C GLY A 1 -5.55 -11.50 -26.15
N SER A 2 -4.75 -10.44 -26.25
CA SER A 2 -5.02 -9.20 -25.53
C SER A 2 -6.21 -8.46 -26.15
N SER A 3 -7.15 -8.06 -25.32
CA SER A 3 -8.33 -7.34 -25.79
C SER A 3 -7.96 -5.96 -26.30
N GLY A 4 -7.10 -5.27 -25.56
CA GLY A 4 -6.67 -3.94 -25.95
C GLY A 4 -5.20 -3.88 -26.32
N SER A 5 -4.55 -2.79 -25.99
CA SER A 5 -3.13 -2.60 -26.29
C SER A 5 -2.27 -3.09 -25.14
N SER A 6 -1.00 -3.36 -25.43
CA SER A 6 -0.06 -3.83 -24.42
C SER A 6 0.16 -2.77 -23.34
N GLY A 7 -0.25 -3.08 -22.12
CA GLY A 7 -0.09 -2.14 -21.03
C GLY A 7 -1.38 -1.88 -20.29
N GLN A 8 -1.76 -2.81 -19.42
CA GLN A 8 -2.99 -2.68 -18.65
C GLN A 8 -2.74 -1.94 -17.33
N LYS A 9 -1.54 -1.38 -17.21
CA LYS A 9 -1.17 -0.64 -16.00
C LYS A 9 -1.75 0.77 -16.02
N VAL A 10 -1.66 1.43 -17.16
CA VAL A 10 -2.19 2.78 -17.31
C VAL A 10 -3.45 2.98 -16.47
N GLU A 11 -4.46 2.16 -16.73
CA GLU A 11 -5.71 2.25 -15.99
C GLU A 11 -5.47 2.17 -14.48
N PHE A 12 -4.83 1.08 -14.05
CA PHE A 12 -4.54 0.88 -12.64
C PHE A 12 -3.88 2.13 -12.04
N ARG A 13 -2.75 2.53 -12.61
CA ARG A 13 -2.03 3.70 -12.13
C ARG A 13 -2.99 4.84 -11.83
N LYS A 14 -3.77 5.24 -12.84
CA LYS A 14 -4.73 6.32 -12.68
C LYS A 14 -5.53 6.16 -11.39
N ARG A 15 -6.16 5.00 -11.24
CA ARG A 15 -6.96 4.72 -10.05
C ARG A 15 -6.17 5.03 -8.78
N MET A 16 -5.01 4.40 -8.63
CA MET A 16 -4.18 4.61 -7.46
C MET A 16 -3.99 6.10 -7.19
N GLU A 17 -3.75 6.87 -8.24
CA GLU A 17 -3.56 8.31 -8.11
C GLU A 17 -4.76 8.95 -7.41
N LYS A 18 -5.96 8.61 -7.88
CA LYS A 18 -7.19 9.15 -7.30
C LYS A 18 -7.39 8.65 -5.88
N GLU A 19 -7.23 7.34 -5.68
CA GLU A 19 -7.40 6.75 -4.36
C GLU A 19 -6.46 7.40 -3.35
N VAL A 20 -5.17 7.41 -3.65
CA VAL A 20 -4.17 8.00 -2.78
C VAL A 20 -4.56 9.41 -2.38
N SER A 21 -4.68 10.29 -3.38
CA SER A 21 -5.04 11.68 -3.13
C SER A 21 -6.22 11.77 -2.17
N ASP A 22 -7.35 11.21 -2.58
CA ASP A 22 -8.56 11.22 -1.76
C ASP A 22 -8.22 10.92 -0.31
N PHE A 23 -7.33 9.95 -0.09
CA PHE A 23 -6.92 9.57 1.25
C PHE A 23 -6.13 10.68 1.93
N ILE A 24 -5.20 11.27 1.18
CA ILE A 24 -4.37 12.34 1.70
C ILE A 24 -5.23 13.47 2.28
N GLN A 25 -6.15 13.96 1.47
CA GLN A 25 -7.05 15.04 1.90
C GLN A 25 -7.86 14.62 3.11
N ASP A 26 -8.40 13.40 3.05
CA ASP A 26 -9.21 12.88 4.15
C ASP A 26 -8.42 12.86 5.45
N SER A 27 -8.82 13.70 6.40
CA SER A 27 -8.14 13.78 7.69
C SER A 27 -8.55 12.62 8.59
N GLY A 28 -9.76 12.12 8.38
CA GLY A 28 -10.26 11.02 9.19
C GLY A 28 -9.48 9.73 8.94
N GLN A 29 -9.04 9.54 7.71
CA GLN A 29 -8.29 8.34 7.34
C GLN A 29 -6.80 8.54 7.62
N ILE A 30 -6.25 7.68 8.48
CA ILE A 30 -4.84 7.75 8.83
C ILE A 30 -4.03 6.70 8.07
N LYS A 31 -4.68 5.60 7.73
CA LYS A 31 -4.03 4.52 7.00
C LYS A 31 -4.98 3.90 5.97
N LYS A 32 -4.41 3.45 4.85
CA LYS A 32 -5.20 2.84 3.79
C LYS A 32 -4.62 1.49 3.39
N LYS A 33 -5.41 0.44 3.56
CA LYS A 33 -4.98 -0.92 3.23
C LYS A 33 -5.47 -1.30 1.84
N PHE A 34 -4.57 -1.89 1.05
CA PHE A 34 -4.90 -2.31 -0.31
C PHE A 34 -4.78 -3.82 -0.46
N GLN A 35 -5.73 -4.41 -1.19
CA GLN A 35 -5.73 -5.85 -1.41
C GLN A 35 -4.83 -6.23 -2.57
N PRO A 36 -4.07 -7.33 -2.39
CA PRO A 36 -3.15 -7.82 -3.41
C PRO A 36 -3.87 -8.40 -4.62
N MET A 37 -4.29 -7.52 -5.52
CA MET A 37 -5.00 -7.93 -6.72
C MET A 37 -4.04 -8.54 -7.74
N ASN A 38 -2.90 -7.89 -7.92
CA ASN A 38 -1.88 -8.36 -8.87
C ASN A 38 -0.51 -8.44 -8.20
N LYS A 39 0.47 -8.91 -8.95
CA LYS A 39 1.83 -9.04 -8.43
C LYS A 39 2.61 -7.75 -8.62
N ILE A 40 2.37 -7.08 -9.74
CA ILE A 40 3.05 -5.82 -10.05
C ILE A 40 2.29 -4.64 -9.47
N GLU A 41 0.96 -4.69 -9.55
CA GLU A 41 0.11 -3.63 -9.04
C GLU A 41 0.69 -3.03 -7.76
N ARG A 42 1.22 -3.90 -6.90
CA ARG A 42 1.81 -3.47 -5.64
C ARG A 42 2.91 -2.43 -5.88
N SER A 43 3.91 -2.81 -6.66
CA SER A 43 5.03 -1.92 -6.97
C SER A 43 4.52 -0.59 -7.51
N ILE A 44 3.69 -0.66 -8.55
CA ILE A 44 3.13 0.54 -9.17
C ILE A 44 2.51 1.46 -8.12
N LEU A 45 1.71 0.89 -7.23
CA LEU A 45 1.06 1.65 -6.17
C LEU A 45 2.09 2.36 -5.31
N HIS A 46 3.16 1.66 -4.98
CA HIS A 46 4.23 2.22 -4.16
C HIS A 46 4.76 3.51 -4.76
N ASP A 47 5.05 3.48 -6.06
CA ASP A 47 5.57 4.65 -6.76
C ASP A 47 4.60 5.82 -6.65
N VAL A 48 3.32 5.55 -6.90
CA VAL A 48 2.29 6.58 -6.84
C VAL A 48 2.25 7.22 -5.46
N VAL A 49 2.45 6.41 -4.42
CA VAL A 49 2.44 6.90 -3.05
C VAL A 49 3.65 7.80 -2.78
N GLU A 50 4.84 7.22 -2.90
CA GLU A 50 6.07 7.97 -2.67
C GLU A 50 6.03 9.33 -3.36
N VAL A 51 5.37 9.37 -4.51
CA VAL A 51 5.25 10.61 -5.27
C VAL A 51 4.25 11.57 -4.63
N ALA A 52 3.14 11.01 -4.13
CA ALA A 52 2.12 11.81 -3.49
C ALA A 52 2.64 12.45 -2.21
N GLY A 53 3.54 11.76 -1.53
CA GLY A 53 4.11 12.29 -0.30
C GLY A 53 3.61 11.55 0.93
N LEU A 54 3.43 10.24 0.80
CA LEU A 54 2.95 9.42 1.90
C LEU A 54 3.88 8.24 2.15
N THR A 55 3.69 7.57 3.27
CA THR A 55 4.51 6.42 3.63
C THR A 55 3.90 5.12 3.11
N SER A 56 4.68 4.36 2.37
CA SER A 56 4.21 3.09 1.81
C SER A 56 4.95 1.91 2.43
N PHE A 57 4.29 0.77 2.48
CA PHE A 57 4.88 -0.44 3.05
C PHE A 57 4.12 -1.69 2.59
N SER A 58 4.76 -2.84 2.73
CA SER A 58 4.16 -4.10 2.33
C SER A 58 4.12 -5.09 3.49
N PHE A 59 2.92 -5.58 3.80
CA PHE A 59 2.75 -6.52 4.90
C PHE A 59 1.85 -7.69 4.47
N GLY A 60 2.36 -8.91 4.64
CA GLY A 60 1.59 -10.08 4.26
C GLY A 60 1.71 -11.20 5.29
N GLU A 61 0.64 -11.97 5.43
CA GLU A 61 0.63 -13.09 6.38
C GLU A 61 1.37 -14.29 5.81
N ASP A 62 1.09 -14.61 4.55
CA ASP A 62 1.73 -15.74 3.89
C ASP A 62 2.59 -15.27 2.71
N ASP A 63 3.73 -15.93 2.53
CA ASP A 63 4.64 -15.58 1.44
C ASP A 63 3.87 -15.36 0.14
N ASP A 64 2.99 -16.29 -0.18
CA ASP A 64 2.18 -16.19 -1.40
C ASP A 64 1.24 -15.00 -1.33
N CYS A 65 0.62 -14.80 -0.18
CA CYS A 65 -0.32 -13.70 0.02
C CYS A 65 0.38 -12.50 0.65
N ARG A 66 0.63 -11.47 -0.15
CA ARG A 66 1.29 -10.27 0.33
C ARG A 66 0.53 -9.02 -0.09
N TYR A 67 -0.09 -8.35 0.88
CA TYR A 67 -0.85 -7.15 0.62
C TYR A 67 -0.01 -5.90 0.83
N VAL A 68 -0.50 -4.77 0.34
CA VAL A 68 0.22 -3.50 0.47
C VAL A 68 -0.58 -2.50 1.29
N MET A 69 0.09 -1.83 2.22
CA MET A 69 -0.55 -0.84 3.07
C MET A 69 0.16 0.50 3.00
N ILE A 70 -0.52 1.57 3.41
CA ILE A 70 0.06 2.90 3.39
C ILE A 70 -0.34 3.69 4.65
N PHE A 71 0.55 4.58 5.07
CA PHE A 71 0.30 5.40 6.26
C PHE A 71 0.56 6.87 5.96
N LYS A 72 0.13 7.73 6.87
CA LYS A 72 0.31 9.17 6.72
C LYS A 72 1.62 9.63 7.34
N LYS A 73 2.05 10.84 7.01
CA LYS A 73 3.28 11.40 7.54
C LYS A 73 3.25 11.44 9.06
N GLU A 74 2.11 11.87 9.62
CA GLU A 74 1.95 11.96 11.06
C GLU A 74 1.56 10.62 11.65
N PHE A 75 0.69 9.89 10.94
CA PHE A 75 0.24 8.58 11.40
C PHE A 75 1.14 7.47 10.86
N ALA A 76 2.34 7.85 10.43
CA ALA A 76 3.30 6.89 9.90
C ALA A 76 3.86 6.00 11.01
N PRO A 77 4.12 4.73 10.68
CA PRO A 77 4.66 3.76 11.62
C PRO A 77 6.10 4.05 12.01
N SER A 78 6.49 3.59 13.19
CA SER A 78 7.85 3.80 13.69
C SER A 78 8.78 2.68 13.23
N ASP A 79 10.08 2.93 13.34
CA ASP A 79 11.07 1.94 12.94
C ASP A 79 10.85 0.62 13.66
N GLU A 80 11.06 0.63 14.97
CA GLU A 80 10.88 -0.58 15.78
C GLU A 80 9.50 -1.20 15.53
N GLU A 81 8.48 -0.36 15.49
CA GLU A 81 7.12 -0.82 15.27
C GLU A 81 7.00 -1.52 13.91
N LEU A 82 7.66 -0.96 12.91
CA LEU A 82 7.63 -1.52 11.57
C LEU A 82 8.12 -2.97 11.56
N ASP A 83 9.31 -3.18 12.12
CA ASP A 83 9.90 -4.52 12.19
C ASP A 83 8.92 -5.50 12.84
N SER A 84 8.38 -5.12 13.99
CA SER A 84 7.45 -5.97 14.71
C SER A 84 6.17 -6.18 13.90
N TYR A 85 5.70 -5.12 13.26
CA TYR A 85 4.48 -5.19 12.45
C TYR A 85 4.59 -6.31 11.43
N ARG A 86 5.78 -6.47 10.83
CA ARG A 86 6.00 -7.52 9.84
C ARG A 86 6.16 -8.87 10.50
N ARG A 87 6.74 -8.88 11.70
CA ARG A 87 6.96 -10.13 12.44
C ARG A 87 5.62 -10.78 12.79
N GLY A 88 4.59 -9.96 12.95
CA GLY A 88 3.28 -10.48 13.31
C GLY A 88 2.31 -9.39 13.70
N SER A 89 2.80 -8.40 14.46
CA SER A 89 1.96 -7.30 14.90
C SER A 89 1.24 -6.65 13.73
N GLY A 90 0.13 -5.98 14.02
CA GLY A 90 -0.65 -5.33 12.98
C GLY A 90 -1.88 -4.64 13.53
N PRO A 91 -2.52 -3.82 12.68
CA PRO A 91 -3.73 -3.09 13.06
C PRO A 91 -4.94 -3.99 13.21
N SER A 92 -6.10 -3.40 13.47
CA SER A 92 -7.33 -4.17 13.65
C SER A 92 -7.92 -4.57 12.30
N SER A 93 -8.25 -5.85 12.16
CA SER A 93 -8.81 -6.37 10.93
C SER A 93 -10.34 -6.28 10.94
N GLY A 94 -10.91 -6.36 12.14
CA GLY A 94 -12.36 -6.28 12.27
C GLY A 94 -12.86 -4.87 12.40
N GLY A 1 -18.47 -15.16 -16.96
CA GLY A 1 -17.21 -14.46 -16.78
C GLY A 1 -16.04 -15.41 -16.60
N SER A 2 -15.05 -15.29 -17.49
CA SER A 2 -13.87 -16.14 -17.42
C SER A 2 -12.68 -15.38 -16.84
N SER A 3 -11.77 -16.11 -16.21
CA SER A 3 -10.58 -15.49 -15.62
C SER A 3 -9.67 -14.92 -16.70
N GLY A 4 -9.13 -13.73 -16.44
CA GLY A 4 -8.25 -13.09 -17.40
C GLY A 4 -8.44 -11.58 -17.45
N SER A 5 -7.37 -10.85 -17.18
CA SER A 5 -7.43 -9.39 -17.19
C SER A 5 -6.65 -8.83 -18.37
N SER A 6 -7.29 -7.92 -19.11
CA SER A 6 -6.66 -7.31 -20.27
C SER A 6 -6.59 -5.79 -20.11
N GLY A 7 -5.38 -5.25 -20.16
CA GLY A 7 -5.19 -3.82 -20.02
C GLY A 7 -3.76 -3.45 -19.67
N GLN A 8 -3.42 -2.18 -19.81
CA GLN A 8 -2.08 -1.69 -19.51
C GLN A 8 -2.04 -1.01 -18.15
N LYS A 9 -0.91 -1.12 -17.47
CA LYS A 9 -0.74 -0.51 -16.16
C LYS A 9 -1.36 0.89 -16.11
N VAL A 10 -1.28 1.59 -17.24
CA VAL A 10 -1.84 2.93 -17.33
C VAL A 10 -3.11 3.06 -16.51
N GLU A 11 -4.16 2.36 -16.95
CA GLU A 11 -5.44 2.39 -16.24
C GLU A 11 -5.24 2.33 -14.74
N PHE A 12 -4.58 1.27 -14.28
CA PHE A 12 -4.32 1.08 -12.85
C PHE A 12 -3.75 2.36 -12.23
N ARG A 13 -2.57 2.76 -12.71
CA ARG A 13 -1.92 3.96 -12.20
C ARG A 13 -2.94 5.04 -11.87
N LYS A 14 -3.76 5.40 -12.85
CA LYS A 14 -4.78 6.42 -12.67
C LYS A 14 -5.63 6.13 -11.43
N ARG A 15 -6.16 4.91 -11.36
CA ARG A 15 -6.98 4.50 -10.23
C ARG A 15 -6.22 4.67 -8.91
N MET A 16 -4.98 4.20 -8.89
CA MET A 16 -4.15 4.29 -7.70
C MET A 16 -3.90 5.74 -7.32
N GLU A 17 -3.69 6.59 -8.33
CA GLU A 17 -3.43 8.00 -8.10
C GLU A 17 -4.66 8.68 -7.48
N LYS A 18 -5.80 8.54 -8.14
CA LYS A 18 -7.05 9.13 -7.65
C LYS A 18 -7.36 8.66 -6.23
N GLU A 19 -7.21 7.35 -6.01
CA GLU A 19 -7.48 6.77 -4.69
C GLU A 19 -6.61 7.44 -3.63
N VAL A 20 -5.30 7.34 -3.79
CA VAL A 20 -4.36 7.93 -2.84
C VAL A 20 -4.78 9.35 -2.47
N SER A 21 -4.86 10.22 -3.47
CA SER A 21 -5.26 11.60 -3.23
C SER A 21 -6.43 11.69 -2.26
N ASP A 22 -7.52 11.00 -2.60
CA ASP A 22 -8.71 11.00 -1.76
C ASP A 22 -8.34 10.71 -0.30
N PHE A 23 -7.44 9.77 -0.11
CA PHE A 23 -7.00 9.39 1.24
C PHE A 23 -6.19 10.51 1.88
N ILE A 24 -5.30 11.11 1.11
CA ILE A 24 -4.47 12.20 1.60
C ILE A 24 -5.32 13.32 2.18
N GLN A 25 -6.28 13.80 1.39
CA GLN A 25 -7.16 14.87 1.82
C GLN A 25 -7.94 14.47 3.08
N ASP A 26 -8.47 13.25 3.07
CA ASP A 26 -9.24 12.75 4.20
C ASP A 26 -8.37 12.67 5.44
N SER A 27 -8.59 13.59 6.38
CA SER A 27 -7.82 13.63 7.62
C SER A 27 -8.29 12.53 8.58
N GLY A 28 -9.53 12.09 8.40
CA GLY A 28 -10.08 11.05 9.26
C GLY A 28 -9.34 9.73 9.12
N GLN A 29 -8.92 9.42 7.89
CA GLN A 29 -8.20 8.18 7.63
C GLN A 29 -6.70 8.38 7.77
N ILE A 30 -6.09 7.64 8.70
CA ILE A 30 -4.65 7.74 8.94
C ILE A 30 -3.90 6.67 8.16
N LYS A 31 -4.57 5.55 7.92
CA LYS A 31 -3.97 4.44 7.18
C LYS A 31 -4.99 3.75 6.29
N LYS A 32 -4.50 3.00 5.31
CA LYS A 32 -5.37 2.29 4.38
C LYS A 32 -4.71 1.01 3.89
N LYS A 33 -5.51 -0.05 3.77
CA LYS A 33 -5.00 -1.34 3.31
C LYS A 33 -5.46 -1.63 1.88
N PHE A 34 -4.54 -2.14 1.06
CA PHE A 34 -4.85 -2.46 -0.32
C PHE A 34 -4.77 -3.97 -0.58
N GLN A 35 -5.90 -4.55 -0.97
CA GLN A 35 -5.96 -5.99 -1.23
C GLN A 35 -5.04 -6.36 -2.39
N PRO A 36 -4.33 -7.50 -2.25
CA PRO A 36 -3.42 -7.99 -3.28
C PRO A 36 -4.14 -8.48 -4.53
N MET A 37 -4.55 -7.54 -5.38
CA MET A 37 -5.26 -7.89 -6.61
C MET A 37 -4.29 -8.43 -7.66
N ASN A 38 -3.13 -7.78 -7.78
CA ASN A 38 -2.13 -8.19 -8.74
C ASN A 38 -0.77 -8.39 -8.07
N LYS A 39 0.22 -8.81 -8.85
CA LYS A 39 1.57 -9.03 -8.34
C LYS A 39 2.42 -7.79 -8.53
N ILE A 40 2.13 -7.03 -9.57
CA ILE A 40 2.88 -5.80 -9.85
C ILE A 40 2.18 -4.58 -9.28
N GLU A 41 0.86 -4.69 -9.09
CA GLU A 41 0.08 -3.59 -8.55
C GLU A 41 0.80 -2.92 -7.38
N ARG A 42 1.65 -3.69 -6.70
CA ARG A 42 2.40 -3.17 -5.57
C ARG A 42 3.39 -2.09 -6.01
N SER A 43 4.24 -2.44 -6.98
CA SER A 43 5.24 -1.51 -7.49
C SER A 43 4.56 -0.25 -8.02
N ILE A 44 3.45 -0.43 -8.74
CA ILE A 44 2.72 0.68 -9.32
C ILE A 44 2.17 1.60 -8.23
N LEU A 45 1.39 1.03 -7.32
CA LEU A 45 0.81 1.79 -6.23
C LEU A 45 1.89 2.49 -5.41
N HIS A 46 2.97 1.78 -5.14
CA HIS A 46 4.09 2.33 -4.37
C HIS A 46 4.56 3.65 -4.97
N ASP A 47 4.89 3.62 -6.26
CA ASP A 47 5.36 4.81 -6.96
C ASP A 47 4.36 5.95 -6.81
N VAL A 48 3.08 5.64 -6.98
CA VAL A 48 2.03 6.64 -6.86
C VAL A 48 2.03 7.28 -5.47
N VAL A 49 2.28 6.47 -4.45
CA VAL A 49 2.30 6.95 -3.08
C VAL A 49 3.52 7.85 -2.84
N GLU A 50 4.71 7.28 -3.01
CA GLU A 50 5.94 8.02 -2.81
C GLU A 50 5.87 9.39 -3.48
N VAL A 51 5.20 9.45 -4.63
CA VAL A 51 5.05 10.69 -5.37
C VAL A 51 4.04 11.62 -4.69
N ALA A 52 2.97 11.04 -4.16
CA ALA A 52 1.94 11.82 -3.50
C ALA A 52 2.46 12.42 -2.20
N GLY A 53 3.40 11.72 -1.55
CA GLY A 53 3.97 12.21 -0.31
C GLY A 53 3.50 11.40 0.89
N LEU A 54 3.30 10.11 0.70
CA LEU A 54 2.85 9.24 1.77
C LEU A 54 3.78 8.04 1.93
N THR A 55 3.62 7.30 3.03
CA THR A 55 4.44 6.13 3.29
C THR A 55 3.69 4.85 2.95
N SER A 56 4.38 3.92 2.29
CA SER A 56 3.79 2.65 1.90
C SER A 56 4.64 1.48 2.37
N PHE A 57 4.03 0.30 2.48
CA PHE A 57 4.74 -0.90 2.91
C PHE A 57 3.95 -2.15 2.54
N SER A 58 4.64 -3.29 2.53
CA SER A 58 4.01 -4.56 2.17
C SER A 58 4.03 -5.51 3.37
N PHE A 59 2.84 -5.92 3.80
CA PHE A 59 2.71 -6.83 4.94
C PHE A 59 1.68 -7.91 4.66
N GLY A 60 2.10 -9.16 4.76
CA GLY A 60 1.19 -10.27 4.51
C GLY A 60 1.36 -11.39 5.52
N GLU A 61 0.29 -12.16 5.73
CA GLU A 61 0.34 -13.27 6.67
C GLU A 61 1.07 -14.47 6.08
N ASP A 62 0.91 -14.66 4.77
CA ASP A 62 1.57 -15.76 4.08
C ASP A 62 2.38 -15.26 2.89
N ASP A 63 3.58 -15.80 2.73
CA ASP A 63 4.46 -15.40 1.63
C ASP A 63 3.67 -15.27 0.33
N ASP A 64 2.70 -16.16 0.14
CA ASP A 64 1.88 -16.13 -1.06
C ASP A 64 0.99 -14.89 -1.09
N CYS A 65 0.42 -14.56 0.05
CA CYS A 65 -0.46 -13.40 0.16
C CYS A 65 0.26 -12.22 0.82
N ARG A 66 0.42 -11.13 0.08
CA ARG A 66 1.10 -9.95 0.59
C ARG A 66 0.41 -8.68 0.11
N TYR A 67 -0.26 -7.99 1.02
CA TYR A 67 -0.96 -6.76 0.69
C TYR A 67 -0.06 -5.55 0.86
N VAL A 68 -0.48 -4.41 0.32
CA VAL A 68 0.29 -3.18 0.41
C VAL A 68 -0.45 -2.12 1.23
N MET A 69 0.09 -1.81 2.40
CA MET A 69 -0.52 -0.81 3.27
C MET A 69 0.15 0.55 3.09
N ILE A 70 -0.52 1.60 3.56
CA ILE A 70 0.02 2.95 3.46
C ILE A 70 -0.35 3.78 4.69
N PHE A 71 0.62 4.55 5.17
CA PHE A 71 0.41 5.39 6.35
C PHE A 71 0.68 6.85 6.02
N LYS A 72 0.25 7.74 6.92
CA LYS A 72 0.44 9.17 6.73
C LYS A 72 1.79 9.62 7.28
N LYS A 73 2.14 10.89 7.05
CA LYS A 73 3.40 11.44 7.52
C LYS A 73 3.45 11.43 9.05
N GLU A 74 2.40 11.93 9.68
CA GLU A 74 2.33 11.98 11.13
C GLU A 74 1.95 10.63 11.71
N PHE A 75 1.04 9.93 11.02
CA PHE A 75 0.59 8.61 11.47
C PHE A 75 1.47 7.52 10.88
N ALA A 76 2.65 7.89 10.41
CA ALA A 76 3.59 6.94 9.83
C ALA A 76 4.18 6.03 10.89
N PRO A 77 4.41 4.76 10.53
CA PRO A 77 4.98 3.76 11.45
C PRO A 77 6.44 4.05 11.77
N SER A 78 6.87 3.60 12.95
CA SER A 78 8.25 3.81 13.39
C SER A 78 9.12 2.62 13.02
N ASP A 79 10.44 2.80 13.11
CA ASP A 79 11.38 1.73 12.78
C ASP A 79 11.09 0.49 13.61
N GLU A 80 11.31 0.58 14.91
CA GLU A 80 11.08 -0.54 15.81
C GLU A 80 9.67 -1.11 15.63
N GLU A 81 8.70 -0.20 15.50
CA GLU A 81 7.31 -0.60 15.32
C GLU A 81 7.13 -1.39 14.03
N LEU A 82 7.83 -0.96 12.98
CA LEU A 82 7.75 -1.63 11.68
C LEU A 82 8.18 -3.09 11.79
N ASP A 83 9.32 -3.31 12.42
CA ASP A 83 9.84 -4.66 12.60
C ASP A 83 8.85 -5.53 13.37
N SER A 84 8.29 -4.97 14.43
CA SER A 84 7.33 -5.69 15.26
C SER A 84 6.03 -5.94 14.50
N TYR A 85 5.60 -4.94 13.73
CA TYR A 85 4.37 -5.05 12.96
C TYR A 85 4.41 -6.27 12.03
N ARG A 86 5.55 -6.46 11.35
CA ARG A 86 5.71 -7.58 10.44
C ARG A 86 5.74 -8.90 11.20
N ARG A 87 6.53 -8.95 12.28
CA ARG A 87 6.63 -10.15 13.09
C ARG A 87 5.27 -10.56 13.65
N GLY A 88 4.40 -9.58 13.84
CA GLY A 88 3.08 -9.85 14.37
C GLY A 88 2.84 -9.19 15.71
N SER A 89 3.24 -9.87 16.79
CA SER A 89 3.06 -9.35 18.13
C SER A 89 4.19 -9.81 19.05
N GLY A 90 4.60 -8.93 19.97
CA GLY A 90 5.66 -9.26 20.88
C GLY A 90 5.84 -8.21 21.97
N PRO A 91 6.23 -7.00 21.56
CA PRO A 91 6.45 -5.88 22.49
C PRO A 91 5.14 -5.37 23.10
N SER A 92 4.03 -5.99 22.71
CA SER A 92 2.73 -5.59 23.20
C SER A 92 2.32 -6.43 24.42
N SER A 93 1.92 -5.76 25.49
CA SER A 93 1.51 -6.44 26.71
C SER A 93 0.11 -7.01 26.58
N GLY A 94 -0.12 -8.17 27.18
CA GLY A 94 -1.43 -8.79 27.12
C GLY A 94 -1.86 -9.11 25.70
N GLY A 1 -10.33 -6.48 -26.18
CA GLY A 1 -10.36 -5.64 -24.99
C GLY A 1 -11.41 -6.10 -23.99
N SER A 2 -11.05 -6.13 -22.71
CA SER A 2 -11.97 -6.55 -21.67
C SER A 2 -11.75 -5.74 -20.39
N SER A 3 -12.71 -4.87 -20.07
CA SER A 3 -12.61 -4.04 -18.87
C SER A 3 -12.44 -4.89 -17.63
N GLY A 4 -11.40 -4.62 -16.86
CA GLY A 4 -11.15 -5.38 -15.65
C GLY A 4 -9.74 -5.19 -15.12
N SER A 5 -9.40 -5.90 -14.06
CA SER A 5 -8.08 -5.79 -13.45
C SER A 5 -6.99 -6.06 -14.48
N SER A 6 -7.03 -7.25 -15.09
CA SER A 6 -6.06 -7.63 -16.10
C SER A 6 -6.18 -6.76 -17.35
N GLY A 7 -5.06 -6.18 -17.77
CA GLY A 7 -5.08 -5.33 -18.95
C GLY A 7 -3.79 -4.55 -19.11
N GLN A 8 -3.78 -3.31 -18.61
CA GLN A 8 -2.60 -2.46 -18.71
C GLN A 8 -2.28 -1.82 -17.36
N LYS A 9 -1.05 -1.34 -17.22
CA LYS A 9 -0.62 -0.71 -15.97
C LYS A 9 -0.99 0.77 -15.95
N VAL A 10 -0.86 1.42 -17.10
CA VAL A 10 -1.19 2.83 -17.21
C VAL A 10 -2.51 3.15 -16.53
N GLU A 11 -3.61 2.64 -17.09
CA GLU A 11 -4.94 2.87 -16.53
C GLU A 11 -4.92 2.66 -15.02
N PHE A 12 -4.32 1.57 -14.58
CA PHE A 12 -4.24 1.25 -13.16
C PHE A 12 -3.59 2.38 -12.38
N ARG A 13 -2.42 2.81 -12.84
CA ARG A 13 -1.69 3.90 -12.19
C ARG A 13 -2.61 5.09 -11.92
N LYS A 14 -3.30 5.55 -12.96
CA LYS A 14 -4.20 6.68 -12.83
C LYS A 14 -5.20 6.46 -11.69
N ARG A 15 -5.84 5.29 -11.69
CA ARG A 15 -6.80 4.95 -10.66
C ARG A 15 -6.19 5.08 -9.27
N MET A 16 -4.96 4.60 -9.12
CA MET A 16 -4.27 4.65 -7.85
C MET A 16 -4.02 6.10 -7.43
N GLU A 17 -3.58 6.93 -8.38
CA GLU A 17 -3.32 8.33 -8.10
C GLU A 17 -4.53 9.01 -7.48
N LYS A 18 -5.70 8.75 -8.07
CA LYS A 18 -6.95 9.33 -7.57
C LYS A 18 -7.25 8.85 -6.17
N GLU A 19 -7.35 7.53 -6.00
CA GLU A 19 -7.64 6.94 -4.70
C GLU A 19 -6.72 7.52 -3.63
N VAL A 20 -5.42 7.52 -3.91
CA VAL A 20 -4.43 8.03 -2.98
C VAL A 20 -4.75 9.47 -2.57
N SER A 21 -4.75 10.36 -3.56
CA SER A 21 -5.04 11.77 -3.31
C SER A 21 -6.23 11.92 -2.37
N ASP A 22 -7.36 11.35 -2.76
CA ASP A 22 -8.58 11.42 -1.95
C ASP A 22 -8.27 11.10 -0.50
N PHE A 23 -7.52 10.03 -0.27
CA PHE A 23 -7.16 9.62 1.08
C PHE A 23 -6.30 10.67 1.76
N ILE A 24 -5.42 11.30 0.99
CA ILE A 24 -4.53 12.33 1.51
C ILE A 24 -5.32 13.44 2.19
N GLN A 25 -6.24 14.05 1.43
CA GLN A 25 -7.06 15.13 1.95
C GLN A 25 -7.86 14.68 3.17
N ASP A 26 -8.45 13.48 3.07
CA ASP A 26 -9.24 12.93 4.16
C ASP A 26 -8.43 12.90 5.46
N SER A 27 -8.93 13.59 6.48
CA SER A 27 -8.26 13.65 7.77
C SER A 27 -8.68 12.48 8.66
N GLY A 28 -9.99 12.26 8.75
CA GLY A 28 -10.50 11.18 9.57
C GLY A 28 -9.71 9.89 9.40
N GLN A 29 -9.32 9.61 8.16
CA GLN A 29 -8.55 8.40 7.87
C GLN A 29 -7.05 8.65 8.06
N ILE A 30 -6.40 7.74 8.77
CA ILE A 30 -4.97 7.86 9.03
C ILE A 30 -4.17 6.85 8.20
N LYS A 31 -4.84 5.78 7.80
CA LYS A 31 -4.21 4.74 6.99
C LYS A 31 -5.20 4.11 6.03
N LYS A 32 -4.68 3.44 5.01
CA LYS A 32 -5.53 2.79 4.01
C LYS A 32 -5.01 1.39 3.68
N LYS A 33 -5.90 0.40 3.74
CA LYS A 33 -5.54 -0.97 3.45
C LYS A 33 -6.02 -1.38 2.06
N PHE A 34 -5.08 -1.79 1.22
CA PHE A 34 -5.42 -2.21 -0.15
C PHE A 34 -5.44 -3.73 -0.25
N GLN A 35 -6.15 -4.23 -1.26
CA GLN A 35 -6.26 -5.68 -1.48
C GLN A 35 -5.30 -6.14 -2.56
N PRO A 36 -4.64 -7.29 -2.33
CA PRO A 36 -3.68 -7.86 -3.28
C PRO A 36 -4.36 -8.39 -4.53
N MET A 37 -4.67 -7.50 -5.46
CA MET A 37 -5.33 -7.88 -6.70
C MET A 37 -4.29 -8.38 -7.73
N ASN A 38 -3.17 -7.68 -7.81
CA ASN A 38 -2.12 -8.04 -8.76
C ASN A 38 -0.77 -8.13 -8.05
N LYS A 39 0.16 -8.87 -8.64
CA LYS A 39 1.49 -9.03 -8.07
C LYS A 39 2.34 -7.79 -8.30
N ILE A 40 2.13 -7.14 -9.44
CA ILE A 40 2.88 -5.93 -9.78
C ILE A 40 2.15 -4.69 -9.30
N GLU A 41 0.88 -4.83 -8.96
CA GLU A 41 0.08 -3.72 -8.48
C GLU A 41 0.74 -3.03 -7.30
N ARG A 42 1.37 -3.84 -6.44
CA ARG A 42 2.06 -3.31 -5.26
C ARG A 42 3.17 -2.33 -5.67
N SER A 43 3.93 -2.71 -6.68
CA SER A 43 5.03 -1.87 -7.16
C SER A 43 4.50 -0.56 -7.72
N ILE A 44 3.59 -0.66 -8.69
CA ILE A 44 3.00 0.52 -9.31
C ILE A 44 2.40 1.45 -8.26
N LEU A 45 1.49 0.92 -7.46
CA LEU A 45 0.84 1.69 -6.41
C LEU A 45 1.87 2.27 -5.44
N HIS A 46 2.91 1.49 -5.15
CA HIS A 46 3.96 1.93 -4.23
C HIS A 46 4.57 3.24 -4.70
N ASP A 47 4.85 3.33 -6.00
CA ASP A 47 5.43 4.54 -6.57
C ASP A 47 4.45 5.71 -6.50
N VAL A 48 3.20 5.43 -6.82
CA VAL A 48 2.17 6.46 -6.79
C VAL A 48 2.04 7.08 -5.41
N VAL A 49 2.21 6.26 -4.37
CA VAL A 49 2.12 6.72 -2.99
C VAL A 49 3.34 7.57 -2.62
N GLU A 50 4.52 6.95 -2.67
CA GLU A 50 5.75 7.64 -2.33
C GLU A 50 5.83 8.99 -3.03
N VAL A 51 5.27 9.06 -4.23
CA VAL A 51 5.28 10.30 -5.01
C VAL A 51 4.29 11.30 -4.44
N ALA A 52 3.09 10.82 -4.11
CA ALA A 52 2.05 11.69 -3.55
C ALA A 52 2.52 12.34 -2.26
N GLY A 53 3.35 11.62 -1.50
CA GLY A 53 3.86 12.15 -0.24
C GLY A 53 3.28 11.43 0.96
N LEU A 54 3.11 10.11 0.83
CA LEU A 54 2.56 9.31 1.92
C LEU A 54 3.47 8.12 2.22
N THR A 55 3.18 7.42 3.31
CA THR A 55 3.96 6.27 3.71
C THR A 55 3.39 4.99 3.13
N SER A 56 4.27 4.09 2.69
CA SER A 56 3.85 2.82 2.11
C SER A 56 4.61 1.65 2.75
N PHE A 57 3.91 0.54 2.94
CA PHE A 57 4.50 -0.65 3.53
C PHE A 57 3.73 -1.90 3.15
N SER A 58 4.45 -2.95 2.79
CA SER A 58 3.84 -4.21 2.40
C SER A 58 3.72 -5.15 3.59
N PHE A 59 2.49 -5.43 3.99
CA PHE A 59 2.23 -6.32 5.12
C PHE A 59 1.37 -7.50 4.70
N GLY A 60 1.87 -8.72 4.94
CA GLY A 60 1.13 -9.91 4.58
C GLY A 60 1.21 -10.98 5.65
N GLU A 61 0.19 -11.83 5.70
CA GLU A 61 0.14 -12.90 6.68
C GLU A 61 0.89 -14.13 6.19
N ASP A 62 0.78 -14.41 4.90
CA ASP A 62 1.44 -15.56 4.30
C ASP A 62 2.27 -15.12 3.09
N ASP A 63 3.47 -15.68 2.98
CA ASP A 63 4.37 -15.35 1.88
C ASP A 63 3.61 -15.37 0.55
N ASP A 64 2.76 -16.37 0.37
CA ASP A 64 1.98 -16.50 -0.85
C ASP A 64 0.98 -15.35 -0.98
N CYS A 65 0.34 -15.01 0.13
CA CYS A 65 -0.65 -13.93 0.14
C CYS A 65 -0.13 -12.73 0.92
N ARG A 66 0.21 -11.67 0.19
CA ARG A 66 0.72 -10.45 0.81
C ARG A 66 0.00 -9.22 0.27
N TYR A 67 -0.64 -8.48 1.17
CA TYR A 67 -1.37 -7.27 0.78
C TYR A 67 -0.51 -6.03 0.98
N VAL A 68 -0.94 -4.92 0.38
CA VAL A 68 -0.21 -3.66 0.49
C VAL A 68 -0.98 -2.66 1.35
N MET A 69 -0.25 -1.93 2.20
CA MET A 69 -0.86 -0.94 3.07
C MET A 69 -0.14 0.40 2.95
N ILE A 70 -0.80 1.46 3.39
CA ILE A 70 -0.22 2.80 3.35
C ILE A 70 -0.55 3.60 4.60
N PHE A 71 0.39 4.41 5.05
CA PHE A 71 0.20 5.23 6.25
C PHE A 71 0.46 6.70 5.95
N LYS A 72 -0.04 7.56 6.83
CA LYS A 72 0.15 9.00 6.65
C LYS A 72 1.51 9.45 7.18
N LYS A 73 1.84 10.72 6.96
CA LYS A 73 3.10 11.27 7.42
C LYS A 73 3.17 11.29 8.94
N GLU A 74 2.14 11.83 9.57
CA GLU A 74 2.09 11.92 11.02
C GLU A 74 1.74 10.56 11.64
N PHE A 75 0.81 9.85 11.00
CA PHE A 75 0.38 8.54 11.48
C PHE A 75 1.29 7.44 10.94
N ALA A 76 2.48 7.85 10.47
CA ALA A 76 3.44 6.89 9.92
C ALA A 76 4.03 6.02 11.02
N PRO A 77 4.30 4.75 10.70
CA PRO A 77 4.88 3.79 11.64
C PRO A 77 6.33 4.11 11.99
N SER A 78 6.79 3.60 13.13
CA SER A 78 8.16 3.83 13.57
C SER A 78 9.09 2.74 13.06
N ASP A 79 10.39 3.02 13.06
CA ASP A 79 11.38 2.06 12.60
C ASP A 79 11.24 0.74 13.35
N GLU A 80 11.53 0.77 14.65
CA GLU A 80 11.45 -0.44 15.47
C GLU A 80 10.09 -1.10 15.32
N GLU A 81 9.03 -0.31 15.40
CA GLU A 81 7.67 -0.82 15.27
C GLU A 81 7.49 -1.55 13.94
N LEU A 82 8.02 -0.95 12.88
CA LEU A 82 7.92 -1.54 11.54
C LEU A 82 8.47 -2.96 11.54
N ASP A 83 9.69 -3.12 12.03
CA ASP A 83 10.33 -4.43 12.08
C ASP A 83 9.44 -5.45 12.79
N SER A 84 8.92 -5.07 13.95
CA SER A 84 8.05 -5.94 14.72
C SER A 84 6.72 -6.18 14.01
N TYR A 85 6.25 -5.15 13.31
CA TYR A 85 5.00 -5.23 12.58
C TYR A 85 5.02 -6.40 11.59
N ARG A 86 6.12 -6.52 10.86
CA ARG A 86 6.27 -7.60 9.88
C ARG A 86 6.45 -8.94 10.57
N ARG A 87 7.29 -8.95 11.61
CA ARG A 87 7.55 -10.18 12.35
C ARG A 87 6.26 -10.76 12.93
N GLY A 88 5.29 -9.89 13.18
CA GLY A 88 4.02 -10.32 13.73
C GLY A 88 4.09 -10.55 15.23
N SER A 89 4.74 -9.63 15.94
CA SER A 89 4.88 -9.74 17.38
C SER A 89 3.59 -9.31 18.08
N GLY A 90 3.30 -9.96 19.21
CA GLY A 90 2.10 -9.63 19.96
C GLY A 90 2.34 -8.54 20.98
N PRO A 91 1.34 -8.32 21.86
CA PRO A 91 1.42 -7.30 22.90
C PRO A 91 2.43 -7.65 23.99
N SER A 92 3.59 -6.99 23.94
CA SER A 92 4.65 -7.23 24.91
C SER A 92 5.18 -5.92 25.47
N SER A 93 5.77 -5.99 26.66
CA SER A 93 6.33 -4.81 27.31
C SER A 93 7.84 -4.76 27.16
N GLY A 94 8.35 -3.62 26.71
CA GLY A 94 9.79 -3.46 26.53
C GLY A 94 10.53 -3.28 27.84
N GLY A 1 -0.74 7.55 -28.06
CA GLY A 1 -0.72 6.62 -29.16
C GLY A 1 -1.67 5.46 -28.95
N SER A 2 -1.57 4.44 -29.81
CA SER A 2 -2.43 3.27 -29.71
C SER A 2 -1.93 2.32 -28.64
N SER A 3 -2.82 1.97 -27.71
CA SER A 3 -2.46 1.06 -26.62
C SER A 3 -2.50 -0.39 -27.09
N GLY A 4 -3.65 -0.81 -27.60
CA GLY A 4 -3.80 -2.17 -28.07
C GLY A 4 -4.30 -3.11 -26.99
N SER A 5 -3.46 -3.37 -25.99
CA SER A 5 -3.84 -4.25 -24.90
C SER A 5 -4.93 -3.64 -24.05
N SER A 6 -6.12 -4.24 -24.11
CA SER A 6 -7.26 -3.74 -23.33
C SER A 6 -6.83 -3.31 -21.94
N GLY A 7 -6.16 -4.22 -21.23
CA GLY A 7 -5.70 -3.90 -19.89
C GLY A 7 -4.23 -3.54 -19.84
N GLN A 8 -3.94 -2.34 -19.34
CA GLN A 8 -2.57 -1.87 -19.25
C GLN A 8 -2.34 -1.11 -17.95
N LYS A 9 -1.10 -1.15 -17.45
CA LYS A 9 -0.75 -0.46 -16.22
C LYS A 9 -1.33 0.95 -16.19
N VAL A 10 -1.22 1.64 -17.32
CA VAL A 10 -1.74 3.00 -17.44
C VAL A 10 -3.03 3.17 -16.63
N GLU A 11 -4.09 2.52 -17.10
CA GLU A 11 -5.39 2.59 -16.43
C GLU A 11 -5.23 2.43 -14.91
N PHE A 12 -4.74 1.27 -14.50
CA PHE A 12 -4.54 1.00 -13.08
C PHE A 12 -3.93 2.20 -12.37
N ARG A 13 -2.78 2.66 -12.88
CA ARG A 13 -2.09 3.80 -12.30
C ARG A 13 -3.06 4.92 -11.97
N LYS A 14 -3.77 5.39 -13.00
CA LYS A 14 -4.74 6.47 -12.82
C LYS A 14 -5.63 6.21 -11.61
N ARG A 15 -6.22 5.03 -11.55
CA ARG A 15 -7.08 4.67 -10.44
C ARG A 15 -6.41 4.94 -9.11
N MET A 16 -5.24 4.33 -8.91
CA MET A 16 -4.48 4.50 -7.67
C MET A 16 -4.32 5.99 -7.34
N GLU A 17 -3.94 6.77 -8.34
CA GLU A 17 -3.75 8.21 -8.15
C GLU A 17 -4.99 8.85 -7.51
N LYS A 18 -6.16 8.42 -7.97
CA LYS A 18 -7.42 8.95 -7.45
C LYS A 18 -7.65 8.47 -6.02
N GLU A 19 -7.47 7.17 -5.80
CA GLU A 19 -7.66 6.58 -4.48
C GLU A 19 -6.76 7.26 -3.45
N VAL A 20 -5.46 7.28 -3.73
CA VAL A 20 -4.49 7.89 -2.83
C VAL A 20 -4.88 9.32 -2.49
N SER A 21 -4.98 10.16 -3.52
CA SER A 21 -5.36 11.56 -3.33
C SER A 21 -6.50 11.68 -2.32
N ASP A 22 -7.60 11.00 -2.60
CA ASP A 22 -8.76 11.03 -1.72
C ASP A 22 -8.35 10.79 -0.27
N PHE A 23 -7.50 9.79 -0.06
CA PHE A 23 -7.04 9.45 1.28
C PHE A 23 -6.19 10.58 1.86
N ILE A 24 -5.37 11.19 1.02
CA ILE A 24 -4.51 12.29 1.46
C ILE A 24 -5.33 13.40 2.13
N GLN A 25 -6.25 13.98 1.37
CA GLN A 25 -7.10 15.05 1.88
C GLN A 25 -7.84 14.60 3.14
N ASP A 26 -8.42 13.41 3.06
CA ASP A 26 -9.17 12.87 4.20
C ASP A 26 -8.27 12.72 5.42
N SER A 27 -8.59 13.46 6.47
CA SER A 27 -7.82 13.42 7.70
C SER A 27 -8.13 12.16 8.51
N GLY A 28 -9.42 11.90 8.71
CA GLY A 28 -9.83 10.73 9.46
C GLY A 28 -9.02 9.50 9.11
N GLN A 29 -8.72 9.34 7.83
CA GLN A 29 -7.95 8.19 7.36
C GLN A 29 -6.47 8.43 7.57
N ILE A 30 -5.85 7.61 8.41
CA ILE A 30 -4.41 7.73 8.69
C ILE A 30 -3.61 6.70 7.89
N LYS A 31 -4.30 5.68 7.39
CA LYS A 31 -3.65 4.63 6.61
C LYS A 31 -4.65 3.97 5.66
N LYS A 32 -4.12 3.36 4.60
CA LYS A 32 -4.96 2.69 3.61
C LYS A 32 -4.38 1.34 3.23
N LYS A 33 -5.10 0.27 3.54
CA LYS A 33 -4.66 -1.08 3.22
C LYS A 33 -5.26 -1.56 1.90
N PHE A 34 -4.40 -1.79 0.91
CA PHE A 34 -4.86 -2.24 -0.40
C PHE A 34 -4.81 -3.77 -0.48
N GLN A 35 -5.74 -4.34 -1.24
CA GLN A 35 -5.80 -5.79 -1.41
C GLN A 35 -4.87 -6.25 -2.52
N PRO A 36 -4.17 -7.38 -2.27
CA PRO A 36 -3.23 -7.94 -3.24
C PRO A 36 -3.93 -8.54 -4.46
N MET A 37 -4.31 -7.67 -5.40
CA MET A 37 -4.99 -8.11 -6.60
C MET A 37 -3.99 -8.58 -7.65
N ASN A 38 -2.90 -7.84 -7.80
CA ASN A 38 -1.86 -8.19 -8.76
C ASN A 38 -0.49 -8.21 -8.10
N LYS A 39 0.43 -8.95 -8.71
CA LYS A 39 1.78 -9.07 -8.18
C LYS A 39 2.59 -7.81 -8.47
N ILE A 40 2.24 -7.13 -9.56
CA ILE A 40 2.92 -5.90 -9.95
C ILE A 40 2.19 -4.67 -9.43
N GLU A 41 0.95 -4.87 -9.00
CA GLU A 41 0.15 -3.77 -8.48
C GLU A 41 0.84 -3.07 -7.32
N ARG A 42 1.56 -3.86 -6.51
CA ARG A 42 2.27 -3.32 -5.37
C ARG A 42 3.32 -2.30 -5.81
N SER A 43 4.05 -2.63 -6.86
CA SER A 43 5.08 -1.75 -7.38
C SER A 43 4.48 -0.45 -7.89
N ILE A 44 3.55 -0.56 -8.84
CA ILE A 44 2.90 0.60 -9.42
C ILE A 44 2.30 1.50 -8.33
N LEU A 45 1.38 0.93 -7.55
CA LEU A 45 0.74 1.68 -6.47
C LEU A 45 1.79 2.32 -5.56
N HIS A 46 2.84 1.57 -5.26
CA HIS A 46 3.90 2.07 -4.39
C HIS A 46 4.42 3.42 -4.89
N ASP A 47 4.91 3.44 -6.12
CA ASP A 47 5.44 4.67 -6.72
C ASP A 47 4.43 5.81 -6.58
N VAL A 48 3.17 5.52 -6.86
CA VAL A 48 2.11 6.52 -6.76
C VAL A 48 2.03 7.10 -5.35
N VAL A 49 2.24 6.24 -4.36
CA VAL A 49 2.20 6.66 -2.96
C VAL A 49 3.33 7.63 -2.64
N GLU A 50 4.50 7.36 -3.20
CA GLU A 50 5.66 8.21 -2.98
C GLU A 50 5.46 9.59 -3.60
N VAL A 51 5.05 9.61 -4.87
CA VAL A 51 4.82 10.86 -5.58
C VAL A 51 3.80 11.73 -4.84
N ALA A 52 2.76 11.10 -4.30
CA ALA A 52 1.73 11.81 -3.58
C ALA A 52 2.29 12.45 -2.30
N GLY A 53 3.24 11.76 -1.67
CA GLY A 53 3.84 12.27 -0.46
C GLY A 53 3.35 11.54 0.78
N LEU A 54 3.15 10.24 0.65
CA LEU A 54 2.68 9.41 1.76
C LEU A 54 3.59 8.22 2.00
N THR A 55 3.52 7.65 3.19
CA THR A 55 4.35 6.51 3.55
C THR A 55 3.81 5.23 2.92
N SER A 56 4.70 4.33 2.54
CA SER A 56 4.32 3.06 1.93
C SER A 56 4.91 1.88 2.69
N PHE A 57 4.25 0.73 2.60
CA PHE A 57 4.71 -0.47 3.28
C PHE A 57 3.94 -1.70 2.79
N SER A 58 4.51 -2.87 3.05
CA SER A 58 3.88 -4.13 2.64
C SER A 58 3.93 -5.16 3.76
N PHE A 59 2.76 -5.67 4.15
CA PHE A 59 2.67 -6.66 5.21
C PHE A 59 1.77 -7.82 4.81
N GLY A 60 2.28 -9.03 4.94
CA GLY A 60 1.51 -10.21 4.57
C GLY A 60 1.66 -11.34 5.59
N GLU A 61 0.65 -12.20 5.66
CA GLU A 61 0.67 -13.32 6.59
C GLU A 61 1.36 -14.52 5.97
N ASP A 62 1.31 -14.61 4.65
CA ASP A 62 1.93 -15.72 3.93
C ASP A 62 2.92 -15.20 2.88
N ASP A 63 4.13 -15.73 2.91
CA ASP A 63 5.16 -15.33 1.96
C ASP A 63 4.59 -15.21 0.55
N ASP A 64 3.63 -16.07 0.22
CA ASP A 64 2.99 -16.05 -1.09
C ASP A 64 2.01 -14.89 -1.21
N CYS A 65 1.24 -14.66 -0.15
CA CYS A 65 0.27 -13.57 -0.14
C CYS A 65 0.77 -12.39 0.69
N ARG A 66 0.95 -11.26 0.02
CA ARG A 66 1.44 -10.06 0.70
C ARG A 66 0.71 -8.81 0.18
N TYR A 67 -0.01 -8.14 1.07
CA TYR A 67 -0.75 -6.94 0.70
C TYR A 67 0.10 -5.69 0.88
N VAL A 68 -0.34 -4.59 0.29
CA VAL A 68 0.38 -3.32 0.38
C VAL A 68 -0.37 -2.32 1.23
N MET A 69 0.27 -1.83 2.29
CA MET A 69 -0.34 -0.86 3.18
C MET A 69 0.41 0.47 3.14
N ILE A 70 -0.33 1.57 3.29
CA ILE A 70 0.26 2.90 3.26
C ILE A 70 -0.08 3.67 4.53
N PHE A 71 0.86 4.51 4.96
CA PHE A 71 0.66 5.32 6.17
C PHE A 71 0.94 6.79 5.90
N LYS A 72 0.53 7.65 6.82
CA LYS A 72 0.74 9.08 6.67
C LYS A 72 2.08 9.50 7.27
N LYS A 73 2.43 10.77 7.09
CA LYS A 73 3.69 11.29 7.60
C LYS A 73 3.68 11.35 9.12
N GLU A 74 2.59 11.87 9.68
CA GLU A 74 2.46 11.99 11.13
C GLU A 74 2.03 10.65 11.73
N PHE A 75 1.13 9.96 11.05
CA PHE A 75 0.64 8.67 11.53
C PHE A 75 1.53 7.53 11.03
N ALA A 76 2.74 7.88 10.63
CA ALA A 76 3.69 6.89 10.12
C ALA A 76 4.21 6.01 11.26
N PRO A 77 4.45 4.73 10.96
CA PRO A 77 4.94 3.75 11.93
C PRO A 77 6.39 4.04 12.34
N SER A 78 6.79 3.49 13.49
CA SER A 78 8.14 3.68 14.00
C SER A 78 9.04 2.52 13.60
N ASP A 79 10.34 2.72 13.72
CA ASP A 79 11.31 1.68 13.37
C ASP A 79 10.99 0.38 14.08
N GLU A 80 11.13 0.39 15.40
CA GLU A 80 10.85 -0.80 16.20
C GLU A 80 9.46 -1.35 15.91
N GLU A 81 8.48 -0.46 15.83
CA GLU A 81 7.10 -0.86 15.55
C GLU A 81 7.00 -1.54 14.20
N LEU A 82 7.79 -1.07 13.24
CA LEU A 82 7.79 -1.64 11.90
C LEU A 82 8.25 -3.10 11.93
N ASP A 83 9.35 -3.36 12.63
CA ASP A 83 9.88 -4.71 12.75
C ASP A 83 8.86 -5.65 13.36
N SER A 84 8.18 -5.19 14.40
CA SER A 84 7.17 -5.99 15.09
C SER A 84 5.93 -6.16 14.22
N TYR A 85 5.52 -5.07 13.56
CA TYR A 85 4.34 -5.10 12.70
C TYR A 85 4.42 -6.24 11.70
N ARG A 86 5.57 -6.37 11.05
CA ARG A 86 5.78 -7.42 10.06
C ARG A 86 5.86 -8.79 10.74
N ARG A 87 6.58 -8.85 11.84
CA ARG A 87 6.74 -10.10 12.58
C ARG A 87 5.39 -10.64 13.04
N GLY A 88 4.44 -9.73 13.25
CA GLY A 88 3.12 -10.14 13.69
C GLY A 88 3.02 -10.31 15.19
N SER A 89 3.56 -11.42 15.69
CA SER A 89 3.53 -11.71 17.12
C SER A 89 4.93 -12.08 17.62
N GLY A 90 5.08 -12.14 18.94
CA GLY A 90 6.37 -12.48 19.53
C GLY A 90 7.09 -11.26 20.07
N PRO A 91 6.57 -10.69 21.16
CA PRO A 91 7.17 -9.51 21.79
C PRO A 91 8.51 -9.82 22.46
N SER A 92 9.16 -8.78 22.97
CA SER A 92 10.45 -8.94 23.64
C SER A 92 10.27 -9.03 25.16
N SER A 93 11.14 -9.81 25.80
CA SER A 93 11.07 -9.98 27.25
C SER A 93 12.41 -9.62 27.90
N GLY A 94 12.36 -9.31 29.19
CA GLY A 94 13.57 -8.95 29.91
C GLY A 94 14.35 -10.17 30.38
N GLY A 1 15.98 -10.70 -12.74
CA GLY A 1 15.45 -10.49 -14.07
C GLY A 1 14.24 -9.59 -14.06
N SER A 2 14.25 -8.56 -14.92
CA SER A 2 13.15 -7.62 -15.00
C SER A 2 11.97 -8.23 -15.77
N SER A 3 10.79 -8.14 -15.18
CA SER A 3 9.58 -8.68 -15.79
C SER A 3 9.09 -7.78 -16.91
N GLY A 4 8.91 -8.35 -18.11
CA GLY A 4 8.43 -7.58 -19.24
C GLY A 4 7.33 -6.61 -18.87
N SER A 5 7.36 -5.42 -19.46
CA SER A 5 6.36 -4.40 -19.18
C SER A 5 5.24 -4.45 -20.20
N SER A 6 4.10 -3.87 -19.85
CA SER A 6 2.94 -3.85 -20.74
C SER A 6 2.14 -2.56 -20.55
N GLY A 7 1.52 -2.10 -21.63
CA GLY A 7 0.72 -0.88 -21.56
C GLY A 7 -0.66 -1.12 -21.00
N GLN A 8 -0.74 -1.97 -19.99
CA GLN A 8 -2.01 -2.30 -19.36
C GLN A 8 -2.10 -1.71 -17.95
N LYS A 9 -0.98 -1.75 -17.24
CA LYS A 9 -0.91 -1.22 -15.88
C LYS A 9 -1.38 0.24 -15.84
N VAL A 10 -1.12 0.96 -16.91
CA VAL A 10 -1.51 2.37 -17.01
C VAL A 10 -2.81 2.62 -16.25
N GLU A 11 -3.90 2.02 -16.73
CA GLU A 11 -5.20 2.17 -16.10
C GLU A 11 -5.09 2.08 -14.59
N PHE A 12 -4.59 0.95 -14.11
CA PHE A 12 -4.43 0.73 -12.67
C PHE A 12 -3.81 1.95 -12.00
N ARG A 13 -2.65 2.36 -12.49
CA ARG A 13 -1.95 3.52 -11.94
C ARG A 13 -2.90 4.69 -11.75
N LYS A 14 -3.71 4.96 -12.78
CA LYS A 14 -4.67 6.06 -12.73
C LYS A 14 -5.57 5.94 -11.50
N ARG A 15 -6.23 4.79 -11.37
CA ARG A 15 -7.12 4.55 -10.24
C ARG A 15 -6.44 4.92 -8.92
N MET A 16 -5.27 4.34 -8.68
CA MET A 16 -4.52 4.60 -7.46
C MET A 16 -4.38 6.10 -7.22
N GLU A 17 -3.98 6.83 -8.26
CA GLU A 17 -3.81 8.27 -8.17
C GLU A 17 -5.05 8.93 -7.57
N LYS A 18 -6.22 8.57 -8.10
CA LYS A 18 -7.47 9.13 -7.62
C LYS A 18 -7.75 8.69 -6.17
N GLU A 19 -7.55 7.40 -5.90
CA GLU A 19 -7.77 6.87 -4.56
C GLU A 19 -6.84 7.53 -3.55
N VAL A 20 -5.54 7.30 -3.71
CA VAL A 20 -4.56 7.89 -2.80
C VAL A 20 -4.89 9.34 -2.48
N SER A 21 -5.00 10.16 -3.52
CA SER A 21 -5.31 11.57 -3.35
C SER A 21 -6.47 11.76 -2.38
N ASP A 22 -7.59 11.12 -2.67
CA ASP A 22 -8.78 11.21 -1.82
C ASP A 22 -8.42 10.98 -0.36
N PHE A 23 -7.58 9.98 -0.11
CA PHE A 23 -7.15 9.65 1.25
C PHE A 23 -6.32 10.78 1.83
N ILE A 24 -5.41 11.34 1.02
CA ILE A 24 -4.55 12.42 1.47
C ILE A 24 -5.37 13.59 1.99
N GLN A 25 -6.26 14.11 1.15
CA GLN A 25 -7.10 15.23 1.52
C GLN A 25 -7.90 14.91 2.78
N ASP A 26 -8.49 13.73 2.83
CA ASP A 26 -9.27 13.30 3.98
C ASP A 26 -8.42 13.27 5.23
N SER A 27 -8.71 14.17 6.17
CA SER A 27 -7.96 14.25 7.42
C SER A 27 -8.26 13.04 8.31
N GLY A 28 -9.55 12.75 8.48
CA GLY A 28 -9.94 11.62 9.31
C GLY A 28 -9.15 10.37 8.99
N GLN A 29 -8.90 10.14 7.71
CA GLN A 29 -8.14 8.97 7.27
C GLN A 29 -6.66 9.10 7.62
N ILE A 30 -6.17 8.17 8.43
CA ILE A 30 -4.77 8.18 8.85
C ILE A 30 -3.97 7.11 8.12
N LYS A 31 -4.65 6.02 7.74
CA LYS A 31 -4.01 4.92 7.04
C LYS A 31 -5.00 4.20 6.13
N LYS A 32 -4.48 3.46 5.15
CA LYS A 32 -5.32 2.72 4.23
C LYS A 32 -4.66 1.41 3.82
N LYS A 33 -5.41 0.32 3.94
CA LYS A 33 -4.89 -1.00 3.57
C LYS A 33 -5.61 -1.56 2.35
N PHE A 34 -4.91 -1.60 1.22
CA PHE A 34 -5.48 -2.10 -0.02
C PHE A 34 -5.41 -3.62 -0.07
N GLN A 35 -6.10 -4.21 -1.04
CA GLN A 35 -6.12 -5.65 -1.20
C GLN A 35 -5.22 -6.09 -2.34
N PRO A 36 -4.49 -7.21 -2.14
CA PRO A 36 -3.58 -7.75 -3.14
C PRO A 36 -4.31 -8.34 -4.34
N MET A 37 -4.39 -7.57 -5.42
CA MET A 37 -5.06 -8.01 -6.63
C MET A 37 -4.07 -8.62 -7.62
N ASN A 38 -2.93 -7.94 -7.79
CA ASN A 38 -1.90 -8.40 -8.71
C ASN A 38 -0.53 -8.41 -8.04
N LYS A 39 0.47 -8.87 -8.76
CA LYS A 39 1.84 -8.93 -8.23
C LYS A 39 2.59 -7.65 -8.53
N ILE A 40 2.32 -7.06 -9.70
CA ILE A 40 2.98 -5.82 -10.09
C ILE A 40 2.25 -4.60 -9.53
N GLU A 41 0.92 -4.69 -9.49
CA GLU A 41 0.11 -3.59 -8.98
C GLU A 41 0.76 -2.98 -7.73
N ARG A 42 1.42 -3.82 -6.94
CA ARG A 42 2.07 -3.36 -5.73
C ARG A 42 3.13 -2.31 -6.03
N SER A 43 4.17 -2.72 -6.77
CA SER A 43 5.25 -1.81 -7.12
C SER A 43 4.70 -0.49 -7.65
N ILE A 44 3.70 -0.58 -8.54
CA ILE A 44 3.09 0.61 -9.13
C ILE A 44 2.47 1.49 -8.05
N LEU A 45 1.56 0.91 -7.26
CA LEU A 45 0.89 1.64 -6.20
C LEU A 45 1.90 2.32 -5.29
N HIS A 46 2.98 1.62 -4.97
CA HIS A 46 4.03 2.16 -4.11
C HIS A 46 4.55 3.48 -4.66
N ASP A 47 4.96 3.46 -5.92
CA ASP A 47 5.49 4.67 -6.57
C ASP A 47 4.50 5.82 -6.45
N VAL A 48 3.23 5.54 -6.72
CA VAL A 48 2.19 6.55 -6.63
C VAL A 48 2.16 7.20 -5.25
N VAL A 49 2.37 6.39 -4.22
CA VAL A 49 2.37 6.87 -2.84
C VAL A 49 3.57 7.78 -2.58
N GLU A 50 4.75 7.18 -2.63
CA GLU A 50 5.98 7.93 -2.39
C GLU A 50 5.94 9.30 -3.07
N VAL A 51 5.29 9.35 -4.23
CA VAL A 51 5.18 10.60 -4.98
C VAL A 51 4.17 11.54 -4.31
N ALA A 52 3.06 10.97 -3.85
CA ALA A 52 2.02 11.76 -3.20
C ALA A 52 2.53 12.38 -1.90
N GLY A 53 3.41 11.66 -1.22
CA GLY A 53 3.95 12.16 0.03
C GLY A 53 3.49 11.36 1.23
N LEU A 54 3.33 10.05 1.05
CA LEU A 54 2.89 9.18 2.12
C LEU A 54 3.84 8.00 2.30
N THR A 55 3.65 7.25 3.38
CA THR A 55 4.49 6.09 3.66
C THR A 55 3.85 4.81 3.15
N SER A 56 4.56 4.12 2.25
CA SER A 56 4.06 2.87 1.69
C SER A 56 4.84 1.68 2.22
N PHE A 57 4.16 0.55 2.38
CA PHE A 57 4.79 -0.66 2.89
C PHE A 57 4.06 -1.90 2.39
N SER A 58 4.68 -3.07 2.58
CA SER A 58 4.08 -4.33 2.15
C SER A 58 4.00 -5.31 3.31
N PHE A 59 2.79 -5.57 3.77
CA PHE A 59 2.56 -6.49 4.88
C PHE A 59 1.62 -7.62 4.48
N GLY A 60 2.08 -8.86 4.63
CA GLY A 60 1.26 -10.00 4.27
C GLY A 60 1.35 -11.12 5.29
N GLU A 61 0.23 -11.79 5.53
CA GLU A 61 0.19 -12.89 6.50
C GLU A 61 0.89 -14.12 5.94
N ASP A 62 0.65 -14.41 4.67
CA ASP A 62 1.27 -15.57 4.03
C ASP A 62 2.20 -15.12 2.90
N ASP A 63 3.03 -16.05 2.43
CA ASP A 63 3.97 -15.77 1.35
C ASP A 63 3.23 -15.48 0.05
N ASP A 64 2.22 -16.29 -0.23
CA ASP A 64 1.43 -16.13 -1.45
C ASP A 64 0.58 -14.86 -1.39
N CYS A 65 -0.03 -14.62 -0.23
CA CYS A 65 -0.87 -13.44 -0.05
C CYS A 65 -0.07 -12.31 0.61
N ARG A 66 0.08 -11.22 -0.13
CA ARG A 66 0.82 -10.06 0.38
C ARG A 66 0.09 -8.77 0.05
N TYR A 67 -0.54 -8.18 1.06
CA TYR A 67 -1.28 -6.94 0.88
C TYR A 67 -0.38 -5.72 1.11
N VAL A 68 -0.87 -4.55 0.71
CA VAL A 68 -0.10 -3.32 0.86
C VAL A 68 -0.81 -2.36 1.82
N MET A 69 -0.02 -1.60 2.58
CA MET A 69 -0.58 -0.64 3.53
C MET A 69 0.10 0.72 3.38
N ILE A 70 -0.64 1.78 3.71
CA ILE A 70 -0.12 3.13 3.61
C ILE A 70 -0.39 3.92 4.88
N PHE A 71 0.54 4.78 5.26
CA PHE A 71 0.40 5.60 6.45
C PHE A 71 0.71 7.06 6.16
N LYS A 72 0.19 7.95 6.99
CA LYS A 72 0.41 9.39 6.81
C LYS A 72 1.73 9.82 7.45
N LYS A 73 2.10 11.07 7.23
CA LYS A 73 3.35 11.60 7.77
C LYS A 73 3.35 11.51 9.30
N GLU A 74 2.33 12.09 9.92
CA GLU A 74 2.21 12.07 11.38
C GLU A 74 1.82 10.68 11.88
N PHE A 75 0.91 10.04 11.16
CA PHE A 75 0.45 8.70 11.53
C PHE A 75 1.36 7.63 10.94
N ALA A 76 2.57 8.03 10.54
CA ALA A 76 3.54 7.11 9.97
C ALA A 76 4.07 6.15 11.03
N PRO A 77 4.33 4.90 10.62
CA PRO A 77 4.86 3.86 11.52
C PRO A 77 6.29 4.13 11.94
N SER A 78 6.70 3.51 13.04
CA SER A 78 8.06 3.69 13.55
C SER A 78 8.97 2.57 13.06
N ASP A 79 10.28 2.80 13.15
CA ASP A 79 11.26 1.81 12.71
C ASP A 79 11.03 0.47 13.40
N GLU A 80 11.25 0.44 14.71
CA GLU A 80 11.07 -0.78 15.49
C GLU A 80 9.68 -1.38 15.24
N GLU A 81 8.66 -0.54 15.31
CA GLU A 81 7.29 -0.98 15.09
C GLU A 81 7.14 -1.65 13.73
N LEU A 82 7.76 -1.06 12.72
CA LEU A 82 7.69 -1.60 11.36
C LEU A 82 8.19 -3.05 11.33
N ASP A 83 9.36 -3.28 11.91
CA ASP A 83 9.93 -4.62 11.96
C ASP A 83 8.99 -5.60 12.64
N SER A 84 8.33 -5.15 13.69
CA SER A 84 7.39 -5.99 14.42
C SER A 84 6.13 -6.27 13.60
N TYR A 85 5.60 -5.21 12.97
CA TYR A 85 4.40 -5.35 12.16
C TYR A 85 4.58 -6.44 11.11
N ARG A 86 5.72 -6.43 10.44
CA ARG A 86 6.01 -7.42 9.40
C ARG A 86 6.15 -8.82 10.02
N ARG A 87 6.84 -8.90 11.15
CA ARG A 87 7.05 -10.17 11.82
C ARG A 87 5.70 -10.81 12.20
N GLY A 88 4.70 -9.97 12.42
CA GLY A 88 3.39 -10.46 12.78
C GLY A 88 2.62 -9.51 13.68
N SER A 89 1.58 -10.01 14.32
CA SER A 89 0.77 -9.19 15.20
C SER A 89 0.63 -9.84 16.58
N GLY A 90 0.50 -9.02 17.62
CA GLY A 90 0.36 -9.53 18.96
C GLY A 90 1.09 -8.68 19.99
N PRO A 91 1.07 -9.12 21.25
CA PRO A 91 1.72 -8.41 22.35
C PRO A 91 3.25 -8.46 22.25
N SER A 92 3.91 -7.62 23.04
CA SER A 92 5.36 -7.56 23.04
C SER A 92 5.95 -8.78 23.75
N SER A 93 5.53 -9.01 24.99
CA SER A 93 6.02 -10.14 25.76
C SER A 93 7.54 -10.15 25.80
N GLY A 94 8.14 -8.98 25.93
CA GLY A 94 9.59 -8.88 25.96
C GLY A 94 10.08 -8.11 27.17
N GLY A 1 -15.10 -13.44 -17.53
CA GLY A 1 -13.76 -13.06 -17.13
C GLY A 1 -12.77 -13.15 -18.28
N SER A 2 -11.61 -12.52 -18.10
CA SER A 2 -10.58 -12.53 -19.14
C SER A 2 -9.79 -13.84 -19.11
N SER A 3 -9.41 -14.31 -20.30
CA SER A 3 -8.65 -15.55 -20.41
C SER A 3 -7.16 -15.31 -20.15
N GLY A 4 -6.56 -14.46 -20.98
CA GLY A 4 -5.14 -14.16 -20.83
C GLY A 4 -4.91 -12.86 -20.09
N SER A 5 -4.05 -12.01 -20.66
CA SER A 5 -3.73 -10.73 -20.05
C SER A 5 -4.32 -9.58 -20.87
N SER A 6 -5.00 -8.67 -20.20
CA SER A 6 -5.62 -7.53 -20.86
C SER A 6 -5.38 -6.25 -20.06
N GLY A 7 -5.53 -5.11 -20.72
CA GLY A 7 -5.33 -3.83 -20.06
C GLY A 7 -3.87 -3.42 -20.04
N GLN A 8 -3.54 -2.48 -19.15
CA GLN A 8 -2.17 -2.00 -19.03
C GLN A 8 -1.93 -1.40 -17.65
N LYS A 9 -0.68 -1.47 -17.19
CA LYS A 9 -0.31 -0.93 -15.88
C LYS A 9 -0.68 0.53 -15.77
N VAL A 10 -0.39 1.30 -16.83
CA VAL A 10 -0.69 2.72 -16.85
C VAL A 10 -2.06 3.00 -16.23
N GLU A 11 -3.11 2.52 -16.89
CA GLU A 11 -4.47 2.72 -16.40
C GLU A 11 -4.54 2.55 -14.89
N PHE A 12 -3.99 1.44 -14.40
CA PHE A 12 -3.99 1.16 -12.97
C PHE A 12 -3.30 2.28 -12.19
N ARG A 13 -2.17 2.74 -12.71
CA ARG A 13 -1.42 3.80 -12.06
C ARG A 13 -2.30 5.00 -11.78
N LYS A 14 -3.02 5.46 -12.79
CA LYS A 14 -3.92 6.60 -12.64
C LYS A 14 -4.94 6.36 -11.55
N ARG A 15 -5.60 5.20 -11.61
CA ARG A 15 -6.60 4.85 -10.62
C ARG A 15 -6.07 5.05 -9.20
N MET A 16 -4.86 4.58 -8.95
CA MET A 16 -4.25 4.72 -7.63
C MET A 16 -4.09 6.19 -7.27
N GLU A 17 -3.67 7.00 -8.24
CA GLU A 17 -3.47 8.43 -8.01
C GLU A 17 -4.73 9.07 -7.42
N LYS A 18 -5.88 8.76 -8.03
CA LYS A 18 -7.15 9.30 -7.57
C LYS A 18 -7.49 8.78 -6.18
N GLU A 19 -7.32 7.48 -5.98
CA GLU A 19 -7.61 6.86 -4.70
C GLU A 19 -6.75 7.46 -3.59
N VAL A 20 -5.44 7.31 -3.73
CA VAL A 20 -4.50 7.84 -2.74
C VAL A 20 -4.85 9.27 -2.37
N SER A 21 -4.90 10.14 -3.37
CA SER A 21 -5.22 11.55 -3.15
C SER A 21 -6.41 11.69 -2.20
N ASP A 22 -7.51 11.01 -2.53
CA ASP A 22 -8.71 11.06 -1.71
C ASP A 22 -8.39 10.78 -0.25
N PHE A 23 -7.57 9.76 -0.01
CA PHE A 23 -7.18 9.39 1.34
C PHE A 23 -6.40 10.51 2.01
N ILE A 24 -5.54 11.18 1.24
CA ILE A 24 -4.73 12.27 1.75
C ILE A 24 -5.61 13.36 2.37
N GLN A 25 -6.58 13.83 1.60
CA GLN A 25 -7.49 14.87 2.07
C GLN A 25 -8.24 14.41 3.33
N ASP A 26 -8.68 13.16 3.31
CA ASP A 26 -9.42 12.59 4.44
C ASP A 26 -8.56 12.61 5.70
N SER A 27 -8.99 13.38 6.69
CA SER A 27 -8.26 13.48 7.96
C SER A 27 -8.41 12.21 8.78
N GLY A 28 -9.65 11.89 9.12
CA GLY A 28 -9.92 10.69 9.91
C GLY A 28 -9.08 9.51 9.47
N GLN A 29 -8.88 9.38 8.16
CA GLN A 29 -8.08 8.29 7.61
C GLN A 29 -6.59 8.51 7.87
N ILE A 30 -5.97 7.54 8.53
CA ILE A 30 -4.54 7.64 8.84
C ILE A 30 -3.76 6.51 8.17
N LYS A 31 -4.43 5.38 7.97
CA LYS A 31 -3.80 4.22 7.35
C LYS A 31 -4.84 3.30 6.72
N LYS A 32 -4.51 2.69 5.60
CA LYS A 32 -5.42 1.78 4.91
C LYS A 32 -4.64 0.76 4.09
N LYS A 33 -5.19 -0.45 3.98
CA LYS A 33 -4.56 -1.52 3.21
C LYS A 33 -5.39 -1.88 2.00
N PHE A 34 -4.76 -1.91 0.83
CA PHE A 34 -5.44 -2.25 -0.41
C PHE A 34 -5.39 -3.76 -0.66
N GLN A 35 -6.51 -4.31 -1.11
CA GLN A 35 -6.60 -5.74 -1.39
C GLN A 35 -5.66 -6.13 -2.53
N PRO A 36 -5.00 -7.29 -2.38
CA PRO A 36 -4.06 -7.79 -3.39
C PRO A 36 -4.77 -8.24 -4.66
N MET A 37 -4.83 -7.35 -5.65
CA MET A 37 -5.47 -7.66 -6.93
C MET A 37 -4.48 -8.30 -7.89
N ASN A 38 -3.29 -7.73 -7.97
CA ASN A 38 -2.26 -8.24 -8.87
C ASN A 38 -0.93 -8.42 -8.12
N LYS A 39 0.04 -9.02 -8.80
CA LYS A 39 1.35 -9.26 -8.20
C LYS A 39 2.21 -7.99 -8.28
N ILE A 40 1.94 -7.16 -9.27
CA ILE A 40 2.68 -5.92 -9.45
C ILE A 40 1.97 -4.74 -8.80
N GLU A 41 0.64 -4.83 -8.75
CA GLU A 41 -0.17 -3.77 -8.14
C GLU A 41 0.57 -3.13 -6.98
N ARG A 42 1.28 -3.93 -6.20
CA ARG A 42 2.03 -3.44 -5.06
C ARG A 42 3.08 -2.43 -5.49
N SER A 43 3.93 -2.83 -6.44
CA SER A 43 4.98 -1.95 -6.93
C SER A 43 4.39 -0.66 -7.51
N ILE A 44 3.44 -0.82 -8.42
CA ILE A 44 2.79 0.33 -9.06
C ILE A 44 2.30 1.32 -8.01
N LEU A 45 1.37 0.88 -7.17
CA LEU A 45 0.82 1.73 -6.12
C LEU A 45 1.93 2.38 -5.31
N HIS A 46 2.92 1.58 -4.92
CA HIS A 46 4.05 2.07 -4.14
C HIS A 46 4.62 3.35 -4.76
N ASP A 47 4.77 3.34 -6.07
CA ASP A 47 5.30 4.50 -6.79
C ASP A 47 4.33 5.68 -6.72
N VAL A 48 3.05 5.40 -6.89
CA VAL A 48 2.02 6.43 -6.84
C VAL A 48 1.98 7.10 -5.48
N VAL A 49 2.12 6.30 -4.42
CA VAL A 49 2.09 6.81 -3.06
C VAL A 49 3.29 7.70 -2.79
N GLU A 50 4.49 7.13 -2.91
CA GLU A 50 5.72 7.87 -2.68
C GLU A 50 5.70 9.21 -3.40
N VAL A 51 5.13 9.21 -4.60
CA VAL A 51 5.03 10.43 -5.40
C VAL A 51 4.01 11.39 -4.83
N ALA A 52 2.88 10.85 -4.38
CA ALA A 52 1.81 11.66 -3.81
C ALA A 52 2.28 12.37 -2.55
N GLY A 53 3.20 11.73 -1.83
CA GLY A 53 3.72 12.32 -0.60
C GLY A 53 3.19 11.64 0.64
N LEU A 54 2.99 10.33 0.55
CA LEU A 54 2.47 9.55 1.69
C LEU A 54 3.38 8.36 1.98
N THR A 55 3.19 7.76 3.15
CA THR A 55 3.99 6.60 3.55
C THR A 55 3.44 5.32 2.96
N SER A 56 4.32 4.52 2.37
CA SER A 56 3.92 3.26 1.76
C SER A 56 4.61 2.08 2.45
N PHE A 57 3.90 0.95 2.51
CA PHE A 57 4.44 -0.25 3.15
C PHE A 57 3.69 -1.49 2.68
N SER A 58 4.25 -2.66 2.98
CA SER A 58 3.64 -3.93 2.60
C SER A 58 3.60 -4.90 3.77
N PHE A 59 2.39 -5.24 4.20
CA PHE A 59 2.21 -6.17 5.31
C PHE A 59 1.32 -7.34 4.92
N GLY A 60 1.83 -8.56 5.11
CA GLY A 60 1.07 -9.74 4.76
C GLY A 60 1.11 -10.79 5.84
N GLU A 61 -0.04 -11.39 6.14
CA GLU A 61 -0.12 -12.42 7.17
C GLU A 61 0.55 -13.71 6.70
N ASP A 62 0.25 -14.11 5.47
CA ASP A 62 0.82 -15.33 4.90
C ASP A 62 1.68 -15.00 3.68
N ASP A 63 2.54 -15.95 3.30
CA ASP A 63 3.41 -15.77 2.15
C ASP A 63 2.60 -15.58 0.87
N ASP A 64 1.55 -16.39 0.72
CA ASP A 64 0.69 -16.32 -0.46
C ASP A 64 -0.12 -15.03 -0.46
N CYS A 65 -0.61 -14.64 0.71
CA CYS A 65 -1.41 -13.43 0.85
C CYS A 65 -0.53 -12.22 1.16
N ARG A 66 -0.39 -11.33 0.19
CA ARG A 66 0.43 -10.13 0.37
C ARG A 66 -0.32 -8.89 -0.09
N TYR A 67 -0.77 -8.10 0.88
CA TYR A 67 -1.51 -6.87 0.58
C TYR A 67 -0.66 -5.64 0.87
N VAL A 68 -0.93 -4.56 0.16
CA VAL A 68 -0.19 -3.31 0.34
C VAL A 68 -0.89 -2.40 1.35
N MET A 69 -0.13 -1.51 1.96
CA MET A 69 -0.66 -0.58 2.95
C MET A 69 -0.04 0.81 2.79
N ILE A 70 -0.71 1.81 3.33
CA ILE A 70 -0.22 3.19 3.26
C ILE A 70 -0.56 3.96 4.53
N PHE A 71 0.41 4.75 5.00
CA PHE A 71 0.22 5.54 6.20
C PHE A 71 0.45 7.03 5.92
N LYS A 72 0.16 7.86 6.91
CA LYS A 72 0.33 9.31 6.78
C LYS A 72 1.71 9.73 7.27
N LYS A 73 2.05 11.00 7.07
CA LYS A 73 3.33 11.54 7.49
C LYS A 73 3.44 11.53 9.01
N GLU A 74 2.40 12.02 9.68
CA GLU A 74 2.38 12.06 11.14
C GLU A 74 2.02 10.69 11.72
N PHE A 75 1.07 10.02 11.08
CA PHE A 75 0.64 8.71 11.54
C PHE A 75 1.51 7.61 10.94
N ALA A 76 2.68 7.99 10.46
CA ALA A 76 3.61 7.03 9.86
C ALA A 76 4.22 6.12 10.93
N PRO A 77 4.44 4.85 10.56
CA PRO A 77 5.01 3.85 11.46
C PRO A 77 6.48 4.13 11.78
N SER A 78 6.96 3.55 12.87
CA SER A 78 8.35 3.74 13.28
C SER A 78 9.22 2.58 12.81
N ASP A 79 10.53 2.78 12.83
CA ASP A 79 11.47 1.74 12.40
C ASP A 79 11.24 0.44 13.17
N GLU A 80 11.52 0.46 14.46
CA GLU A 80 11.34 -0.71 15.31
C GLU A 80 9.93 -1.28 15.16
N GLU A 81 8.94 -0.39 15.23
CA GLU A 81 7.54 -0.78 15.11
C GLU A 81 7.29 -1.52 13.79
N LEU A 82 7.91 -1.02 12.72
CA LEU A 82 7.75 -1.63 11.40
C LEU A 82 8.20 -3.09 11.41
N ASP A 83 9.40 -3.32 11.93
CA ASP A 83 9.96 -4.67 12.01
C ASP A 83 9.00 -5.61 12.75
N SER A 84 8.44 -5.12 13.85
CA SER A 84 7.51 -5.91 14.66
C SER A 84 6.19 -6.10 13.93
N TYR A 85 5.73 -5.04 13.27
CA TYR A 85 4.47 -5.09 12.53
C TYR A 85 4.45 -6.27 11.56
N ARG A 86 5.51 -6.39 10.77
CA ARG A 86 5.62 -7.47 9.79
C ARG A 86 5.80 -8.81 10.49
N ARG A 87 6.71 -8.85 11.47
CA ARG A 87 6.98 -10.07 12.21
C ARG A 87 5.72 -10.56 12.93
N GLY A 88 4.80 -9.64 13.20
CA GLY A 88 3.58 -10.00 13.88
C GLY A 88 3.71 -9.93 15.39
N SER A 89 3.05 -10.85 16.09
CA SER A 89 3.09 -10.89 17.54
C SER A 89 2.98 -12.32 18.06
N GLY A 90 3.30 -12.51 19.34
CA GLY A 90 3.24 -13.83 19.93
C GLY A 90 3.12 -13.79 21.43
N PRO A 91 4.25 -13.58 22.12
CA PRO A 91 4.30 -13.51 23.58
C PRO A 91 3.61 -12.26 24.13
N SER A 92 3.60 -12.13 25.45
CA SER A 92 2.99 -10.97 26.09
C SER A 92 4.00 -10.19 26.90
N SER A 93 3.80 -8.88 26.99
CA SER A 93 4.71 -8.01 27.72
C SER A 93 4.67 -8.33 29.21
N GLY A 94 5.78 -8.86 29.73
CA GLY A 94 5.85 -9.20 31.15
C GLY A 94 7.27 -9.42 31.62
N GLY A 1 -3.89 7.67 -33.01
CA GLY A 1 -3.91 8.66 -31.95
C GLY A 1 -4.58 8.14 -30.70
N SER A 2 -3.83 8.11 -29.60
CA SER A 2 -4.37 7.63 -28.33
C SER A 2 -4.76 6.16 -28.43
N SER A 3 -3.92 5.38 -29.11
CA SER A 3 -4.19 3.95 -29.28
C SER A 3 -3.63 3.15 -28.11
N GLY A 4 -4.53 2.51 -27.36
CA GLY A 4 -4.10 1.72 -26.21
C GLY A 4 -4.03 0.25 -26.52
N SER A 5 -3.71 -0.56 -25.51
CA SER A 5 -3.60 -2.00 -25.69
C SER A 5 -4.38 -2.75 -24.60
N SER A 6 -4.71 -4.00 -24.87
CA SER A 6 -5.46 -4.81 -23.92
C SER A 6 -4.61 -5.13 -22.70
N GLY A 7 -5.09 -4.70 -21.53
CA GLY A 7 -4.35 -4.95 -20.29
C GLY A 7 -3.15 -4.03 -20.15
N GLN A 8 -3.38 -2.84 -19.60
CA GLN A 8 -2.30 -1.88 -19.40
C GLN A 8 -2.30 -1.35 -17.97
N LYS A 9 -1.20 -1.59 -17.27
CA LYS A 9 -1.06 -1.15 -15.88
C LYS A 9 -1.51 0.30 -15.72
N VAL A 10 -1.19 1.13 -16.72
CA VAL A 10 -1.55 2.54 -16.70
C VAL A 10 -2.90 2.74 -16.01
N GLU A 11 -3.94 2.11 -16.55
CA GLU A 11 -5.28 2.22 -15.98
C GLU A 11 -5.22 2.25 -14.45
N PHE A 12 -4.68 1.18 -13.87
CA PHE A 12 -4.57 1.07 -12.42
C PHE A 12 -3.89 2.32 -11.84
N ARG A 13 -2.73 2.66 -12.37
CA ARG A 13 -1.99 3.83 -11.91
C ARG A 13 -2.93 4.99 -11.62
N LYS A 14 -3.72 5.36 -12.63
CA LYS A 14 -4.67 6.46 -12.48
C LYS A 14 -5.63 6.21 -11.32
N ARG A 15 -6.26 5.05 -11.33
CA ARG A 15 -7.20 4.68 -10.27
C ARG A 15 -6.58 4.87 -8.90
N MET A 16 -5.30 4.51 -8.77
CA MET A 16 -4.60 4.64 -7.51
C MET A 16 -4.41 6.12 -7.14
N GLU A 17 -4.03 6.93 -8.13
CA GLU A 17 -3.82 8.35 -7.91
C GLU A 17 -5.05 8.99 -7.27
N LYS A 18 -6.23 8.60 -7.76
CA LYS A 18 -7.48 9.15 -7.25
C LYS A 18 -7.72 8.68 -5.81
N GLU A 19 -7.57 7.38 -5.57
CA GLU A 19 -7.76 6.83 -4.24
C GLU A 19 -6.79 7.44 -3.24
N VAL A 20 -5.50 7.31 -3.53
CA VAL A 20 -4.47 7.86 -2.64
C VAL A 20 -4.78 9.30 -2.26
N SER A 21 -4.87 10.17 -3.26
CA SER A 21 -5.16 11.58 -3.03
C SER A 21 -6.34 11.74 -2.08
N ASP A 22 -7.48 11.18 -2.45
CA ASP A 22 -8.68 11.26 -1.63
C ASP A 22 -8.36 10.98 -0.17
N PHE A 23 -7.55 9.96 0.07
CA PHE A 23 -7.16 9.59 1.43
C PHE A 23 -6.32 10.69 2.07
N ILE A 24 -5.36 11.22 1.31
CA ILE A 24 -4.49 12.28 1.82
C ILE A 24 -5.31 13.45 2.35
N GLN A 25 -6.13 14.04 1.49
CA GLN A 25 -6.97 15.17 1.88
C GLN A 25 -7.85 14.80 3.07
N ASP A 26 -8.43 13.61 3.02
CA ASP A 26 -9.30 13.14 4.09
C ASP A 26 -8.57 13.12 5.43
N SER A 27 -8.94 14.02 6.33
CA SER A 27 -8.31 14.10 7.64
C SER A 27 -8.55 12.83 8.44
N GLY A 28 -9.83 12.46 8.58
CA GLY A 28 -10.17 11.27 9.33
C GLY A 28 -9.30 10.08 8.96
N GLN A 29 -9.00 9.94 7.68
CA GLN A 29 -8.17 8.85 7.20
C GLN A 29 -6.70 9.06 7.58
N ILE A 30 -6.16 8.09 8.32
CA ILE A 30 -4.77 8.18 8.75
C ILE A 30 -3.92 7.07 8.12
N LYS A 31 -4.57 5.96 7.78
CA LYS A 31 -3.89 4.84 7.15
C LYS A 31 -4.85 4.01 6.31
N LYS A 32 -4.34 3.41 5.24
CA LYS A 32 -5.15 2.60 4.35
C LYS A 32 -4.39 1.34 3.91
N LYS A 33 -5.12 0.24 3.77
CA LYS A 33 -4.52 -1.02 3.37
C LYS A 33 -5.19 -1.57 2.11
N PHE A 34 -4.41 -1.76 1.05
CA PHE A 34 -4.94 -2.28 -0.20
C PHE A 34 -4.84 -3.79 -0.25
N GLN A 35 -5.49 -4.39 -1.24
CA GLN A 35 -5.48 -5.84 -1.40
C GLN A 35 -4.57 -6.26 -2.55
N PRO A 36 -3.81 -7.35 -2.33
CA PRO A 36 -2.88 -7.87 -3.33
C PRO A 36 -3.60 -8.50 -4.52
N MET A 37 -4.02 -7.66 -5.46
CA MET A 37 -4.72 -8.13 -6.65
C MET A 37 -3.75 -8.75 -7.65
N ASN A 38 -2.62 -8.08 -7.87
CA ASN A 38 -1.62 -8.57 -8.81
C ASN A 38 -0.22 -8.54 -8.17
N LYS A 39 0.77 -9.00 -8.91
CA LYS A 39 2.14 -9.03 -8.42
C LYS A 39 2.87 -7.75 -8.80
N ILE A 40 2.47 -7.14 -9.91
CA ILE A 40 3.09 -5.91 -10.37
C ILE A 40 2.43 -4.68 -9.74
N GLU A 41 1.10 -4.70 -9.69
CA GLU A 41 0.34 -3.60 -9.11
C GLU A 41 1.03 -3.06 -7.85
N ARG A 42 1.70 -3.96 -7.13
CA ARG A 42 2.40 -3.58 -5.91
C ARG A 42 3.39 -2.45 -6.18
N SER A 43 4.36 -2.72 -7.04
CA SER A 43 5.39 -1.74 -7.38
C SER A 43 4.74 -0.45 -7.92
N ILE A 44 3.74 -0.62 -8.78
CA ILE A 44 3.04 0.51 -9.36
C ILE A 44 2.45 1.41 -8.28
N LEU A 45 1.56 0.85 -7.47
CA LEU A 45 0.92 1.59 -6.39
C LEU A 45 1.96 2.31 -5.54
N HIS A 46 3.04 1.60 -5.22
CA HIS A 46 4.12 2.18 -4.40
C HIS A 46 4.64 3.46 -5.03
N ASP A 47 4.83 3.45 -6.34
CA ASP A 47 5.32 4.62 -7.06
C ASP A 47 4.36 5.79 -6.91
N VAL A 48 3.07 5.52 -7.08
CA VAL A 48 2.05 6.55 -6.97
C VAL A 48 2.00 7.14 -5.56
N VAL A 49 2.23 6.28 -4.57
CA VAL A 49 2.22 6.70 -3.18
C VAL A 49 3.43 7.58 -2.86
N GLU A 50 4.61 7.05 -3.10
CA GLU A 50 5.85 7.77 -2.84
C GLU A 50 5.81 9.15 -3.49
N VAL A 51 5.18 9.23 -4.66
CA VAL A 51 5.08 10.49 -5.39
C VAL A 51 4.13 11.45 -4.69
N ALA A 52 2.99 10.92 -4.24
CA ALA A 52 1.99 11.74 -3.56
C ALA A 52 2.55 12.32 -2.26
N GLY A 53 3.44 11.56 -1.61
CA GLY A 53 4.03 12.02 -0.37
C GLY A 53 3.53 11.24 0.83
N LEU A 54 3.33 9.94 0.65
CA LEU A 54 2.84 9.09 1.73
C LEU A 54 3.76 7.88 1.94
N THR A 55 3.62 7.22 3.07
CA THR A 55 4.43 6.05 3.38
C THR A 55 3.81 4.79 2.81
N SER A 56 4.65 3.85 2.39
CA SER A 56 4.18 2.59 1.82
C SER A 56 5.03 1.42 2.32
N PHE A 57 4.38 0.30 2.59
CA PHE A 57 5.07 -0.89 3.07
C PHE A 57 4.34 -2.16 2.65
N SER A 58 5.07 -3.25 2.52
CA SER A 58 4.49 -4.53 2.13
C SER A 58 4.51 -5.53 3.29
N PHE A 59 3.33 -5.84 3.81
CA PHE A 59 3.22 -6.78 4.92
C PHE A 59 2.23 -7.89 4.60
N GLY A 60 2.68 -9.13 4.69
CA GLY A 60 1.83 -10.27 4.40
C GLY A 60 2.02 -11.40 5.39
N GLU A 61 1.09 -12.36 5.37
CA GLU A 61 1.16 -13.50 6.27
C GLU A 61 2.10 -14.57 5.72
N ASP A 62 2.07 -14.75 4.41
CA ASP A 62 2.92 -15.74 3.75
C ASP A 62 3.67 -15.13 2.57
N ASP A 63 4.82 -15.70 2.25
CA ASP A 63 5.64 -15.21 1.14
C ASP A 63 4.78 -14.93 -0.09
N ASP A 64 3.97 -15.91 -0.47
CA ASP A 64 3.10 -15.78 -1.63
C ASP A 64 2.06 -14.69 -1.40
N CYS A 65 1.49 -14.66 -0.20
CA CYS A 65 0.48 -13.67 0.15
C CYS A 65 1.11 -12.42 0.75
N ARG A 66 1.17 -11.36 -0.04
CA ARG A 66 1.76 -10.11 0.41
C ARG A 66 0.92 -8.91 -0.05
N TYR A 67 0.37 -8.19 0.92
CA TYR A 67 -0.46 -7.02 0.62
C TYR A 67 0.32 -5.73 0.83
N VAL A 68 -0.22 -4.63 0.31
CA VAL A 68 0.43 -3.33 0.44
C VAL A 68 -0.35 -2.43 1.39
N MET A 69 0.39 -1.61 2.15
CA MET A 69 -0.24 -0.70 3.10
C MET A 69 0.33 0.71 2.94
N ILE A 70 -0.38 1.69 3.51
CA ILE A 70 0.04 3.08 3.43
C ILE A 70 -0.25 3.82 4.72
N PHE A 71 0.60 4.77 5.06
CA PHE A 71 0.42 5.56 6.28
C PHE A 71 0.67 7.04 6.01
N LYS A 72 0.24 7.89 6.95
CA LYS A 72 0.40 9.33 6.81
C LYS A 72 1.73 9.78 7.40
N LYS A 73 2.05 11.05 7.23
CA LYS A 73 3.29 11.62 7.74
C LYS A 73 3.33 11.55 9.27
N GLU A 74 2.34 12.17 9.91
CA GLU A 74 2.26 12.17 11.37
C GLU A 74 1.86 10.80 11.89
N PHE A 75 0.93 10.16 11.21
CA PHE A 75 0.46 8.83 11.61
C PHE A 75 1.36 7.74 11.05
N ALA A 76 2.57 8.13 10.64
CA ALA A 76 3.53 7.18 10.10
C ALA A 76 4.05 6.23 11.18
N PRO A 77 4.28 4.98 10.80
CA PRO A 77 4.78 3.95 11.72
C PRO A 77 6.23 4.19 12.12
N SER A 78 6.63 3.59 13.24
CA SER A 78 7.99 3.74 13.75
C SER A 78 8.88 2.59 13.29
N ASP A 79 10.19 2.76 13.44
CA ASP A 79 11.14 1.73 13.04
C ASP A 79 10.84 0.41 13.75
N GLU A 80 10.97 0.40 15.07
CA GLU A 80 10.72 -0.80 15.85
C GLU A 80 9.34 -1.37 15.54
N GLU A 81 8.34 -0.50 15.58
CA GLU A 81 6.96 -0.92 15.30
C GLU A 81 6.86 -1.59 13.93
N LEU A 82 7.50 -0.98 12.93
CA LEU A 82 7.48 -1.51 11.58
C LEU A 82 7.91 -2.98 11.56
N ASP A 83 9.03 -3.25 12.21
CA ASP A 83 9.56 -4.61 12.28
C ASP A 83 8.59 -5.54 13.01
N SER A 84 7.97 -5.02 14.05
CA SER A 84 7.01 -5.80 14.85
C SER A 84 5.70 -5.97 14.10
N TYR A 85 5.41 -5.04 13.20
CA TYR A 85 4.18 -5.09 12.41
C TYR A 85 4.26 -6.19 11.35
N ARG A 86 5.37 -6.21 10.62
CA ARG A 86 5.57 -7.20 9.57
C ARG A 86 5.78 -8.59 10.16
N ARG A 87 6.41 -8.64 11.33
CA ARG A 87 6.67 -9.91 12.01
C ARG A 87 5.38 -10.50 12.55
N GLY A 88 4.27 -9.82 12.33
CA GLY A 88 2.99 -10.31 12.80
C GLY A 88 1.87 -9.31 12.56
N SER A 89 1.11 -9.53 11.49
CA SER A 89 0.00 -8.65 11.14
C SER A 89 -1.01 -8.55 12.29
N GLY A 90 -1.30 -9.69 12.90
CA GLY A 90 -2.24 -9.73 14.00
C GLY A 90 -1.88 -10.78 15.04
N PRO A 91 -2.62 -10.77 16.17
CA PRO A 91 -2.40 -11.72 17.26
C PRO A 91 -2.80 -13.14 16.88
N SER A 92 -2.33 -14.11 17.67
CA SER A 92 -2.65 -15.52 17.41
C SER A 92 -2.51 -16.34 18.68
N SER A 93 -3.22 -17.47 18.73
CA SER A 93 -3.18 -18.34 19.90
C SER A 93 -1.79 -18.92 20.10
N GLY A 94 -1.28 -18.80 21.33
CA GLY A 94 0.05 -19.31 21.64
C GLY A 94 0.07 -20.10 22.92
N GLY A 1 -7.40 -10.87 -33.19
CA GLY A 1 -6.96 -9.62 -32.62
C GLY A 1 -5.87 -9.81 -31.58
N SER A 2 -5.14 -8.74 -31.30
CA SER A 2 -4.06 -8.79 -30.31
C SER A 2 -4.30 -7.78 -29.20
N SER A 3 -4.41 -8.29 -27.97
CA SER A 3 -4.64 -7.43 -26.81
C SER A 3 -3.35 -6.74 -26.38
N GLY A 4 -3.49 -5.53 -25.85
CA GLY A 4 -2.32 -4.77 -25.41
C GLY A 4 -1.72 -5.32 -24.13
N SER A 5 -0.94 -6.40 -24.25
CA SER A 5 -0.32 -7.02 -23.10
C SER A 5 0.31 -5.97 -22.19
N SER A 6 1.27 -5.23 -22.73
CA SER A 6 1.95 -4.19 -21.97
C SER A 6 1.30 -2.83 -22.20
N GLY A 7 0.75 -2.27 -21.12
CA GLY A 7 0.09 -0.98 -21.22
C GLY A 7 -1.02 -0.81 -20.22
N GLN A 8 -1.84 -1.85 -20.05
CA GLN A 8 -2.95 -1.81 -19.12
C GLN A 8 -2.60 -0.99 -17.88
N LYS A 9 -1.37 -1.16 -17.40
CA LYS A 9 -0.91 -0.42 -16.22
C LYS A 9 -1.50 0.97 -16.18
N VAL A 10 -1.43 1.68 -17.31
CA VAL A 10 -1.96 3.03 -17.40
C VAL A 10 -3.22 3.19 -16.56
N GLU A 11 -4.28 2.49 -16.95
CA GLU A 11 -5.55 2.54 -16.23
C GLU A 11 -5.33 2.42 -14.73
N PHE A 12 -4.66 1.34 -14.32
CA PHE A 12 -4.38 1.10 -12.91
C PHE A 12 -3.72 2.33 -12.27
N ARG A 13 -2.55 2.69 -12.79
CA ARG A 13 -1.81 3.84 -12.27
C ARG A 13 -2.77 4.99 -11.94
N LYS A 14 -3.64 5.31 -12.89
CA LYS A 14 -4.61 6.38 -12.70
C LYS A 14 -5.42 6.17 -11.44
N ARG A 15 -6.06 5.00 -11.34
CA ARG A 15 -6.88 4.67 -10.18
C ARG A 15 -6.12 4.95 -8.88
N MET A 16 -4.91 4.43 -8.78
CA MET A 16 -4.09 4.62 -7.59
C MET A 16 -3.98 6.10 -7.25
N GLU A 17 -3.70 6.92 -8.25
CA GLU A 17 -3.56 8.36 -8.04
C GLU A 17 -4.83 8.93 -7.39
N LYS A 18 -5.98 8.46 -7.84
CA LYS A 18 -7.26 8.93 -7.29
C LYS A 18 -7.47 8.39 -5.89
N GLU A 19 -7.31 7.09 -5.72
CA GLU A 19 -7.49 6.45 -4.42
C GLU A 19 -6.58 7.09 -3.38
N VAL A 20 -5.28 7.13 -3.67
CA VAL A 20 -4.30 7.71 -2.75
C VAL A 20 -4.69 9.14 -2.39
N SER A 21 -4.74 10.01 -3.40
CA SER A 21 -5.09 11.41 -3.18
C SER A 21 -6.27 11.54 -2.24
N ASP A 22 -7.40 10.92 -2.61
CA ASP A 22 -8.60 10.97 -1.79
C ASP A 22 -8.28 10.68 -0.33
N PHE A 23 -7.45 9.67 -0.09
CA PHE A 23 -7.05 9.30 1.26
C PHE A 23 -6.30 10.43 1.94
N ILE A 24 -5.39 11.06 1.20
CA ILE A 24 -4.59 12.16 1.73
C ILE A 24 -5.48 13.24 2.32
N GLN A 25 -6.35 13.80 1.48
CA GLN A 25 -7.26 14.85 1.92
C GLN A 25 -8.06 14.41 3.14
N ASP A 26 -8.52 13.16 3.11
CA ASP A 26 -9.30 12.62 4.22
C ASP A 26 -8.52 12.71 5.53
N SER A 27 -9.10 13.38 6.52
CA SER A 27 -8.45 13.54 7.82
C SER A 27 -8.71 12.33 8.70
N GLY A 28 -9.99 12.09 9.01
CA GLY A 28 -10.35 10.96 9.84
C GLY A 28 -9.52 9.72 9.55
N GLN A 29 -9.26 9.49 8.26
CA GLN A 29 -8.48 8.33 7.84
C GLN A 29 -6.98 8.61 7.97
N ILE A 30 -6.30 7.83 8.80
CA ILE A 30 -4.86 7.99 9.01
C ILE A 30 -4.08 6.97 8.21
N LYS A 31 -4.67 5.81 7.99
CA LYS A 31 -4.02 4.74 7.23
C LYS A 31 -5.04 4.00 6.37
N LYS A 32 -4.56 3.41 5.28
CA LYS A 32 -5.42 2.66 4.36
C LYS A 32 -4.78 1.33 3.98
N LYS A 33 -5.59 0.28 3.92
CA LYS A 33 -5.11 -1.04 3.55
C LYS A 33 -5.57 -1.43 2.16
N PHE A 34 -4.63 -1.79 1.30
CA PHE A 34 -4.95 -2.20 -0.07
C PHE A 34 -5.06 -3.71 -0.18
N GLN A 35 -5.70 -4.17 -1.25
CA GLN A 35 -5.86 -5.61 -1.47
C GLN A 35 -4.96 -6.09 -2.61
N PRO A 36 -4.31 -7.24 -2.41
CA PRO A 36 -3.41 -7.83 -3.41
C PRO A 36 -4.17 -8.36 -4.62
N MET A 37 -4.49 -7.48 -5.56
CA MET A 37 -5.21 -7.86 -6.77
C MET A 37 -4.25 -8.43 -7.81
N ASN A 38 -3.09 -7.79 -7.97
CA ASN A 38 -2.09 -8.24 -8.93
C ASN A 38 -0.73 -8.39 -8.27
N LYS A 39 0.25 -8.84 -9.04
CA LYS A 39 1.60 -9.03 -8.53
C LYS A 39 2.45 -7.78 -8.73
N ILE A 40 2.17 -7.06 -9.80
CA ILE A 40 2.90 -5.82 -10.10
C ILE A 40 2.20 -4.61 -9.49
N GLU A 41 0.88 -4.69 -9.38
CA GLU A 41 0.10 -3.59 -8.81
C GLU A 41 0.83 -2.97 -7.62
N ARG A 42 1.61 -3.78 -6.92
CA ARG A 42 2.36 -3.30 -5.76
C ARG A 42 3.39 -2.26 -6.17
N SER A 43 4.28 -2.64 -7.08
CA SER A 43 5.32 -1.74 -7.55
C SER A 43 4.72 -0.44 -8.08
N ILE A 44 3.69 -0.57 -8.91
CA ILE A 44 3.03 0.60 -9.49
C ILE A 44 2.45 1.49 -8.39
N LEU A 45 1.58 0.92 -7.57
CA LEU A 45 0.95 1.66 -6.48
C LEU A 45 2.00 2.36 -5.62
N HIS A 46 3.07 1.64 -5.32
CA HIS A 46 4.16 2.20 -4.51
C HIS A 46 4.68 3.49 -5.10
N ASP A 47 4.93 3.47 -6.41
CA ASP A 47 5.43 4.65 -7.12
C ASP A 47 4.50 5.83 -6.94
N VAL A 48 3.21 5.59 -7.14
CA VAL A 48 2.20 6.64 -7.00
C VAL A 48 2.19 7.21 -5.59
N VAL A 49 2.41 6.35 -4.60
CA VAL A 49 2.42 6.76 -3.21
C VAL A 49 3.65 7.62 -2.91
N GLU A 50 4.82 7.06 -3.15
CA GLU A 50 6.07 7.79 -2.90
C GLU A 50 6.03 9.18 -3.52
N VAL A 51 5.36 9.28 -4.66
CA VAL A 51 5.24 10.57 -5.36
C VAL A 51 4.25 11.49 -4.66
N ALA A 52 3.13 10.92 -4.22
CA ALA A 52 2.11 11.68 -3.52
C ALA A 52 2.64 12.27 -2.22
N GLY A 53 3.53 11.52 -1.57
CA GLY A 53 4.11 11.97 -0.32
C GLY A 53 3.55 11.22 0.88
N LEU A 54 3.38 9.92 0.72
CA LEU A 54 2.85 9.08 1.79
C LEU A 54 3.78 7.89 2.06
N THR A 55 3.51 7.17 3.15
CA THR A 55 4.32 6.02 3.52
C THR A 55 3.71 4.74 2.97
N SER A 56 4.56 3.89 2.38
CA SER A 56 4.12 2.64 1.81
C SER A 56 4.87 1.45 2.43
N PHE A 57 4.11 0.48 2.91
CA PHE A 57 4.70 -0.70 3.53
C PHE A 57 3.91 -1.96 3.19
N SER A 58 4.59 -2.96 2.64
CA SER A 58 3.95 -4.21 2.26
C SER A 58 3.89 -5.17 3.45
N PHE A 59 2.67 -5.44 3.93
CA PHE A 59 2.48 -6.34 5.06
C PHE A 59 1.62 -7.54 4.66
N GLY A 60 2.15 -8.73 4.88
CA GLY A 60 1.42 -9.94 4.53
C GLY A 60 1.55 -11.02 5.59
N GLU A 61 0.46 -11.74 5.84
CA GLU A 61 0.45 -12.80 6.83
C GLU A 61 1.16 -14.05 6.30
N ASP A 62 0.98 -14.31 5.01
CA ASP A 62 1.59 -15.47 4.37
C ASP A 62 2.30 -15.07 3.08
N ASP A 63 3.29 -15.87 2.68
CA ASP A 63 4.04 -15.60 1.46
C ASP A 63 3.13 -15.61 0.24
N ASP A 64 2.20 -16.55 0.21
CA ASP A 64 1.26 -16.67 -0.90
C ASP A 64 0.43 -15.40 -1.04
N CYS A 65 -0.03 -14.87 0.09
CA CYS A 65 -0.84 -13.65 0.08
C CYS A 65 -0.06 -12.48 0.68
N ARG A 66 0.23 -11.49 -0.16
CA ARG A 66 0.98 -10.32 0.28
C ARG A 66 0.24 -9.03 -0.12
N TYR A 67 -0.38 -8.40 0.86
CA TYR A 67 -1.12 -7.17 0.62
C TYR A 67 -0.25 -5.94 0.88
N VAL A 68 -0.65 -4.80 0.32
CA VAL A 68 0.10 -3.56 0.50
C VAL A 68 -0.67 -2.58 1.36
N MET A 69 0.04 -1.85 2.22
CA MET A 69 -0.57 -0.87 3.10
C MET A 69 0.10 0.49 2.96
N ILE A 70 -0.57 1.53 3.46
CA ILE A 70 -0.03 2.88 3.38
C ILE A 70 -0.35 3.66 4.65
N PHE A 71 0.59 4.49 5.08
CA PHE A 71 0.43 5.30 6.28
C PHE A 71 0.70 6.77 5.99
N LYS A 72 0.15 7.64 6.83
CA LYS A 72 0.34 9.08 6.66
C LYS A 72 1.70 9.51 7.20
N LYS A 73 2.03 10.78 7.00
CA LYS A 73 3.31 11.33 7.47
C LYS A 73 3.35 11.38 8.99
N GLU A 74 2.40 12.10 9.58
CA GLU A 74 2.32 12.24 11.04
C GLU A 74 1.93 10.92 11.67
N PHE A 75 1.04 10.18 11.01
CA PHE A 75 0.57 8.90 11.53
C PHE A 75 1.44 7.76 11.00
N ALA A 76 2.62 8.09 10.51
CA ALA A 76 3.54 7.10 9.97
C ALA A 76 4.10 6.22 11.10
N PRO A 77 4.31 4.93 10.78
CA PRO A 77 4.84 3.95 11.73
C PRO A 77 6.31 4.23 12.08
N SER A 78 6.74 3.76 13.25
CA SER A 78 8.11 3.94 13.70
C SER A 78 9.00 2.79 13.23
N ASP A 79 10.30 2.98 13.31
CA ASP A 79 11.26 1.97 12.91
C ASP A 79 11.03 0.67 13.68
N GLU A 80 11.30 0.71 14.98
CA GLU A 80 11.13 -0.47 15.83
C GLU A 80 9.74 -1.08 15.64
N GLU A 81 8.72 -0.23 15.65
CA GLU A 81 7.34 -0.68 15.48
C GLU A 81 7.17 -1.41 14.15
N LEU A 82 7.72 -0.83 13.09
CA LEU A 82 7.63 -1.42 11.76
C LEU A 82 8.09 -2.88 11.77
N ASP A 83 9.26 -3.11 12.34
CA ASP A 83 9.81 -4.46 12.42
C ASP A 83 8.83 -5.41 13.12
N SER A 84 8.45 -5.06 14.34
CA SER A 84 7.53 -5.87 15.12
C SER A 84 6.20 -6.03 14.38
N TYR A 85 5.81 -5.00 13.66
CA TYR A 85 4.56 -5.02 12.91
C TYR A 85 4.53 -6.20 11.93
N ARG A 86 5.61 -6.36 11.18
CA ARG A 86 5.71 -7.44 10.21
C ARG A 86 5.70 -8.80 10.90
N ARG A 87 6.63 -8.99 11.82
CA ARG A 87 6.74 -10.25 12.57
C ARG A 87 5.47 -10.51 13.37
N GLY A 88 4.76 -9.43 13.72
CA GLY A 88 3.53 -9.57 14.49
C GLY A 88 3.77 -9.46 15.98
N SER A 89 2.83 -8.84 16.68
CA SER A 89 2.93 -8.66 18.12
C SER A 89 2.58 -9.95 18.86
N GLY A 90 3.55 -10.49 19.59
CA GLY A 90 3.32 -11.72 20.34
C GLY A 90 4.45 -12.03 21.30
N PRO A 91 4.09 -12.44 22.53
CA PRO A 91 5.07 -12.79 23.56
C PRO A 91 5.82 -14.07 23.24
N SER A 92 7.13 -13.93 22.98
CA SER A 92 7.96 -15.08 22.66
C SER A 92 8.28 -15.88 23.91
N SER A 93 7.78 -17.12 23.95
CA SER A 93 8.02 -17.99 25.10
C SER A 93 9.50 -18.36 25.21
N GLY A 94 10.08 -18.79 24.10
CA GLY A 94 11.48 -19.16 24.09
C GLY A 94 12.36 -18.14 23.39
N GLY A 1 16.57 -8.89 -16.46
CA GLY A 1 16.63 -7.45 -16.32
C GLY A 1 16.45 -6.73 -17.63
N SER A 2 16.70 -5.42 -17.63
CA SER A 2 16.55 -4.61 -18.84
C SER A 2 15.18 -4.83 -19.48
N SER A 3 14.16 -4.93 -18.63
CA SER A 3 12.79 -5.14 -19.11
C SER A 3 11.79 -4.52 -18.14
N GLY A 4 11.00 -3.58 -18.64
CA GLY A 4 10.01 -2.92 -17.81
C GLY A 4 9.26 -1.82 -18.55
N SER A 5 8.76 -2.16 -19.74
CA SER A 5 8.02 -1.20 -20.55
C SER A 5 6.71 -0.81 -19.88
N SER A 6 6.05 0.21 -20.42
CA SER A 6 4.78 0.69 -19.88
C SER A 6 3.62 0.31 -20.79
N GLY A 7 2.41 0.53 -20.31
CA GLY A 7 1.23 0.21 -21.09
C GLY A 7 0.02 -0.11 -20.22
N GLN A 8 -0.19 -1.40 -19.97
CA GLN A 8 -1.32 -1.83 -19.15
C GLN A 8 -1.27 -1.19 -17.77
N LYS A 9 -0.17 -1.42 -17.06
CA LYS A 9 0.00 -0.85 -15.73
C LYS A 9 -0.54 0.56 -15.66
N VAL A 10 -0.23 1.36 -16.68
CA VAL A 10 -0.69 2.75 -16.73
C VAL A 10 -2.08 2.89 -16.13
N GLU A 11 -3.07 2.30 -16.78
CA GLU A 11 -4.45 2.36 -16.30
C GLU A 11 -4.50 2.32 -14.77
N PHE A 12 -3.94 1.26 -14.20
CA PHE A 12 -3.92 1.10 -12.75
C PHE A 12 -3.29 2.31 -12.08
N ARG A 13 -2.19 2.79 -12.64
CA ARG A 13 -1.48 3.94 -12.09
C ARG A 13 -2.45 5.09 -11.83
N LYS A 14 -3.25 5.43 -12.83
CA LYS A 14 -4.22 6.51 -12.71
C LYS A 14 -5.22 6.22 -11.59
N ARG A 15 -5.76 5.01 -11.60
CA ARG A 15 -6.74 4.60 -10.59
C ARG A 15 -6.18 4.80 -9.19
N MET A 16 -4.90 4.50 -9.01
CA MET A 16 -4.25 4.65 -7.72
C MET A 16 -4.12 6.12 -7.34
N GLU A 17 -3.84 6.95 -8.34
CA GLU A 17 -3.69 8.39 -8.11
C GLU A 17 -4.97 8.98 -7.52
N LYS A 18 -6.12 8.56 -8.05
CA LYS A 18 -7.40 9.04 -7.57
C LYS A 18 -7.68 8.57 -6.16
N GLU A 19 -7.48 7.27 -5.92
CA GLU A 19 -7.71 6.69 -4.60
C GLU A 19 -6.79 7.33 -3.56
N VAL A 20 -5.49 7.34 -3.85
CA VAL A 20 -4.51 7.91 -2.94
C VAL A 20 -4.86 9.35 -2.59
N SER A 21 -4.89 10.21 -3.60
CA SER A 21 -5.21 11.63 -3.40
C SER A 21 -6.38 11.77 -2.41
N ASP A 22 -7.50 11.15 -2.74
CA ASP A 22 -8.69 11.21 -1.88
C ASP A 22 -8.32 10.94 -0.42
N PHE A 23 -7.51 9.90 -0.20
CA PHE A 23 -7.10 9.53 1.15
C PHE A 23 -6.25 10.64 1.77
N ILE A 24 -5.48 11.33 0.94
CA ILE A 24 -4.62 12.40 1.40
C ILE A 24 -5.44 13.52 2.05
N GLN A 25 -6.38 14.08 1.28
CA GLN A 25 -7.23 15.14 1.79
C GLN A 25 -7.96 14.72 3.05
N ASP A 26 -8.52 13.52 3.02
CA ASP A 26 -9.25 12.98 4.17
C ASP A 26 -8.35 12.91 5.39
N SER A 27 -8.70 13.66 6.43
CA SER A 27 -7.93 13.69 7.66
C SER A 27 -8.30 12.52 8.56
N GLY A 28 -9.59 12.31 8.77
CA GLY A 28 -10.05 11.22 9.61
C GLY A 28 -9.31 9.93 9.34
N GLN A 29 -9.00 9.69 8.07
CA GLN A 29 -8.28 8.47 7.67
C GLN A 29 -6.78 8.64 7.89
N ILE A 30 -6.19 7.72 8.65
CA ILE A 30 -4.76 7.76 8.93
C ILE A 30 -4.02 6.65 8.19
N LYS A 31 -4.72 5.55 7.94
CA LYS A 31 -4.14 4.41 7.24
C LYS A 31 -5.17 3.73 6.35
N LYS A 32 -4.70 3.03 5.31
CA LYS A 32 -5.58 2.33 4.39
C LYS A 32 -5.02 0.96 4.05
N LYS A 33 -5.91 -0.01 3.87
CA LYS A 33 -5.52 -1.37 3.53
C LYS A 33 -6.06 -1.77 2.17
N PHE A 34 -5.19 -1.75 1.15
CA PHE A 34 -5.58 -2.12 -0.20
C PHE A 34 -5.54 -3.63 -0.40
N GLN A 35 -6.54 -4.17 -1.09
CA GLN A 35 -6.60 -5.60 -1.34
C GLN A 35 -5.68 -6.00 -2.50
N PRO A 36 -5.00 -7.13 -2.33
CA PRO A 36 -4.07 -7.64 -3.35
C PRO A 36 -4.79 -8.15 -4.59
N MET A 37 -5.18 -7.21 -5.46
CA MET A 37 -5.89 -7.56 -6.69
C MET A 37 -4.93 -8.17 -7.71
N ASN A 38 -3.76 -7.57 -7.85
CA ASN A 38 -2.75 -8.06 -8.80
C ASN A 38 -1.39 -8.20 -8.11
N LYS A 39 -0.41 -8.68 -8.86
CA LYS A 39 0.94 -8.87 -8.34
C LYS A 39 1.75 -7.60 -8.48
N ILE A 40 1.72 -7.01 -9.66
CA ILE A 40 2.46 -5.78 -9.94
C ILE A 40 1.74 -4.56 -9.36
N GLU A 41 0.41 -4.61 -9.38
CA GLU A 41 -0.40 -3.52 -8.86
C GLU A 41 0.23 -2.94 -7.58
N ARG A 42 0.91 -3.79 -6.84
CA ARG A 42 1.55 -3.37 -5.59
C ARG A 42 2.67 -2.37 -5.87
N SER A 43 3.60 -2.75 -6.73
CA SER A 43 4.73 -1.89 -7.08
C SER A 43 4.23 -0.56 -7.65
N ILE A 44 3.26 -0.64 -8.55
CA ILE A 44 2.70 0.56 -9.16
C ILE A 44 2.14 1.52 -8.11
N LEU A 45 1.26 0.99 -7.26
CA LEU A 45 0.65 1.79 -6.21
C LEU A 45 1.72 2.44 -5.34
N HIS A 46 2.74 1.68 -4.98
CA HIS A 46 3.83 2.19 -4.15
C HIS A 46 4.42 3.46 -4.76
N ASP A 47 4.73 3.41 -6.05
CA ASP A 47 5.30 4.56 -6.75
C ASP A 47 4.37 5.76 -6.67
N VAL A 48 3.08 5.53 -6.92
CA VAL A 48 2.09 6.59 -6.88
C VAL A 48 1.98 7.18 -5.47
N VAL A 49 2.12 6.33 -4.46
CA VAL A 49 2.03 6.77 -3.08
C VAL A 49 3.26 7.56 -2.67
N GLU A 50 4.44 6.94 -2.83
CA GLU A 50 5.70 7.60 -2.48
C GLU A 50 5.79 8.98 -3.12
N VAL A 51 5.24 9.10 -4.32
CA VAL A 51 5.26 10.37 -5.04
C VAL A 51 4.26 11.36 -4.43
N ALA A 52 3.09 10.85 -4.05
CA ALA A 52 2.06 11.70 -3.46
C ALA A 52 2.55 12.33 -2.16
N GLY A 53 3.43 11.63 -1.46
CA GLY A 53 3.96 12.15 -0.21
C GLY A 53 3.42 11.41 1.00
N LEU A 54 3.19 10.11 0.84
CA LEU A 54 2.67 9.28 1.92
C LEU A 54 3.55 8.06 2.15
N THR A 55 3.30 7.35 3.24
CA THR A 55 4.07 6.15 3.57
C THR A 55 3.43 4.91 2.96
N SER A 56 4.27 3.95 2.58
CA SER A 56 3.80 2.71 1.98
C SER A 56 4.46 1.50 2.62
N PHE A 57 3.66 0.49 2.95
CA PHE A 57 4.16 -0.72 3.57
C PHE A 57 3.23 -1.90 3.32
N SER A 58 3.80 -3.02 2.91
CA SER A 58 3.02 -4.22 2.63
C SER A 58 3.07 -5.19 3.80
N PHE A 59 1.91 -5.75 4.15
CA PHE A 59 1.82 -6.70 5.26
C PHE A 59 0.84 -7.82 4.93
N GLY A 60 1.33 -9.06 5.01
CA GLY A 60 0.49 -10.21 4.73
C GLY A 60 0.70 -11.35 5.70
N GLU A 61 -0.29 -12.22 5.81
CA GLU A 61 -0.21 -13.35 6.73
C GLU A 61 0.50 -14.53 6.06
N ASP A 62 0.38 -14.61 4.74
CA ASP A 62 1.00 -15.69 3.98
C ASP A 62 2.00 -15.13 2.96
N ASP A 63 3.02 -15.90 2.66
CA ASP A 63 4.04 -15.50 1.70
C ASP A 63 3.43 -15.22 0.34
N ASP A 64 2.41 -16.00 -0.02
CA ASP A 64 1.74 -15.85 -1.30
C ASP A 64 0.73 -14.70 -1.25
N CYS A 65 -0.01 -14.63 -0.15
CA CYS A 65 -1.01 -13.59 0.03
C CYS A 65 -0.45 -12.42 0.83
N ARG A 66 -0.25 -11.28 0.16
CA ARG A 66 0.29 -10.10 0.81
C ARG A 66 -0.37 -8.84 0.26
N TYR A 67 -1.05 -8.11 1.14
CA TYR A 67 -1.74 -6.89 0.74
C TYR A 67 -0.82 -5.68 0.90
N VAL A 68 -1.20 -4.57 0.29
CA VAL A 68 -0.42 -3.35 0.36
C VAL A 68 -1.12 -2.29 1.22
N MET A 69 -0.41 -1.81 2.25
CA MET A 69 -0.97 -0.81 3.15
C MET A 69 -0.23 0.52 2.98
N ILE A 70 -0.86 1.60 3.44
CA ILE A 70 -0.27 2.93 3.35
C ILE A 70 -0.54 3.74 4.61
N PHE A 71 0.45 4.52 5.04
CA PHE A 71 0.32 5.35 6.23
C PHE A 71 0.56 6.82 5.90
N LYS A 72 0.22 7.69 6.84
CA LYS A 72 0.42 9.12 6.66
C LYS A 72 1.76 9.58 7.23
N LYS A 73 2.12 10.82 6.94
CA LYS A 73 3.38 11.38 7.43
C LYS A 73 3.40 11.41 8.95
N GLU A 74 2.33 11.91 9.55
CA GLU A 74 2.23 12.00 11.00
C GLU A 74 1.87 10.65 11.60
N PHE A 75 1.00 9.91 10.91
CA PHE A 75 0.56 8.60 11.38
C PHE A 75 1.47 7.50 10.81
N ALA A 76 2.64 7.89 10.34
CA ALA A 76 3.59 6.94 9.78
C ALA A 76 4.19 6.05 10.86
N PRO A 77 4.45 4.78 10.51
CA PRO A 77 5.03 3.80 11.44
C PRO A 77 6.49 4.12 11.76
N SER A 78 6.93 3.66 12.93
CA SER A 78 8.31 3.88 13.37
C SER A 78 9.21 2.75 12.90
N ASP A 79 10.52 3.02 12.88
CA ASP A 79 11.49 2.03 12.45
C ASP A 79 11.35 0.73 13.25
N GLU A 80 11.65 0.80 14.54
CA GLU A 80 11.54 -0.36 15.41
C GLU A 80 10.18 -1.03 15.27
N GLU A 81 9.13 -0.20 15.30
CA GLU A 81 7.76 -0.72 15.18
C GLU A 81 7.58 -1.49 13.88
N LEU A 82 8.13 -0.95 12.80
CA LEU A 82 8.04 -1.57 11.49
C LEU A 82 8.58 -3.00 11.53
N ASP A 83 9.77 -3.15 12.09
CA ASP A 83 10.40 -4.46 12.19
C ASP A 83 9.51 -5.45 12.92
N SER A 84 8.99 -5.03 14.08
CA SER A 84 8.11 -5.88 14.87
C SER A 84 6.78 -6.13 14.15
N TYR A 85 6.33 -5.11 13.42
CA TYR A 85 5.07 -5.21 12.68
C TYR A 85 5.10 -6.40 11.72
N ARG A 86 6.21 -6.54 11.00
CA ARG A 86 6.36 -7.63 10.05
C ARG A 86 6.53 -8.97 10.77
N ARG A 87 7.34 -8.97 11.83
CA ARG A 87 7.57 -10.18 12.60
C ARG A 87 6.28 -10.74 13.17
N GLY A 88 5.28 -9.87 13.33
CA GLY A 88 4.00 -10.29 13.86
C GLY A 88 4.01 -10.42 15.38
N SER A 89 4.07 -9.29 16.06
CA SER A 89 4.10 -9.28 17.52
C SER A 89 3.01 -8.36 18.08
N GLY A 90 2.53 -8.69 19.28
CA GLY A 90 1.49 -7.87 19.90
C GLY A 90 0.62 -8.68 20.83
N PRO A 91 0.51 -8.22 22.09
CA PRO A 91 -0.31 -8.89 23.11
C PRO A 91 -1.79 -8.77 22.83
N SER A 92 -2.14 -7.94 21.85
CA SER A 92 -3.54 -7.73 21.49
C SER A 92 -4.01 -8.80 20.51
N SER A 93 -5.02 -9.57 20.93
CA SER A 93 -5.56 -10.63 20.10
C SER A 93 -6.16 -10.07 18.81
N GLY A 94 -7.08 -9.11 18.96
CA GLY A 94 -7.71 -8.51 17.80
C GLY A 94 -6.73 -7.73 16.95
#